data_4JMU
# 
_entry.id   4JMU 
# 
_audit_conform.dict_name       mmcif_pdbx.dic 
_audit_conform.dict_version    5.387 
_audit_conform.dict_location   http://mmcif.pdb.org/dictionaries/ascii/mmcif_pdbx.dic 
# 
loop_
_database_2.database_id 
_database_2.database_code 
_database_2.pdbx_database_accession 
_database_2.pdbx_DOI 
PDB   4JMU         pdb_00004jmu 10.2210/pdb4jmu/pdb 
RCSB  RCSB078244   ?            ?                   
WWPDB D_1000078244 ?            ?                   
# 
loop_
_pdbx_audit_revision_history.ordinal 
_pdbx_audit_revision_history.data_content_type 
_pdbx_audit_revision_history.major_revision 
_pdbx_audit_revision_history.minor_revision 
_pdbx_audit_revision_history.revision_date 
1 'Structure model' 1 0 2013-10-30 
2 'Structure model' 1 1 2014-03-26 
3 'Structure model' 1 2 2024-02-28 
# 
_pdbx_audit_revision_details.ordinal             1 
_pdbx_audit_revision_details.revision_ordinal    1 
_pdbx_audit_revision_details.data_content_type   'Structure model' 
_pdbx_audit_revision_details.provider            repository 
_pdbx_audit_revision_details.type                'Initial release' 
_pdbx_audit_revision_details.description         ? 
_pdbx_audit_revision_details.details             ? 
# 
loop_
_pdbx_audit_revision_group.ordinal 
_pdbx_audit_revision_group.revision_ordinal 
_pdbx_audit_revision_group.data_content_type 
_pdbx_audit_revision_group.group 
1 2 'Structure model' 'Database references'  
2 3 'Structure model' 'Data collection'      
3 3 'Structure model' 'Database references'  
4 3 'Structure model' 'Derived calculations' 
# 
loop_
_pdbx_audit_revision_category.ordinal 
_pdbx_audit_revision_category.revision_ordinal 
_pdbx_audit_revision_category.data_content_type 
_pdbx_audit_revision_category.category 
1 3 'Structure model' chem_comp_atom     
2 3 'Structure model' chem_comp_bond     
3 3 'Structure model' database_2         
4 3 'Structure model' struct_ref_seq_dif 
5 3 'Structure model' struct_site        
# 
loop_
_pdbx_audit_revision_item.ordinal 
_pdbx_audit_revision_item.revision_ordinal 
_pdbx_audit_revision_item.data_content_type 
_pdbx_audit_revision_item.item 
1 3 'Structure model' '_database_2.pdbx_DOI'                
2 3 'Structure model' '_database_2.pdbx_database_accession' 
3 3 'Structure model' '_struct_ref_seq_dif.details'         
4 3 'Structure model' '_struct_site.pdbx_auth_asym_id'      
5 3 'Structure model' '_struct_site.pdbx_auth_comp_id'      
6 3 'Structure model' '_struct_site.pdbx_auth_seq_id'       
# 
_pdbx_database_status.status_code                     REL 
_pdbx_database_status.entry_id                        4JMU 
_pdbx_database_status.recvd_initial_deposition_date   2013-03-14 
_pdbx_database_status.deposit_site                    RCSB 
_pdbx_database_status.process_site                    RCSB 
_pdbx_database_status.status_code_sf                  REL 
_pdbx_database_status.status_code_mr                  ? 
_pdbx_database_status.SG_entry                        ? 
_pdbx_database_status.status_code_cs                  ? 
_pdbx_database_status.methods_development_category    ? 
_pdbx_database_status.pdb_format_compatible           Y 
_pdbx_database_status.status_code_nmr_data            ? 
# 
_audit_author.name           'Lemke, C.T.' 
_audit_author.pdbx_ordinal   1 
# 
_citation.id                        primary 
_citation.title                     
'Enantiomeric Atropisomers Inhibit HCV Polymerase and/or HIV Matrix: Characterizing Hindered Bond Rotations and Target Selectivity.' 
_citation.journal_abbrev            J.Med.Chem. 
_citation.journal_volume            57 
_citation.page_first                1944 
_citation.page_last                 1951 
_citation.year                      2014 
_citation.journal_id_ASTM           JMCMAR 
_citation.country                   US 
_citation.journal_id_ISSN           0022-2623 
_citation.journal_id_CSD            0151 
_citation.book_publisher            ? 
_citation.pdbx_database_id_PubMed   24024973 
_citation.pdbx_database_id_DOI      10.1021/jm401202a 
# 
loop_
_citation_author.citation_id 
_citation_author.name 
_citation_author.ordinal 
_citation_author.identifier_ORCID 
primary 'Laplante, S.R.' 1  ? 
primary 'Forgione, P.'   2  ? 
primary 'Boucher, C.'    3  ? 
primary 'Coulombe, R.'   4  ? 
primary 'Gillard, J.'    5  ? 
primary 'Hucke, O.'      6  ? 
primary 'Jakalian, A.'   7  ? 
primary 'Joly, M.A.'     8  ? 
primary 'Kukolj, G.'     9  ? 
primary 'Lemke, C.'      10 ? 
primary 'McCollum, R.'   11 ? 
primary 'Titolo, S.'     12 ? 
primary 'Beaulieu, P.L.' 13 ? 
primary 'Stammers, T.'   14 ? 
# 
loop_
_entity.id 
_entity.type 
_entity.src_method 
_entity.pdbx_description 
_entity.formula_weight 
_entity.pdbx_number_of_molecules 
_entity.pdbx_ec 
_entity.pdbx_mutation 
_entity.pdbx_fragment 
_entity.details 
1 polymer     man 'Gag-Pol polyprotein'                                                                                           
12767.579 1  '3.4.23.16, 2.7.7.49, 2.7.7.7, 3.1.26.13, 3.1.13.2' ? 'UNP residues 1-111' ? 
2 non-polymer syn 'SULFATE ION'                                                                                                   
96.063    1  ?                                                   ? ?                    ? 
3 non-polymer syn '5-{4-[(4-methoxybenzoyl)amino]phenoxy}-2-{[(trans-4-methylcyclohexyl)carbonyl](propan-2-yl)amino}benzoic acid' 
544.638   1  ?                                                   ? ?                    ? 
4 water       nat water                                                                                                           
18.015    97 ?                                                   ? ?                    ? 
# 
_entity_name_com.entity_id   1 
_entity_name_com.name        
;Pr160Gag-Pol, Matrix protein p17, MA, Capsid protein p24, CA, Spacer peptide p2, Nucleocapsid protein p7, NC, Transframe peptide, TF, p6-pol, p6*, Protease, PR, Retropepsin, Reverse transcriptase/ribonuclease H, Exoribonuclease H, p66 RT, p51 RT, p15, Integrase, IN
;
# 
_entity_poly.entity_id                      1 
_entity_poly.type                           'polypeptide(L)' 
_entity_poly.nstd_linkage                   no 
_entity_poly.nstd_monomer                   no 
_entity_poly.pdbx_seq_one_letter_code       
;HMGARASVLSGGELDKWEKIRLRPGGKKQYKLKHIVWASRELERFAVNPGLLETSEGCRQILGQLQPSLQTGSEELRSLY
NTIAVLYCVHQRIDVKDTKEALDKIEEEQNKS
;
_entity_poly.pdbx_seq_one_letter_code_can   
;HMGARASVLSGGELDKWEKIRLRPGGKKQYKLKHIVWASRELERFAVNPGLLETSEGCRQILGQLQPSLQTGSEELRSLY
NTIAVLYCVHQRIDVKDTKEALDKIEEEQNKS
;
_entity_poly.pdbx_strand_id                 A 
_entity_poly.pdbx_target_identifier         ? 
# 
loop_
_pdbx_entity_nonpoly.entity_id 
_pdbx_entity_nonpoly.name 
_pdbx_entity_nonpoly.comp_id 
2 'SULFATE ION'                                                                                                   SO4 
3 '5-{4-[(4-methoxybenzoyl)amino]phenoxy}-2-{[(trans-4-methylcyclohexyl)carbonyl](propan-2-yl)amino}benzoic acid' 1ML 
4 water                                                                                                           HOH 
# 
loop_
_entity_poly_seq.entity_id 
_entity_poly_seq.num 
_entity_poly_seq.mon_id 
_entity_poly_seq.hetero 
1 1   HIS n 
1 2   MET n 
1 3   GLY n 
1 4   ALA n 
1 5   ARG n 
1 6   ALA n 
1 7   SER n 
1 8   VAL n 
1 9   LEU n 
1 10  SER n 
1 11  GLY n 
1 12  GLY n 
1 13  GLU n 
1 14  LEU n 
1 15  ASP n 
1 16  LYS n 
1 17  TRP n 
1 18  GLU n 
1 19  LYS n 
1 20  ILE n 
1 21  ARG n 
1 22  LEU n 
1 23  ARG n 
1 24  PRO n 
1 25  GLY n 
1 26  GLY n 
1 27  LYS n 
1 28  LYS n 
1 29  GLN n 
1 30  TYR n 
1 31  LYS n 
1 32  LEU n 
1 33  LYS n 
1 34  HIS n 
1 35  ILE n 
1 36  VAL n 
1 37  TRP n 
1 38  ALA n 
1 39  SER n 
1 40  ARG n 
1 41  GLU n 
1 42  LEU n 
1 43  GLU n 
1 44  ARG n 
1 45  PHE n 
1 46  ALA n 
1 47  VAL n 
1 48  ASN n 
1 49  PRO n 
1 50  GLY n 
1 51  LEU n 
1 52  LEU n 
1 53  GLU n 
1 54  THR n 
1 55  SER n 
1 56  GLU n 
1 57  GLY n 
1 58  CYS n 
1 59  ARG n 
1 60  GLN n 
1 61  ILE n 
1 62  LEU n 
1 63  GLY n 
1 64  GLN n 
1 65  LEU n 
1 66  GLN n 
1 67  PRO n 
1 68  SER n 
1 69  LEU n 
1 70  GLN n 
1 71  THR n 
1 72  GLY n 
1 73  SER n 
1 74  GLU n 
1 75  GLU n 
1 76  LEU n 
1 77  ARG n 
1 78  SER n 
1 79  LEU n 
1 80  TYR n 
1 81  ASN n 
1 82  THR n 
1 83  ILE n 
1 84  ALA n 
1 85  VAL n 
1 86  LEU n 
1 87  TYR n 
1 88  CYS n 
1 89  VAL n 
1 90  HIS n 
1 91  GLN n 
1 92  ARG n 
1 93  ILE n 
1 94  ASP n 
1 95  VAL n 
1 96  LYS n 
1 97  ASP n 
1 98  THR n 
1 99  LYS n 
1 100 GLU n 
1 101 ALA n 
1 102 LEU n 
1 103 ASP n 
1 104 LYS n 
1 105 ILE n 
1 106 GLU n 
1 107 GLU n 
1 108 GLU n 
1 109 GLN n 
1 110 ASN n 
1 111 LYS n 
1 112 SER n 
# 
_entity_src_gen.entity_id                          1 
_entity_src_gen.pdbx_src_id                        1 
_entity_src_gen.pdbx_alt_source_flag               sample 
_entity_src_gen.pdbx_seq_type                      ? 
_entity_src_gen.pdbx_beg_seq_num                   ? 
_entity_src_gen.pdbx_end_seq_num                   ? 
_entity_src_gen.gene_src_common_name               HIV-1 
_entity_src_gen.gene_src_genus                     ? 
_entity_src_gen.pdbx_gene_src_gene                 gag-pol 
_entity_src_gen.gene_src_species                   ? 
_entity_src_gen.gene_src_strain                    ? 
_entity_src_gen.gene_src_tissue                    ? 
_entity_src_gen.gene_src_tissue_fraction           ? 
_entity_src_gen.gene_src_details                   ? 
_entity_src_gen.pdbx_gene_src_fragment             ? 
_entity_src_gen.pdbx_gene_src_scientific_name      'Human immunodeficiency virus type 1 (NEW YORK-5 ISOLATE)' 
_entity_src_gen.pdbx_gene_src_ncbi_taxonomy_id     11698 
_entity_src_gen.pdbx_gene_src_variant              ? 
_entity_src_gen.pdbx_gene_src_cell_line            ? 
_entity_src_gen.pdbx_gene_src_atcc                 ? 
_entity_src_gen.pdbx_gene_src_organ                ? 
_entity_src_gen.pdbx_gene_src_organelle            ? 
_entity_src_gen.pdbx_gene_src_cell                 ? 
_entity_src_gen.pdbx_gene_src_cellular_location    ? 
_entity_src_gen.host_org_common_name               ? 
_entity_src_gen.pdbx_host_org_scientific_name      'Escherichia coli' 
_entity_src_gen.pdbx_host_org_ncbi_taxonomy_id     562 
_entity_src_gen.host_org_genus                     ? 
_entity_src_gen.pdbx_host_org_gene                 ? 
_entity_src_gen.pdbx_host_org_organ                ? 
_entity_src_gen.host_org_species                   ? 
_entity_src_gen.pdbx_host_org_tissue               ? 
_entity_src_gen.pdbx_host_org_tissue_fraction      ? 
_entity_src_gen.pdbx_host_org_strain               ? 
_entity_src_gen.pdbx_host_org_variant              ? 
_entity_src_gen.pdbx_host_org_cell_line            ? 
_entity_src_gen.pdbx_host_org_atcc                 ? 
_entity_src_gen.pdbx_host_org_culture_collection   ? 
_entity_src_gen.pdbx_host_org_cell                 ? 
_entity_src_gen.pdbx_host_org_organelle            ? 
_entity_src_gen.pdbx_host_org_cellular_location    ? 
_entity_src_gen.pdbx_host_org_vector_type          ? 
_entity_src_gen.pdbx_host_org_vector               ? 
_entity_src_gen.host_org_details                   ? 
_entity_src_gen.expression_system_id               ? 
_entity_src_gen.plasmid_name                       ? 
_entity_src_gen.plasmid_details                    ? 
_entity_src_gen.pdbx_description                   ? 
# 
loop_
_chem_comp.id 
_chem_comp.type 
_chem_comp.mon_nstd_flag 
_chem_comp.name 
_chem_comp.pdbx_synonyms 
_chem_comp.formula 
_chem_comp.formula_weight 
1ML non-polymer         . 
'5-{4-[(4-methoxybenzoyl)amino]phenoxy}-2-{[(trans-4-methylcyclohexyl)carbonyl](propan-2-yl)amino}benzoic acid' ? 'C32 H36 N2 O6'  
544.638 
ALA 'L-peptide linking' y ALANINE ? 'C3 H7 N O2'     89.093  
ARG 'L-peptide linking' y ARGININE ? 'C6 H15 N4 O2 1' 175.209 
ASN 'L-peptide linking' y ASPARAGINE ? 'C4 H8 N2 O3'    132.118 
ASP 'L-peptide linking' y 'ASPARTIC ACID' ? 'C4 H7 N O4'     133.103 
CYS 'L-peptide linking' y CYSTEINE ? 'C3 H7 N O2 S'   121.158 
GLN 'L-peptide linking' y GLUTAMINE ? 'C5 H10 N2 O3'   146.144 
GLU 'L-peptide linking' y 'GLUTAMIC ACID' ? 'C5 H9 N O4'     147.129 
GLY 'peptide linking'   y GLYCINE ? 'C2 H5 N O2'     75.067  
HIS 'L-peptide linking' y HISTIDINE ? 'C6 H10 N3 O2 1' 156.162 
HOH non-polymer         . WATER ? 'H2 O'           18.015  
ILE 'L-peptide linking' y ISOLEUCINE ? 'C6 H13 N O2'    131.173 
LEU 'L-peptide linking' y LEUCINE ? 'C6 H13 N O2'    131.173 
LYS 'L-peptide linking' y LYSINE ? 'C6 H15 N2 O2 1' 147.195 
MET 'L-peptide linking' y METHIONINE ? 'C5 H11 N O2 S'  149.211 
PHE 'L-peptide linking' y PHENYLALANINE ? 'C9 H11 N O2'    165.189 
PRO 'L-peptide linking' y PROLINE ? 'C5 H9 N O2'     115.130 
SER 'L-peptide linking' y SERINE ? 'C3 H7 N O3'     105.093 
SO4 non-polymer         . 'SULFATE ION' ? 'O4 S -2'        96.063  
THR 'L-peptide linking' y THREONINE ? 'C4 H9 N O3'     119.119 
TRP 'L-peptide linking' y TRYPTOPHAN ? 'C11 H12 N2 O2'  204.225 
TYR 'L-peptide linking' y TYROSINE ? 'C9 H11 N O3'    181.189 
VAL 'L-peptide linking' y VALINE ? 'C5 H11 N O2'    117.146 
# 
loop_
_pdbx_poly_seq_scheme.asym_id 
_pdbx_poly_seq_scheme.entity_id 
_pdbx_poly_seq_scheme.seq_id 
_pdbx_poly_seq_scheme.mon_id 
_pdbx_poly_seq_scheme.ndb_seq_num 
_pdbx_poly_seq_scheme.pdb_seq_num 
_pdbx_poly_seq_scheme.auth_seq_num 
_pdbx_poly_seq_scheme.pdb_mon_id 
_pdbx_poly_seq_scheme.auth_mon_id 
_pdbx_poly_seq_scheme.pdb_strand_id 
_pdbx_poly_seq_scheme.pdb_ins_code 
_pdbx_poly_seq_scheme.hetero 
A 1 1   HIS 1   0   ?   ?   ?   A . n 
A 1 2   MET 2   1   ?   ?   ?   A . n 
A 1 3   GLY 3   2   ?   ?   ?   A . n 
A 1 4   ALA 4   3   ?   ?   ?   A . n 
A 1 5   ARG 5   4   ?   ?   ?   A . n 
A 1 6   ALA 6   5   ?   ?   ?   A . n 
A 1 7   SER 7   6   6   SER SER A . n 
A 1 8   VAL 8   7   7   VAL VAL A . n 
A 1 9   LEU 9   8   8   LEU LEU A . n 
A 1 10  SER 10  9   9   SER SER A . n 
A 1 11  GLY 11  10  10  GLY GLY A . n 
A 1 12  GLY 12  11  11  GLY GLY A . n 
A 1 13  GLU 13  12  12  GLU GLU A . n 
A 1 14  LEU 14  13  13  LEU LEU A . n 
A 1 15  ASP 15  14  14  ASP ASP A . n 
A 1 16  LYS 16  15  15  LYS LYS A . n 
A 1 17  TRP 17  16  16  TRP TRP A . n 
A 1 18  GLU 18  17  17  GLU GLU A . n 
A 1 19  LYS 19  18  18  LYS LYS A . n 
A 1 20  ILE 20  19  19  ILE ILE A . n 
A 1 21  ARG 21  20  20  ARG ARG A . n 
A 1 22  LEU 22  21  21  LEU LEU A . n 
A 1 23  ARG 23  22  22  ARG ARG A . n 
A 1 24  PRO 24  23  23  PRO PRO A . n 
A 1 25  GLY 25  24  24  GLY GLY A . n 
A 1 26  GLY 26  25  25  GLY GLY A . n 
A 1 27  LYS 27  26  26  LYS LYS A . n 
A 1 28  LYS 28  27  27  LYS LYS A . n 
A 1 29  GLN 29  28  28  GLN GLN A . n 
A 1 30  TYR 30  29  29  TYR TYR A . n 
A 1 31  LYS 31  30  30  LYS LYS A . n 
A 1 32  LEU 32  31  31  LEU LEU A . n 
A 1 33  LYS 33  32  32  LYS LYS A . n 
A 1 34  HIS 34  33  33  HIS HIS A . n 
A 1 35  ILE 35  34  34  ILE ILE A . n 
A 1 36  VAL 36  35  35  VAL VAL A . n 
A 1 37  TRP 37  36  36  TRP TRP A . n 
A 1 38  ALA 38  37  37  ALA ALA A . n 
A 1 39  SER 39  38  38  SER SER A . n 
A 1 40  ARG 40  39  39  ARG ARG A . n 
A 1 41  GLU 41  40  40  GLU GLU A . n 
A 1 42  LEU 42  41  41  LEU LEU A . n 
A 1 43  GLU 43  42  42  GLU GLU A . n 
A 1 44  ARG 44  43  43  ARG ARG A . n 
A 1 45  PHE 45  44  44  PHE PHE A . n 
A 1 46  ALA 46  45  45  ALA ALA A . n 
A 1 47  VAL 47  46  46  VAL VAL A . n 
A 1 48  ASN 48  47  47  ASN ASN A . n 
A 1 49  PRO 49  48  48  PRO PRO A . n 
A 1 50  GLY 50  49  49  GLY GLY A . n 
A 1 51  LEU 51  50  50  LEU LEU A . n 
A 1 52  LEU 52  51  51  LEU LEU A . n 
A 1 53  GLU 53  52  52  GLU GLU A . n 
A 1 54  THR 54  53  53  THR THR A . n 
A 1 55  SER 55  54  54  SER SER A . n 
A 1 56  GLU 56  55  55  GLU GLU A . n 
A 1 57  GLY 57  56  56  GLY GLY A . n 
A 1 58  CYS 58  57  57  CYS CYS A . n 
A 1 59  ARG 59  58  58  ARG ARG A . n 
A 1 60  GLN 60  59  59  GLN GLN A . n 
A 1 61  ILE 61  60  60  ILE ILE A . n 
A 1 62  LEU 62  61  61  LEU LEU A . n 
A 1 63  GLY 63  62  62  GLY GLY A . n 
A 1 64  GLN 64  63  63  GLN GLN A . n 
A 1 65  LEU 65  64  64  LEU LEU A . n 
A 1 66  GLN 66  65  65  GLN GLN A . n 
A 1 67  PRO 67  66  66  PRO PRO A . n 
A 1 68  SER 68  67  67  SER SER A . n 
A 1 69  LEU 69  68  68  LEU LEU A . n 
A 1 70  GLN 70  69  69  GLN GLN A . n 
A 1 71  THR 71  70  70  THR THR A . n 
A 1 72  GLY 72  71  71  GLY GLY A . n 
A 1 73  SER 73  72  72  SER SER A . n 
A 1 74  GLU 74  73  73  GLU GLU A . n 
A 1 75  GLU 75  74  74  GLU GLU A . n 
A 1 76  LEU 76  75  75  LEU LEU A . n 
A 1 77  ARG 77  76  76  ARG ARG A . n 
A 1 78  SER 78  77  77  SER SER A . n 
A 1 79  LEU 79  78  78  LEU LEU A . n 
A 1 80  TYR 80  79  79  TYR TYR A . n 
A 1 81  ASN 81  80  80  ASN ASN A . n 
A 1 82  THR 82  81  81  THR THR A . n 
A 1 83  ILE 83  82  82  ILE ILE A . n 
A 1 84  ALA 84  83  83  ALA ALA A . n 
A 1 85  VAL 85  84  84  VAL VAL A . n 
A 1 86  LEU 86  85  85  LEU LEU A . n 
A 1 87  TYR 87  86  86  TYR TYR A . n 
A 1 88  CYS 88  87  87  CYS CYS A . n 
A 1 89  VAL 89  88  88  VAL VAL A . n 
A 1 90  HIS 90  89  89  HIS HIS A . n 
A 1 91  GLN 91  90  90  GLN GLN A . n 
A 1 92  ARG 92  91  91  ARG ARG A . n 
A 1 93  ILE 93  92  92  ILE ILE A . n 
A 1 94  ASP 94  93  93  ASP ASP A . n 
A 1 95  VAL 95  94  94  VAL VAL A . n 
A 1 96  LYS 96  95  95  LYS LYS A . n 
A 1 97  ASP 97  96  96  ASP ASP A . n 
A 1 98  THR 98  97  97  THR THR A . n 
A 1 99  LYS 99  98  98  LYS LYS A . n 
A 1 100 GLU 100 99  99  GLU GLU A . n 
A 1 101 ALA 101 100 100 ALA ALA A . n 
A 1 102 LEU 102 101 101 LEU LEU A . n 
A 1 103 ASP 103 102 102 ASP ASP A . n 
A 1 104 LYS 104 103 103 LYS LYS A . n 
A 1 105 ILE 105 104 104 ILE ILE A . n 
A 1 106 GLU 106 105 105 GLU GLU A . n 
A 1 107 GLU 107 106 106 GLU GLU A . n 
A 1 108 GLU 108 107 107 GLU GLU A . n 
A 1 109 GLN 109 108 108 GLN GLN A . n 
A 1 110 ASN 110 109 109 ASN ASN A . n 
A 1 111 LYS 111 110 110 LYS ALA A . n 
A 1 112 SER 112 111 ?   ?   ?   A . n 
# 
loop_
_pdbx_nonpoly_scheme.asym_id 
_pdbx_nonpoly_scheme.entity_id 
_pdbx_nonpoly_scheme.mon_id 
_pdbx_nonpoly_scheme.ndb_seq_num 
_pdbx_nonpoly_scheme.pdb_seq_num 
_pdbx_nonpoly_scheme.auth_seq_num 
_pdbx_nonpoly_scheme.pdb_mon_id 
_pdbx_nonpoly_scheme.auth_mon_id 
_pdbx_nonpoly_scheme.pdb_strand_id 
_pdbx_nonpoly_scheme.pdb_ins_code 
B 2 SO4 1  201 1   SO4 SO4 A . 
C 3 1ML 1  202 1   1ML INH A . 
D 4 HOH 1  301 1   HOH HOH A . 
D 4 HOH 2  302 2   HOH HOH A . 
D 4 HOH 3  303 3   HOH HOH A . 
D 4 HOH 4  304 4   HOH HOH A . 
D 4 HOH 5  305 5   HOH HOH A . 
D 4 HOH 6  306 6   HOH HOH A . 
D 4 HOH 7  307 7   HOH HOH A . 
D 4 HOH 8  308 8   HOH HOH A . 
D 4 HOH 9  309 9   HOH HOH A . 
D 4 HOH 10 310 10  HOH HOH A . 
D 4 HOH 11 311 11  HOH HOH A . 
D 4 HOH 12 312 12  HOH HOH A . 
D 4 HOH 13 313 13  HOH HOH A . 
D 4 HOH 14 314 14  HOH HOH A . 
D 4 HOH 15 315 15  HOH HOH A . 
D 4 HOH 16 316 16  HOH HOH A . 
D 4 HOH 17 317 18  HOH HOH A . 
D 4 HOH 18 318 19  HOH HOH A . 
D 4 HOH 19 319 20  HOH HOH A . 
D 4 HOH 20 320 21  HOH HOH A . 
D 4 HOH 21 321 22  HOH HOH A . 
D 4 HOH 22 322 23  HOH HOH A . 
D 4 HOH 23 323 24  HOH HOH A . 
D 4 HOH 24 324 25  HOH HOH A . 
D 4 HOH 25 325 26  HOH HOH A . 
D 4 HOH 26 326 27  HOH HOH A . 
D 4 HOH 27 327 28  HOH HOH A . 
D 4 HOH 28 328 29  HOH HOH A . 
D 4 HOH 29 329 30  HOH HOH A . 
D 4 HOH 30 330 31  HOH HOH A . 
D 4 HOH 31 331 32  HOH HOH A . 
D 4 HOH 32 332 33  HOH HOH A . 
D 4 HOH 33 333 34  HOH HOH A . 
D 4 HOH 34 334 35  HOH HOH A . 
D 4 HOH 35 335 36  HOH HOH A . 
D 4 HOH 36 336 37  HOH HOH A . 
D 4 HOH 37 337 38  HOH HOH A . 
D 4 HOH 38 338 39  HOH HOH A . 
D 4 HOH 39 339 40  HOH HOH A . 
D 4 HOH 40 340 41  HOH HOH A . 
D 4 HOH 41 341 42  HOH HOH A . 
D 4 HOH 42 342 43  HOH HOH A . 
D 4 HOH 43 343 44  HOH HOH A . 
D 4 HOH 44 344 45  HOH HOH A . 
D 4 HOH 45 345 46  HOH HOH A . 
D 4 HOH 46 346 47  HOH HOH A . 
D 4 HOH 47 347 48  HOH HOH A . 
D 4 HOH 48 348 49  HOH HOH A . 
D 4 HOH 49 349 50  HOH HOH A . 
D 4 HOH 50 350 51  HOH HOH A . 
D 4 HOH 51 351 52  HOH HOH A . 
D 4 HOH 52 352 53  HOH HOH A . 
D 4 HOH 53 353 54  HOH HOH A . 
D 4 HOH 54 354 55  HOH HOH A . 
D 4 HOH 55 355 56  HOH HOH A . 
D 4 HOH 56 356 58  HOH HOH A . 
D 4 HOH 57 357 59  HOH HOH A . 
D 4 HOH 58 358 60  HOH HOH A . 
D 4 HOH 59 359 61  HOH HOH A . 
D 4 HOH 60 360 62  HOH HOH A . 
D 4 HOH 61 361 63  HOH HOH A . 
D 4 HOH 62 362 64  HOH HOH A . 
D 4 HOH 63 363 65  HOH HOH A . 
D 4 HOH 64 364 67  HOH HOH A . 
D 4 HOH 65 365 69  HOH HOH A . 
D 4 HOH 66 366 71  HOH HOH A . 
D 4 HOH 67 367 73  HOH HOH A . 
D 4 HOH 68 368 74  HOH HOH A . 
D 4 HOH 69 369 75  HOH HOH A . 
D 4 HOH 70 370 76  HOH HOH A . 
D 4 HOH 71 371 77  HOH HOH A . 
D 4 HOH 72 372 78  HOH HOH A . 
D 4 HOH 73 373 79  HOH HOH A . 
D 4 HOH 74 374 80  HOH HOH A . 
D 4 HOH 75 375 81  HOH HOH A . 
D 4 HOH 76 376 82  HOH HOH A . 
D 4 HOH 77 377 83  HOH HOH A . 
D 4 HOH 78 378 84  HOH HOH A . 
D 4 HOH 79 379 85  HOH HOH A . 
D 4 HOH 80 380 86  HOH HOH A . 
D 4 HOH 81 381 87  HOH HOH A . 
D 4 HOH 82 382 88  HOH HOH A . 
D 4 HOH 83 383 89  HOH HOH A . 
D 4 HOH 84 384 90  HOH HOH A . 
D 4 HOH 85 385 91  HOH HOH A . 
D 4 HOH 86 386 92  HOH HOH A . 
D 4 HOH 87 387 93  HOH HOH A . 
D 4 HOH 88 388 94  HOH HOH A . 
D 4 HOH 89 389 95  HOH HOH A . 
D 4 HOH 90 390 96  HOH HOH A . 
D 4 HOH 91 391 97  HOH HOH A . 
D 4 HOH 92 392 98  HOH HOH A . 
D 4 HOH 93 393 99  HOH HOH A . 
D 4 HOH 94 394 100 HOH HOH A . 
D 4 HOH 95 395 101 HOH HOH A . 
D 4 HOH 96 396 102 HOH HOH A . 
D 4 HOH 97 397 103 HOH HOH A . 
# 
loop_
_pdbx_unobs_or_zero_occ_atoms.id 
_pdbx_unobs_or_zero_occ_atoms.PDB_model_num 
_pdbx_unobs_or_zero_occ_atoms.polymer_flag 
_pdbx_unobs_or_zero_occ_atoms.occupancy_flag 
_pdbx_unobs_or_zero_occ_atoms.auth_asym_id 
_pdbx_unobs_or_zero_occ_atoms.auth_comp_id 
_pdbx_unobs_or_zero_occ_atoms.auth_seq_id 
_pdbx_unobs_or_zero_occ_atoms.PDB_ins_code 
_pdbx_unobs_or_zero_occ_atoms.auth_atom_id 
_pdbx_unobs_or_zero_occ_atoms.label_alt_id 
_pdbx_unobs_or_zero_occ_atoms.label_asym_id 
_pdbx_unobs_or_zero_occ_atoms.label_comp_id 
_pdbx_unobs_or_zero_occ_atoms.label_seq_id 
_pdbx_unobs_or_zero_occ_atoms.label_atom_id 
1 1 Y 1 A LYS 110 ? CG ? A LYS 111 CG 
2 1 Y 1 A LYS 110 ? CD ? A LYS 111 CD 
3 1 Y 1 A LYS 110 ? CE ? A LYS 111 CE 
4 1 Y 1 A LYS 110 ? NZ ? A LYS 111 NZ 
# 
loop_
_software.name 
_software.classification 
_software.version 
_software.citation_id 
_software.pdbx_ordinal 
MAR345dtb 'data collection' . ? 1 
CNS       refinement        . ? 2 
HKL-2000  'data reduction'  . ? 3 
HKL-2000  'data scaling'    . ? 4 
CNS       phasing           . ? 5 
# 
_cell.entry_id           4JMU 
_cell.length_a           101.550 
_cell.length_b           101.550 
_cell.length_c           67.436 
_cell.angle_alpha        90.00 
_cell.angle_beta         90.00 
_cell.angle_gamma        120.00 
_cell.Z_PDB              18 
_cell.pdbx_unique_axis   ? 
_cell.length_a_esd       ? 
_cell.length_b_esd       ? 
_cell.length_c_esd       ? 
_cell.angle_alpha_esd    ? 
_cell.angle_beta_esd     ? 
_cell.angle_gamma_esd    ? 
# 
_symmetry.entry_id                         4JMU 
_symmetry.space_group_name_H-M             'H 3 2' 
_symmetry.pdbx_full_space_group_name_H-M   ? 
_symmetry.cell_setting                     ? 
_symmetry.Int_Tables_number                155 
_symmetry.space_group_name_Hall            ? 
# 
_exptl.entry_id          4JMU 
_exptl.method            'X-RAY DIFFRACTION' 
_exptl.crystals_number   1 
# 
_exptl_crystal.id                    1 
_exptl_crystal.density_meas          ? 
_exptl_crystal.density_Matthews      2.62 
_exptl_crystal.density_percent_sol   53.06 
_exptl_crystal.description           ? 
_exptl_crystal.F_000                 ? 
_exptl_crystal.preparation           ? 
# 
_exptl_crystal_grow.crystal_id      1 
_exptl_crystal_grow.method          'VAPOR DIFFUSION, HANGING DROP' 
_exptl_crystal_grow.temp            291 
_exptl_crystal_grow.temp_details    ? 
_exptl_crystal_grow.pH              4.5 
_exptl_crystal_grow.pdbx_details    
'22.5% PEG2000MME, 100mM NaOAc pH4.5, 100mM Ammonium sulfate, 7.5% DMSO , VAPOR DIFFUSION, HANGING DROP, temperature 291K' 
_exptl_crystal_grow.pdbx_pH_range   ? 
# 
_diffrn.id                     1 
_diffrn.ambient_temp           100 
_diffrn.ambient_temp_details   ? 
_diffrn.crystal_id             1 
# 
_diffrn_detector.diffrn_id              1 
_diffrn_detector.detector               'IMAGE PLATE' 
_diffrn_detector.type                   'MAR scanner 345 mm plate' 
_diffrn_detector.pdbx_collection_date   ? 
_diffrn_detector.details                'Osmic HiRes2' 
# 
_diffrn_radiation.diffrn_id                        1 
_diffrn_radiation.wavelength_id                    1 
_diffrn_radiation.pdbx_monochromatic_or_laue_m_l   M 
_diffrn_radiation.monochromator                    ? 
_diffrn_radiation.pdbx_diffrn_protocol             'SINGLE WAVELENGTH' 
_diffrn_radiation.pdbx_scattering_type             x-ray 
# 
_diffrn_radiation_wavelength.id           1 
_diffrn_radiation_wavelength.wavelength   1.5418 
_diffrn_radiation_wavelength.wt           1.0 
# 
_diffrn_source.diffrn_id                   1 
_diffrn_source.source                      'ROTATING ANODE' 
_diffrn_source.type                        'RIGAKU FR-E SUPERBRIGHT' 
_diffrn_source.pdbx_synchrotron_site       ? 
_diffrn_source.pdbx_synchrotron_beamline   ? 
_diffrn_source.pdbx_wavelength             ? 
_diffrn_source.pdbx_wavelength_list        1.5418 
# 
_reflns.entry_id                     4JMU 
_reflns.observed_criterion_sigma_I   0 
_reflns.observed_criterion_sigma_F   0 
_reflns.d_resolution_low             40.0 
_reflns.d_resolution_high            2.0 
_reflns.number_obs                   ? 
_reflns.number_all                   8918 
_reflns.percent_possible_obs         97.5 
_reflns.pdbx_Rmerge_I_obs            0.029 
_reflns.pdbx_Rsym_value              ? 
_reflns.pdbx_netI_over_sigmaI        39.8 
_reflns.B_iso_Wilson_estimate        ? 
_reflns.pdbx_redundancy              7.2 
_reflns.R_free_details               ? 
_reflns.limit_h_max                  ? 
_reflns.limit_h_min                  ? 
_reflns.limit_k_max                  ? 
_reflns.limit_k_min                  ? 
_reflns.limit_l_max                  ? 
_reflns.limit_l_min                  ? 
_reflns.observed_criterion_F_max     ? 
_reflns.observed_criterion_F_min     ? 
_reflns.pdbx_chi_squared             ? 
_reflns.pdbx_scaling_rejects         ? 
_reflns.pdbx_ordinal                 1 
_reflns.pdbx_diffrn_id               1 
# 
_reflns_shell.d_res_high             2.0 
_reflns_shell.d_res_low              2.07 
_reflns_shell.percent_possible_all   77.5 
_reflns_shell.Rmerge_I_obs           .17 
_reflns_shell.pdbx_Rsym_value        ? 
_reflns_shell.meanI_over_sigI_obs    ? 
_reflns_shell.pdbx_redundancy        3 
_reflns_shell.percent_possible_obs   ? 
_reflns_shell.number_unique_all      692 
_reflns_shell.number_measured_all    ? 
_reflns_shell.number_measured_obs    ? 
_reflns_shell.number_unique_obs      ? 
_reflns_shell.pdbx_chi_squared       ? 
_reflns_shell.pdbx_ordinal           1 
_reflns_shell.pdbx_diffrn_id         1 
# 
_refine.entry_id                                 4JMU 
_refine.ls_number_reflns_obs                     8749 
_refine.ls_number_reflns_all                     ? 
_refine.pdbx_ls_sigma_I                          ? 
_refine.pdbx_ls_sigma_F                          0 
_refine.pdbx_data_cutoff_high_absF               ? 
_refine.pdbx_data_cutoff_low_absF                ? 
_refine.pdbx_data_cutoff_high_rms_absF           ? 
_refine.ls_d_res_low                             40 
_refine.ls_d_res_high                            2.0 
_refine.ls_percent_reflns_obs                    95.5 
_refine.ls_R_factor_obs                          ? 
_refine.ls_R_factor_all                          ? 
_refine.ls_R_factor_R_work                       0.1996 
_refine.ls_R_factor_R_free                       0.2572 
_refine.ls_R_factor_R_free_error                 ? 
_refine.ls_R_factor_R_free_error_details         ? 
_refine.ls_percent_reflns_R_free                 ? 
_refine.ls_number_reflns_R_free                  481 
_refine.ls_number_parameters                     ? 
_refine.ls_number_restraints                     ? 
_refine.occupancy_min                            ? 
_refine.occupancy_max                            ? 
_refine.correlation_coeff_Fo_to_Fc               ? 
_refine.correlation_coeff_Fo_to_Fc_free          ? 
_refine.B_iso_mean                               ? 
_refine.aniso_B[1][1]                            ? 
_refine.aniso_B[2][2]                            ? 
_refine.aniso_B[3][3]                            ? 
_refine.aniso_B[1][2]                            ? 
_refine.aniso_B[1][3]                            ? 
_refine.aniso_B[2][3]                            ? 
_refine.solvent_model_details                    ? 
_refine.solvent_model_param_ksol                 ? 
_refine.solvent_model_param_bsol                 ? 
_refine.pdbx_solvent_vdw_probe_radii             ? 
_refine.pdbx_solvent_ion_probe_radii             ? 
_refine.pdbx_solvent_shrinkage_radii             ? 
_refine.pdbx_ls_cross_valid_method               ? 
_refine.details                                  ? 
_refine.pdbx_starting_model                      ? 
_refine.pdbx_method_to_determine_struct          'MOLECULAR REPLACEMENT' 
_refine.pdbx_isotropic_thermal_model             ? 
_refine.pdbx_stereochemistry_target_values       'Engh & Huber' 
_refine.pdbx_stereochem_target_val_spec_case     ? 
_refine.pdbx_R_Free_selection_details            Random 
_refine.pdbx_overall_ESU_R                       ? 
_refine.pdbx_overall_ESU_R_Free                  ? 
_refine.overall_SU_ML                            ? 
_refine.pdbx_overall_phase_error                 ? 
_refine.overall_SU_B                             ? 
_refine.overall_SU_R_Cruickshank_DPI             ? 
_refine.ls_redundancy_reflns_obs                 ? 
_refine.B_iso_min                                ? 
_refine.B_iso_max                                ? 
_refine.overall_SU_R_free                        ? 
_refine.ls_wR_factor_R_free                      ? 
_refine.ls_wR_factor_R_work                      ? 
_refine.overall_FOM_free_R_set                   ? 
_refine.overall_FOM_work_R_set                   ? 
_refine.pdbx_diffrn_id                           1 
_refine.pdbx_refine_id                           'X-RAY DIFFRACTION' 
_refine.pdbx_TLS_residual_ADP_flag               ? 
_refine.pdbx_overall_SU_R_free_Cruickshank_DPI   ? 
_refine.pdbx_overall_SU_R_Blow_DPI               ? 
_refine.pdbx_overall_SU_R_free_Blow_DPI          ? 
# 
_refine_hist.pdbx_refine_id                   'X-RAY DIFFRACTION' 
_refine_hist.cycle_id                         LAST 
_refine_hist.pdbx_number_atoms_protein        842 
_refine_hist.pdbx_number_atoms_nucleic_acid   0 
_refine_hist.pdbx_number_atoms_ligand         45 
_refine_hist.number_atoms_solvent             97 
_refine_hist.number_atoms_total               984 
_refine_hist.d_res_high                       2.0 
_refine_hist.d_res_low                        40 
# 
_struct.entry_id                  4JMU 
_struct.title                     'Crystal structure of HIV matrix residues 1-111 in complex with inhibitor' 
_struct.pdbx_model_details        ? 
_struct.pdbx_CASP_flag            ? 
_struct.pdbx_model_type_details   ? 
# 
_struct_keywords.entry_id        4JMU 
_struct_keywords.pdbx_keywords   'HYDROLASE/HYDROLASE INHIBITOR' 
_struct_keywords.text            'Structural protein matrix, HYDROLASE-HYDROLASE INHIBITOR complex' 
# 
loop_
_struct_asym.id 
_struct_asym.pdbx_blank_PDB_chainid_flag 
_struct_asym.pdbx_modified 
_struct_asym.entity_id 
_struct_asym.details 
A N N 1 ? 
B N N 2 ? 
C N N 3 ? 
D N N 4 ? 
# 
_struct_ref.id                         1 
_struct_ref.db_name                    UNP 
_struct_ref.db_code                    POL_HV1N5 
_struct_ref.pdbx_db_accession          P12497 
_struct_ref.entity_id                  1 
_struct_ref.pdbx_seq_one_letter_code   
;MGARASVLSGGELDKWEKIRLRPGGKKQYKLKHIVWASRELERFAVNPGLLETSEGCRQILGQLQPSLQTGSEELRSLYN
TIAVLYCVHQRIDVKDTKEALDKIEEEQNKS
;
_struct_ref.pdbx_align_begin           1 
_struct_ref.pdbx_db_isoform            ? 
# 
_struct_ref_seq.align_id                      1 
_struct_ref_seq.ref_id                        1 
_struct_ref_seq.pdbx_PDB_id_code              4JMU 
_struct_ref_seq.pdbx_strand_id                A 
_struct_ref_seq.seq_align_beg                 2 
_struct_ref_seq.pdbx_seq_align_beg_ins_code   ? 
_struct_ref_seq.seq_align_end                 112 
_struct_ref_seq.pdbx_seq_align_end_ins_code   ? 
_struct_ref_seq.pdbx_db_accession             P12497 
_struct_ref_seq.db_align_beg                  1 
_struct_ref_seq.pdbx_db_align_beg_ins_code    ? 
_struct_ref_seq.db_align_end                  111 
_struct_ref_seq.pdbx_db_align_end_ins_code    ? 
_struct_ref_seq.pdbx_auth_seq_align_beg       1 
_struct_ref_seq.pdbx_auth_seq_align_end       111 
# 
_struct_ref_seq_dif.align_id                     1 
_struct_ref_seq_dif.pdbx_pdb_id_code             4JMU 
_struct_ref_seq_dif.mon_id                       HIS 
_struct_ref_seq_dif.pdbx_pdb_strand_id           A 
_struct_ref_seq_dif.seq_num                      1 
_struct_ref_seq_dif.pdbx_pdb_ins_code            ? 
_struct_ref_seq_dif.pdbx_seq_db_name             UNP 
_struct_ref_seq_dif.pdbx_seq_db_accession_code   P12497 
_struct_ref_seq_dif.db_mon_id                    ? 
_struct_ref_seq_dif.pdbx_seq_db_seq_num          ? 
_struct_ref_seq_dif.details                      'expression tag' 
_struct_ref_seq_dif.pdbx_auth_seq_num            0 
_struct_ref_seq_dif.pdbx_ordinal                 1 
# 
_pdbx_struct_assembly.id                   1 
_pdbx_struct_assembly.details              author_and_software_defined_assembly 
_pdbx_struct_assembly.method_details       PISA 
_pdbx_struct_assembly.oligomeric_details   monomeric 
_pdbx_struct_assembly.oligomeric_count     1 
# 
_pdbx_struct_assembly_gen.assembly_id       1 
_pdbx_struct_assembly_gen.oper_expression   1 
_pdbx_struct_assembly_gen.asym_id_list      A,B,C,D 
# 
_pdbx_struct_oper_list.id                   1 
_pdbx_struct_oper_list.type                 'identity operation' 
_pdbx_struct_oper_list.name                 1_555 
_pdbx_struct_oper_list.symmetry_operation   x,y,z 
_pdbx_struct_oper_list.matrix[1][1]         1.0000000000 
_pdbx_struct_oper_list.matrix[1][2]         0.0000000000 
_pdbx_struct_oper_list.matrix[1][3]         0.0000000000 
_pdbx_struct_oper_list.vector[1]            0.0000000000 
_pdbx_struct_oper_list.matrix[2][1]         0.0000000000 
_pdbx_struct_oper_list.matrix[2][2]         1.0000000000 
_pdbx_struct_oper_list.matrix[2][3]         0.0000000000 
_pdbx_struct_oper_list.vector[2]            0.0000000000 
_pdbx_struct_oper_list.matrix[3][1]         0.0000000000 
_pdbx_struct_oper_list.matrix[3][2]         0.0000000000 
_pdbx_struct_oper_list.matrix[3][3]         1.0000000000 
_pdbx_struct_oper_list.vector[3]            0.0000000000 
# 
_struct_biol.id        1 
_struct_biol.details   ? 
# 
loop_
_struct_conf.conf_type_id 
_struct_conf.id 
_struct_conf.pdbx_PDB_helix_id 
_struct_conf.beg_label_comp_id 
_struct_conf.beg_label_asym_id 
_struct_conf.beg_label_seq_id 
_struct_conf.pdbx_beg_PDB_ins_code 
_struct_conf.end_label_comp_id 
_struct_conf.end_label_asym_id 
_struct_conf.end_label_seq_id 
_struct_conf.pdbx_end_PDB_ins_code 
_struct_conf.beg_auth_comp_id 
_struct_conf.beg_auth_asym_id 
_struct_conf.beg_auth_seq_id 
_struct_conf.end_auth_comp_id 
_struct_conf.end_auth_asym_id 
_struct_conf.end_auth_seq_id 
_struct_conf.pdbx_PDB_helix_class 
_struct_conf.details 
_struct_conf.pdbx_PDB_helix_length 
HELX_P HELX_P1 1 SER A 10 ? ILE A 20  ? SER A 9  ILE A 19  1 ? 11 
HELX_P HELX_P2 2 LYS A 31 ? PHE A 45  ? LYS A 30 PHE A 44  1 ? 15 
HELX_P HELX_P3 3 ASN A 48 ? GLU A 53  ? ASN A 47 GLU A 52  5 ? 6  
HELX_P HELX_P4 4 THR A 54 ? GLN A 66  ? THR A 53 GLN A 65  1 ? 13 
HELX_P HELX_P5 5 PRO A 67 ? LEU A 69  ? PRO A 66 LEU A 68  5 ? 3  
HELX_P HELX_P6 6 SER A 73 ? ARG A 92  ? SER A 72 ARG A 91  1 ? 20 
HELX_P HELX_P7 7 ASP A 97 ? ASN A 110 ? ASP A 96 ASN A 109 1 ? 14 
# 
_struct_conf_type.id          HELX_P 
_struct_conf_type.criteria    ? 
_struct_conf_type.reference   ? 
# 
loop_
_struct_site.id 
_struct_site.pdbx_evidence_code 
_struct_site.pdbx_auth_asym_id 
_struct_site.pdbx_auth_comp_id 
_struct_site.pdbx_auth_seq_id 
_struct_site.pdbx_auth_ins_code 
_struct_site.pdbx_num_residues 
_struct_site.details 
AC1 Software A SO4 201 ? 4  'BINDING SITE FOR RESIDUE SO4 A 201' 
AC2 Software A 1ML 202 ? 16 'BINDING SITE FOR RESIDUE 1ML A 202' 
# 
loop_
_struct_site_gen.id 
_struct_site_gen.site_id 
_struct_site_gen.pdbx_num_res 
_struct_site_gen.label_comp_id 
_struct_site_gen.label_asym_id 
_struct_site_gen.label_seq_id 
_struct_site_gen.pdbx_auth_ins_code 
_struct_site_gen.auth_comp_id 
_struct_site_gen.auth_asym_id 
_struct_site_gen.auth_seq_id 
_struct_site_gen.label_atom_id 
_struct_site_gen.label_alt_id 
_struct_site_gen.symmetry 
_struct_site_gen.details 
1  AC1 4  ARG A 23  ? ARG A 22  . ? 1_555 ? 
2  AC1 4  LYS A 27  ? LYS A 26  . ? 1_555 ? 
3  AC1 4  LYS A 28  ? LYS A 27  . ? 1_555 ? 
4  AC1 4  HOH D .   ? HOH A 302 . ? 1_555 ? 
5  AC2 16 LEU A 22  ? LEU A 21  . ? 1_555 ? 
6  AC2 16 ARG A 23  ? ARG A 22  . ? 1_555 ? 
7  AC2 16 PRO A 24  ? PRO A 23  . ? 1_555 ? 
8  AC2 16 TYR A 30  ? TYR A 29  . ? 1_555 ? 
9  AC2 16 LYS A 33  ? LYS A 32  . ? 1_555 ? 
10 AC2 16 HIS A 34  ? HIS A 33  . ? 1_555 ? 
11 AC2 16 TRP A 37  ? TRP A 36  . ? 1_555 ? 
12 AC2 16 GLU A 74  ? GLU A 73  . ? 1_555 ? 
13 AC2 16 GLU A 75  ? GLU A 74  . ? 1_555 ? 
14 AC2 16 SER A 78  ? SER A 77  . ? 1_555 ? 
15 AC2 16 ASN A 81  ? ASN A 80  . ? 1_555 ? 
16 AC2 16 THR A 82  ? THR A 81  . ? 1_555 ? 
17 AC2 16 THR A 98  ? THR A 97  . ? 1_555 ? 
18 AC2 16 LYS A 111 ? LYS A 110 . ? 5_556 ? 
19 AC2 16 HOH D .   ? HOH A 334 . ? 5_556 ? 
20 AC2 16 HOH D .   ? HOH A 377 . ? 1_555 ? 
# 
_pdbx_validate_rmsd_bond.id                        1 
_pdbx_validate_rmsd_bond.PDB_model_num             1 
_pdbx_validate_rmsd_bond.auth_atom_id_1            CG 
_pdbx_validate_rmsd_bond.auth_asym_id_1            A 
_pdbx_validate_rmsd_bond.auth_comp_id_1            GLU 
_pdbx_validate_rmsd_bond.auth_seq_id_1             55 
_pdbx_validate_rmsd_bond.PDB_ins_code_1            ? 
_pdbx_validate_rmsd_bond.label_alt_id_1            ? 
_pdbx_validate_rmsd_bond.auth_atom_id_2            CD 
_pdbx_validate_rmsd_bond.auth_asym_id_2            A 
_pdbx_validate_rmsd_bond.auth_comp_id_2            GLU 
_pdbx_validate_rmsd_bond.auth_seq_id_2             55 
_pdbx_validate_rmsd_bond.PDB_ins_code_2            ? 
_pdbx_validate_rmsd_bond.label_alt_id_2            ? 
_pdbx_validate_rmsd_bond.bond_value                1.627 
_pdbx_validate_rmsd_bond.bond_target_value         1.515 
_pdbx_validate_rmsd_bond.bond_deviation            0.112 
_pdbx_validate_rmsd_bond.bond_standard_deviation   0.015 
_pdbx_validate_rmsd_bond.linker_flag               N 
# 
_pdbx_validate_torsion.id              1 
_pdbx_validate_torsion.PDB_model_num   1 
_pdbx_validate_torsion.auth_comp_id    ASN 
_pdbx_validate_torsion.auth_asym_id    A 
_pdbx_validate_torsion.auth_seq_id     109 
_pdbx_validate_torsion.PDB_ins_code    ? 
_pdbx_validate_torsion.label_alt_id    ? 
_pdbx_validate_torsion.phi             -59.59 
_pdbx_validate_torsion.psi             22.15 
# 
loop_
_pdbx_unobs_or_zero_occ_residues.id 
_pdbx_unobs_or_zero_occ_residues.PDB_model_num 
_pdbx_unobs_or_zero_occ_residues.polymer_flag 
_pdbx_unobs_or_zero_occ_residues.occupancy_flag 
_pdbx_unobs_or_zero_occ_residues.auth_asym_id 
_pdbx_unobs_or_zero_occ_residues.auth_comp_id 
_pdbx_unobs_or_zero_occ_residues.auth_seq_id 
_pdbx_unobs_or_zero_occ_residues.PDB_ins_code 
_pdbx_unobs_or_zero_occ_residues.label_asym_id 
_pdbx_unobs_or_zero_occ_residues.label_comp_id 
_pdbx_unobs_or_zero_occ_residues.label_seq_id 
1 1 Y 1 A HIS 0   ? A HIS 1   
2 1 Y 1 A MET 1   ? A MET 2   
3 1 Y 1 A GLY 2   ? A GLY 3   
4 1 Y 1 A ALA 3   ? A ALA 4   
5 1 Y 1 A ARG 4   ? A ARG 5   
6 1 Y 1 A ALA 5   ? A ALA 6   
7 1 Y 1 A SER 111 ? A SER 112 
# 
loop_
_chem_comp_atom.comp_id 
_chem_comp_atom.atom_id 
_chem_comp_atom.type_symbol 
_chem_comp_atom.pdbx_aromatic_flag 
_chem_comp_atom.pdbx_stereo_config 
_chem_comp_atom.pdbx_ordinal 
1ML C01  C Y N 1   
1ML C02  C Y N 2   
1ML C03  C Y N 3   
1ML C04  C Y N 4   
1ML C05  C Y N 5   
1ML C06  C Y N 6   
1ML O07  O N N 7   
1ML C08  C Y N 8   
1ML C09  C Y N 9   
1ML C10  C Y N 10  
1ML C11  C Y N 11  
1ML C12  C Y N 12  
1ML C13  C Y N 13  
1ML C14  C N N 14  
1ML O15  O N N 15  
1ML O16  O N N 16  
1ML N17  N N N 17  
1ML C18  C N N 18  
1ML C19  C N N 19  
1ML C20  C N N 20  
1ML C21  C N N 21  
1ML C23  C N N 22  
1ML O22  O N N 23  
1ML C24  C N N 24  
1ML C25  C N N 25  
1ML C26  C N N 26  
1ML C27  C N N 27  
1ML C28  C N N 28  
1ML C29  C N N 29  
1ML N30  N N N 30  
1ML C31  C N N 31  
1ML O32  O N N 32  
1ML C33  C Y N 33  
1ML C34  C Y N 34  
1ML C35  C Y N 35  
1ML C36  C Y N 36  
1ML C37  C Y N 37  
1ML C38  C Y N 38  
1ML O39  O N N 39  
1ML C40  C N N 40  
1ML H1   H N N 41  
1ML H2   H N N 42  
1ML H3   H N N 43  
1ML H4   H N N 44  
1ML H5   H N N 45  
1ML H6   H N N 46  
1ML H7   H N N 47  
1ML H8   H N N 48  
1ML H9   H N N 49  
1ML H10  H N N 50  
1ML H11  H N N 51  
1ML H12  H N N 52  
1ML H13  H N N 53  
1ML H14  H N N 54  
1ML H15  H N N 55  
1ML H16  H N N 56  
1ML H17  H N N 57  
1ML H18  H N N 58  
1ML H19  H N N 59  
1ML H20  H N N 60  
1ML H21  H N N 61  
1ML H22  H N N 62  
1ML H23  H N N 63  
1ML H24  H N N 64  
1ML H25  H N N 65  
1ML H26  H N N 66  
1ML H27  H N N 67  
1ML H28  H N N 68  
1ML H29  H N N 69  
1ML H30  H N N 70  
1ML H31  H N N 71  
1ML H32  H N N 72  
1ML H33  H N N 73  
1ML H34  H N N 74  
1ML H35  H N N 75  
1ML H36  H N N 76  
ALA N    N N N 77  
ALA CA   C N S 78  
ALA C    C N N 79  
ALA O    O N N 80  
ALA CB   C N N 81  
ALA OXT  O N N 82  
ALA H    H N N 83  
ALA H2   H N N 84  
ALA HA   H N N 85  
ALA HB1  H N N 86  
ALA HB2  H N N 87  
ALA HB3  H N N 88  
ALA HXT  H N N 89  
ARG N    N N N 90  
ARG CA   C N S 91  
ARG C    C N N 92  
ARG O    O N N 93  
ARG CB   C N N 94  
ARG CG   C N N 95  
ARG CD   C N N 96  
ARG NE   N N N 97  
ARG CZ   C N N 98  
ARG NH1  N N N 99  
ARG NH2  N N N 100 
ARG OXT  O N N 101 
ARG H    H N N 102 
ARG H2   H N N 103 
ARG HA   H N N 104 
ARG HB2  H N N 105 
ARG HB3  H N N 106 
ARG HG2  H N N 107 
ARG HG3  H N N 108 
ARG HD2  H N N 109 
ARG HD3  H N N 110 
ARG HE   H N N 111 
ARG HH11 H N N 112 
ARG HH12 H N N 113 
ARG HH21 H N N 114 
ARG HH22 H N N 115 
ARG HXT  H N N 116 
ASN N    N N N 117 
ASN CA   C N S 118 
ASN C    C N N 119 
ASN O    O N N 120 
ASN CB   C N N 121 
ASN CG   C N N 122 
ASN OD1  O N N 123 
ASN ND2  N N N 124 
ASN OXT  O N N 125 
ASN H    H N N 126 
ASN H2   H N N 127 
ASN HA   H N N 128 
ASN HB2  H N N 129 
ASN HB3  H N N 130 
ASN HD21 H N N 131 
ASN HD22 H N N 132 
ASN HXT  H N N 133 
ASP N    N N N 134 
ASP CA   C N S 135 
ASP C    C N N 136 
ASP O    O N N 137 
ASP CB   C N N 138 
ASP CG   C N N 139 
ASP OD1  O N N 140 
ASP OD2  O N N 141 
ASP OXT  O N N 142 
ASP H    H N N 143 
ASP H2   H N N 144 
ASP HA   H N N 145 
ASP HB2  H N N 146 
ASP HB3  H N N 147 
ASP HD2  H N N 148 
ASP HXT  H N N 149 
CYS N    N N N 150 
CYS CA   C N R 151 
CYS C    C N N 152 
CYS O    O N N 153 
CYS CB   C N N 154 
CYS SG   S N N 155 
CYS OXT  O N N 156 
CYS H    H N N 157 
CYS H2   H N N 158 
CYS HA   H N N 159 
CYS HB2  H N N 160 
CYS HB3  H N N 161 
CYS HG   H N N 162 
CYS HXT  H N N 163 
GLN N    N N N 164 
GLN CA   C N S 165 
GLN C    C N N 166 
GLN O    O N N 167 
GLN CB   C N N 168 
GLN CG   C N N 169 
GLN CD   C N N 170 
GLN OE1  O N N 171 
GLN NE2  N N N 172 
GLN OXT  O N N 173 
GLN H    H N N 174 
GLN H2   H N N 175 
GLN HA   H N N 176 
GLN HB2  H N N 177 
GLN HB3  H N N 178 
GLN HG2  H N N 179 
GLN HG3  H N N 180 
GLN HE21 H N N 181 
GLN HE22 H N N 182 
GLN HXT  H N N 183 
GLU N    N N N 184 
GLU CA   C N S 185 
GLU C    C N N 186 
GLU O    O N N 187 
GLU CB   C N N 188 
GLU CG   C N N 189 
GLU CD   C N N 190 
GLU OE1  O N N 191 
GLU OE2  O N N 192 
GLU OXT  O N N 193 
GLU H    H N N 194 
GLU H2   H N N 195 
GLU HA   H N N 196 
GLU HB2  H N N 197 
GLU HB3  H N N 198 
GLU HG2  H N N 199 
GLU HG3  H N N 200 
GLU HE2  H N N 201 
GLU HXT  H N N 202 
GLY N    N N N 203 
GLY CA   C N N 204 
GLY C    C N N 205 
GLY O    O N N 206 
GLY OXT  O N N 207 
GLY H    H N N 208 
GLY H2   H N N 209 
GLY HA2  H N N 210 
GLY HA3  H N N 211 
GLY HXT  H N N 212 
HIS N    N N N 213 
HIS CA   C N S 214 
HIS C    C N N 215 
HIS O    O N N 216 
HIS CB   C N N 217 
HIS CG   C Y N 218 
HIS ND1  N Y N 219 
HIS CD2  C Y N 220 
HIS CE1  C Y N 221 
HIS NE2  N Y N 222 
HIS OXT  O N N 223 
HIS H    H N N 224 
HIS H2   H N N 225 
HIS HA   H N N 226 
HIS HB2  H N N 227 
HIS HB3  H N N 228 
HIS HD1  H N N 229 
HIS HD2  H N N 230 
HIS HE1  H N N 231 
HIS HE2  H N N 232 
HIS HXT  H N N 233 
HOH O    O N N 234 
HOH H1   H N N 235 
HOH H2   H N N 236 
ILE N    N N N 237 
ILE CA   C N S 238 
ILE C    C N N 239 
ILE O    O N N 240 
ILE CB   C N S 241 
ILE CG1  C N N 242 
ILE CG2  C N N 243 
ILE CD1  C N N 244 
ILE OXT  O N N 245 
ILE H    H N N 246 
ILE H2   H N N 247 
ILE HA   H N N 248 
ILE HB   H N N 249 
ILE HG12 H N N 250 
ILE HG13 H N N 251 
ILE HG21 H N N 252 
ILE HG22 H N N 253 
ILE HG23 H N N 254 
ILE HD11 H N N 255 
ILE HD12 H N N 256 
ILE HD13 H N N 257 
ILE HXT  H N N 258 
LEU N    N N N 259 
LEU CA   C N S 260 
LEU C    C N N 261 
LEU O    O N N 262 
LEU CB   C N N 263 
LEU CG   C N N 264 
LEU CD1  C N N 265 
LEU CD2  C N N 266 
LEU OXT  O N N 267 
LEU H    H N N 268 
LEU H2   H N N 269 
LEU HA   H N N 270 
LEU HB2  H N N 271 
LEU HB3  H N N 272 
LEU HG   H N N 273 
LEU HD11 H N N 274 
LEU HD12 H N N 275 
LEU HD13 H N N 276 
LEU HD21 H N N 277 
LEU HD22 H N N 278 
LEU HD23 H N N 279 
LEU HXT  H N N 280 
LYS N    N N N 281 
LYS CA   C N S 282 
LYS C    C N N 283 
LYS O    O N N 284 
LYS CB   C N N 285 
LYS CG   C N N 286 
LYS CD   C N N 287 
LYS CE   C N N 288 
LYS NZ   N N N 289 
LYS OXT  O N N 290 
LYS H    H N N 291 
LYS H2   H N N 292 
LYS HA   H N N 293 
LYS HB2  H N N 294 
LYS HB3  H N N 295 
LYS HG2  H N N 296 
LYS HG3  H N N 297 
LYS HD2  H N N 298 
LYS HD3  H N N 299 
LYS HE2  H N N 300 
LYS HE3  H N N 301 
LYS HZ1  H N N 302 
LYS HZ2  H N N 303 
LYS HZ3  H N N 304 
LYS HXT  H N N 305 
MET N    N N N 306 
MET CA   C N S 307 
MET C    C N N 308 
MET O    O N N 309 
MET CB   C N N 310 
MET CG   C N N 311 
MET SD   S N N 312 
MET CE   C N N 313 
MET OXT  O N N 314 
MET H    H N N 315 
MET H2   H N N 316 
MET HA   H N N 317 
MET HB2  H N N 318 
MET HB3  H N N 319 
MET HG2  H N N 320 
MET HG3  H N N 321 
MET HE1  H N N 322 
MET HE2  H N N 323 
MET HE3  H N N 324 
MET HXT  H N N 325 
PHE N    N N N 326 
PHE CA   C N S 327 
PHE C    C N N 328 
PHE O    O N N 329 
PHE CB   C N N 330 
PHE CG   C Y N 331 
PHE CD1  C Y N 332 
PHE CD2  C Y N 333 
PHE CE1  C Y N 334 
PHE CE2  C Y N 335 
PHE CZ   C Y N 336 
PHE OXT  O N N 337 
PHE H    H N N 338 
PHE H2   H N N 339 
PHE HA   H N N 340 
PHE HB2  H N N 341 
PHE HB3  H N N 342 
PHE HD1  H N N 343 
PHE HD2  H N N 344 
PHE HE1  H N N 345 
PHE HE2  H N N 346 
PHE HZ   H N N 347 
PHE HXT  H N N 348 
PRO N    N N N 349 
PRO CA   C N S 350 
PRO C    C N N 351 
PRO O    O N N 352 
PRO CB   C N N 353 
PRO CG   C N N 354 
PRO CD   C N N 355 
PRO OXT  O N N 356 
PRO H    H N N 357 
PRO HA   H N N 358 
PRO HB2  H N N 359 
PRO HB3  H N N 360 
PRO HG2  H N N 361 
PRO HG3  H N N 362 
PRO HD2  H N N 363 
PRO HD3  H N N 364 
PRO HXT  H N N 365 
SER N    N N N 366 
SER CA   C N S 367 
SER C    C N N 368 
SER O    O N N 369 
SER CB   C N N 370 
SER OG   O N N 371 
SER OXT  O N N 372 
SER H    H N N 373 
SER H2   H N N 374 
SER HA   H N N 375 
SER HB2  H N N 376 
SER HB3  H N N 377 
SER HG   H N N 378 
SER HXT  H N N 379 
SO4 S    S N N 380 
SO4 O1   O N N 381 
SO4 O2   O N N 382 
SO4 O3   O N N 383 
SO4 O4   O N N 384 
THR N    N N N 385 
THR CA   C N S 386 
THR C    C N N 387 
THR O    O N N 388 
THR CB   C N R 389 
THR OG1  O N N 390 
THR CG2  C N N 391 
THR OXT  O N N 392 
THR H    H N N 393 
THR H2   H N N 394 
THR HA   H N N 395 
THR HB   H N N 396 
THR HG1  H N N 397 
THR HG21 H N N 398 
THR HG22 H N N 399 
THR HG23 H N N 400 
THR HXT  H N N 401 
TRP N    N N N 402 
TRP CA   C N S 403 
TRP C    C N N 404 
TRP O    O N N 405 
TRP CB   C N N 406 
TRP CG   C Y N 407 
TRP CD1  C Y N 408 
TRP CD2  C Y N 409 
TRP NE1  N Y N 410 
TRP CE2  C Y N 411 
TRP CE3  C Y N 412 
TRP CZ2  C Y N 413 
TRP CZ3  C Y N 414 
TRP CH2  C Y N 415 
TRP OXT  O N N 416 
TRP H    H N N 417 
TRP H2   H N N 418 
TRP HA   H N N 419 
TRP HB2  H N N 420 
TRP HB3  H N N 421 
TRP HD1  H N N 422 
TRP HE1  H N N 423 
TRP HE3  H N N 424 
TRP HZ2  H N N 425 
TRP HZ3  H N N 426 
TRP HH2  H N N 427 
TRP HXT  H N N 428 
TYR N    N N N 429 
TYR CA   C N S 430 
TYR C    C N N 431 
TYR O    O N N 432 
TYR CB   C N N 433 
TYR CG   C Y N 434 
TYR CD1  C Y N 435 
TYR CD2  C Y N 436 
TYR CE1  C Y N 437 
TYR CE2  C Y N 438 
TYR CZ   C Y N 439 
TYR OH   O N N 440 
TYR OXT  O N N 441 
TYR H    H N N 442 
TYR H2   H N N 443 
TYR HA   H N N 444 
TYR HB2  H N N 445 
TYR HB3  H N N 446 
TYR HD1  H N N 447 
TYR HD2  H N N 448 
TYR HE1  H N N 449 
TYR HE2  H N N 450 
TYR HH   H N N 451 
TYR HXT  H N N 452 
VAL N    N N N 453 
VAL CA   C N S 454 
VAL C    C N N 455 
VAL O    O N N 456 
VAL CB   C N N 457 
VAL CG1  C N N 458 
VAL CG2  C N N 459 
VAL OXT  O N N 460 
VAL H    H N N 461 
VAL H2   H N N 462 
VAL HA   H N N 463 
VAL HB   H N N 464 
VAL HG11 H N N 465 
VAL HG12 H N N 466 
VAL HG13 H N N 467 
VAL HG21 H N N 468 
VAL HG22 H N N 469 
VAL HG23 H N N 470 
VAL HXT  H N N 471 
# 
loop_
_chem_comp_bond.comp_id 
_chem_comp_bond.atom_id_1 
_chem_comp_bond.atom_id_2 
_chem_comp_bond.value_order 
_chem_comp_bond.pdbx_aromatic_flag 
_chem_comp_bond.pdbx_stereo_config 
_chem_comp_bond.pdbx_ordinal 
1ML O22 C21  doub N N 1   
1ML C20 C18  sing N N 2   
1ML C18 C19  sing N N 3   
1ML C18 N17  sing N N 4   
1ML C21 N17  sing N N 5   
1ML C21 C23  sing N N 6   
1ML C28 C23  sing N N 7   
1ML C28 C27  sing N N 8   
1ML N17 C06  sing N N 9   
1ML O16 C14  doub N N 10  
1ML C23 C24  sing N N 11  
1ML C27 C26  sing N N 12  
1ML C14 O15  sing N N 13  
1ML C14 C01  sing N N 14  
1ML C24 C25  sing N N 15  
1ML C26 C25  sing N N 16  
1ML C26 C29  sing N N 17  
1ML C06 C01  doub Y N 18  
1ML C06 C05  sing Y N 19  
1ML C01 C02  sing Y N 20  
1ML C05 C04  doub Y N 21  
1ML C02 C03  doub Y N 22  
1ML C04 C03  sing Y N 23  
1ML C03 O07  sing N N 24  
1ML O07 C08  sing N N 25  
1ML C13 C08  doub Y N 26  
1ML C13 C12  sing Y N 27  
1ML C08 C09  sing Y N 28  
1ML C12 C11  doub Y N 29  
1ML C09 C10  doub Y N 30  
1ML C11 C10  sing Y N 31  
1ML C11 N30  sing N N 32  
1ML O32 C31  doub N N 33  
1ML N30 C31  sing N N 34  
1ML C31 C33  sing N N 35  
1ML C33 C34  doub Y N 36  
1ML C33 C38  sing Y N 37  
1ML C34 C35  sing Y N 38  
1ML C38 C37  doub Y N 39  
1ML C35 C36  doub Y N 40  
1ML C37 C36  sing Y N 41  
1ML C36 O39  sing N N 42  
1ML C40 O39  sing N N 43  
1ML C02 H1   sing N N 44  
1ML C04 H2   sing N N 45  
1ML C05 H3   sing N N 46  
1ML C09 H4   sing N N 47  
1ML C10 H5   sing N N 48  
1ML C12 H6   sing N N 49  
1ML C13 H7   sing N N 50  
1ML O15 H8   sing N N 51  
1ML C18 H9   sing N N 52  
1ML C19 H10  sing N N 53  
1ML C19 H11  sing N N 54  
1ML C19 H12  sing N N 55  
1ML C20 H13  sing N N 56  
1ML C20 H14  sing N N 57  
1ML C20 H15  sing N N 58  
1ML C23 H16  sing N N 59  
1ML C24 H17  sing N N 60  
1ML C24 H18  sing N N 61  
1ML C25 H19  sing N N 62  
1ML C25 H20  sing N N 63  
1ML C26 H21  sing N N 64  
1ML C27 H22  sing N N 65  
1ML C27 H23  sing N N 66  
1ML C28 H24  sing N N 67  
1ML C28 H25  sing N N 68  
1ML C29 H26  sing N N 69  
1ML C29 H27  sing N N 70  
1ML C29 H28  sing N N 71  
1ML N30 H29  sing N N 72  
1ML C34 H30  sing N N 73  
1ML C35 H31  sing N N 74  
1ML C37 H32  sing N N 75  
1ML C38 H33  sing N N 76  
1ML C40 H34  sing N N 77  
1ML C40 H35  sing N N 78  
1ML C40 H36  sing N N 79  
ALA N   CA   sing N N 80  
ALA N   H    sing N N 81  
ALA N   H2   sing N N 82  
ALA CA  C    sing N N 83  
ALA CA  CB   sing N N 84  
ALA CA  HA   sing N N 85  
ALA C   O    doub N N 86  
ALA C   OXT  sing N N 87  
ALA CB  HB1  sing N N 88  
ALA CB  HB2  sing N N 89  
ALA CB  HB3  sing N N 90  
ALA OXT HXT  sing N N 91  
ARG N   CA   sing N N 92  
ARG N   H    sing N N 93  
ARG N   H2   sing N N 94  
ARG CA  C    sing N N 95  
ARG CA  CB   sing N N 96  
ARG CA  HA   sing N N 97  
ARG C   O    doub N N 98  
ARG C   OXT  sing N N 99  
ARG CB  CG   sing N N 100 
ARG CB  HB2  sing N N 101 
ARG CB  HB3  sing N N 102 
ARG CG  CD   sing N N 103 
ARG CG  HG2  sing N N 104 
ARG CG  HG3  sing N N 105 
ARG CD  NE   sing N N 106 
ARG CD  HD2  sing N N 107 
ARG CD  HD3  sing N N 108 
ARG NE  CZ   sing N N 109 
ARG NE  HE   sing N N 110 
ARG CZ  NH1  sing N N 111 
ARG CZ  NH2  doub N N 112 
ARG NH1 HH11 sing N N 113 
ARG NH1 HH12 sing N N 114 
ARG NH2 HH21 sing N N 115 
ARG NH2 HH22 sing N N 116 
ARG OXT HXT  sing N N 117 
ASN N   CA   sing N N 118 
ASN N   H    sing N N 119 
ASN N   H2   sing N N 120 
ASN CA  C    sing N N 121 
ASN CA  CB   sing N N 122 
ASN CA  HA   sing N N 123 
ASN C   O    doub N N 124 
ASN C   OXT  sing N N 125 
ASN CB  CG   sing N N 126 
ASN CB  HB2  sing N N 127 
ASN CB  HB3  sing N N 128 
ASN CG  OD1  doub N N 129 
ASN CG  ND2  sing N N 130 
ASN ND2 HD21 sing N N 131 
ASN ND2 HD22 sing N N 132 
ASN OXT HXT  sing N N 133 
ASP N   CA   sing N N 134 
ASP N   H    sing N N 135 
ASP N   H2   sing N N 136 
ASP CA  C    sing N N 137 
ASP CA  CB   sing N N 138 
ASP CA  HA   sing N N 139 
ASP C   O    doub N N 140 
ASP C   OXT  sing N N 141 
ASP CB  CG   sing N N 142 
ASP CB  HB2  sing N N 143 
ASP CB  HB3  sing N N 144 
ASP CG  OD1  doub N N 145 
ASP CG  OD2  sing N N 146 
ASP OD2 HD2  sing N N 147 
ASP OXT HXT  sing N N 148 
CYS N   CA   sing N N 149 
CYS N   H    sing N N 150 
CYS N   H2   sing N N 151 
CYS CA  C    sing N N 152 
CYS CA  CB   sing N N 153 
CYS CA  HA   sing N N 154 
CYS C   O    doub N N 155 
CYS C   OXT  sing N N 156 
CYS CB  SG   sing N N 157 
CYS CB  HB2  sing N N 158 
CYS CB  HB3  sing N N 159 
CYS SG  HG   sing N N 160 
CYS OXT HXT  sing N N 161 
GLN N   CA   sing N N 162 
GLN N   H    sing N N 163 
GLN N   H2   sing N N 164 
GLN CA  C    sing N N 165 
GLN CA  CB   sing N N 166 
GLN CA  HA   sing N N 167 
GLN C   O    doub N N 168 
GLN C   OXT  sing N N 169 
GLN CB  CG   sing N N 170 
GLN CB  HB2  sing N N 171 
GLN CB  HB3  sing N N 172 
GLN CG  CD   sing N N 173 
GLN CG  HG2  sing N N 174 
GLN CG  HG3  sing N N 175 
GLN CD  OE1  doub N N 176 
GLN CD  NE2  sing N N 177 
GLN NE2 HE21 sing N N 178 
GLN NE2 HE22 sing N N 179 
GLN OXT HXT  sing N N 180 
GLU N   CA   sing N N 181 
GLU N   H    sing N N 182 
GLU N   H2   sing N N 183 
GLU CA  C    sing N N 184 
GLU CA  CB   sing N N 185 
GLU CA  HA   sing N N 186 
GLU C   O    doub N N 187 
GLU C   OXT  sing N N 188 
GLU CB  CG   sing N N 189 
GLU CB  HB2  sing N N 190 
GLU CB  HB3  sing N N 191 
GLU CG  CD   sing N N 192 
GLU CG  HG2  sing N N 193 
GLU CG  HG3  sing N N 194 
GLU CD  OE1  doub N N 195 
GLU CD  OE2  sing N N 196 
GLU OE2 HE2  sing N N 197 
GLU OXT HXT  sing N N 198 
GLY N   CA   sing N N 199 
GLY N   H    sing N N 200 
GLY N   H2   sing N N 201 
GLY CA  C    sing N N 202 
GLY CA  HA2  sing N N 203 
GLY CA  HA3  sing N N 204 
GLY C   O    doub N N 205 
GLY C   OXT  sing N N 206 
GLY OXT HXT  sing N N 207 
HIS N   CA   sing N N 208 
HIS N   H    sing N N 209 
HIS N   H2   sing N N 210 
HIS CA  C    sing N N 211 
HIS CA  CB   sing N N 212 
HIS CA  HA   sing N N 213 
HIS C   O    doub N N 214 
HIS C   OXT  sing N N 215 
HIS CB  CG   sing N N 216 
HIS CB  HB2  sing N N 217 
HIS CB  HB3  sing N N 218 
HIS CG  ND1  sing Y N 219 
HIS CG  CD2  doub Y N 220 
HIS ND1 CE1  doub Y N 221 
HIS ND1 HD1  sing N N 222 
HIS CD2 NE2  sing Y N 223 
HIS CD2 HD2  sing N N 224 
HIS CE1 NE2  sing Y N 225 
HIS CE1 HE1  sing N N 226 
HIS NE2 HE2  sing N N 227 
HIS OXT HXT  sing N N 228 
HOH O   H1   sing N N 229 
HOH O   H2   sing N N 230 
ILE N   CA   sing N N 231 
ILE N   H    sing N N 232 
ILE N   H2   sing N N 233 
ILE CA  C    sing N N 234 
ILE CA  CB   sing N N 235 
ILE CA  HA   sing N N 236 
ILE C   O    doub N N 237 
ILE C   OXT  sing N N 238 
ILE CB  CG1  sing N N 239 
ILE CB  CG2  sing N N 240 
ILE CB  HB   sing N N 241 
ILE CG1 CD1  sing N N 242 
ILE CG1 HG12 sing N N 243 
ILE CG1 HG13 sing N N 244 
ILE CG2 HG21 sing N N 245 
ILE CG2 HG22 sing N N 246 
ILE CG2 HG23 sing N N 247 
ILE CD1 HD11 sing N N 248 
ILE CD1 HD12 sing N N 249 
ILE CD1 HD13 sing N N 250 
ILE OXT HXT  sing N N 251 
LEU N   CA   sing N N 252 
LEU N   H    sing N N 253 
LEU N   H2   sing N N 254 
LEU CA  C    sing N N 255 
LEU CA  CB   sing N N 256 
LEU CA  HA   sing N N 257 
LEU C   O    doub N N 258 
LEU C   OXT  sing N N 259 
LEU CB  CG   sing N N 260 
LEU CB  HB2  sing N N 261 
LEU CB  HB3  sing N N 262 
LEU CG  CD1  sing N N 263 
LEU CG  CD2  sing N N 264 
LEU CG  HG   sing N N 265 
LEU CD1 HD11 sing N N 266 
LEU CD1 HD12 sing N N 267 
LEU CD1 HD13 sing N N 268 
LEU CD2 HD21 sing N N 269 
LEU CD2 HD22 sing N N 270 
LEU CD2 HD23 sing N N 271 
LEU OXT HXT  sing N N 272 
LYS N   CA   sing N N 273 
LYS N   H    sing N N 274 
LYS N   H2   sing N N 275 
LYS CA  C    sing N N 276 
LYS CA  CB   sing N N 277 
LYS CA  HA   sing N N 278 
LYS C   O    doub N N 279 
LYS C   OXT  sing N N 280 
LYS CB  CG   sing N N 281 
LYS CB  HB2  sing N N 282 
LYS CB  HB3  sing N N 283 
LYS CG  CD   sing N N 284 
LYS CG  HG2  sing N N 285 
LYS CG  HG3  sing N N 286 
LYS CD  CE   sing N N 287 
LYS CD  HD2  sing N N 288 
LYS CD  HD3  sing N N 289 
LYS CE  NZ   sing N N 290 
LYS CE  HE2  sing N N 291 
LYS CE  HE3  sing N N 292 
LYS NZ  HZ1  sing N N 293 
LYS NZ  HZ2  sing N N 294 
LYS NZ  HZ3  sing N N 295 
LYS OXT HXT  sing N N 296 
MET N   CA   sing N N 297 
MET N   H    sing N N 298 
MET N   H2   sing N N 299 
MET CA  C    sing N N 300 
MET CA  CB   sing N N 301 
MET CA  HA   sing N N 302 
MET C   O    doub N N 303 
MET C   OXT  sing N N 304 
MET CB  CG   sing N N 305 
MET CB  HB2  sing N N 306 
MET CB  HB3  sing N N 307 
MET CG  SD   sing N N 308 
MET CG  HG2  sing N N 309 
MET CG  HG3  sing N N 310 
MET SD  CE   sing N N 311 
MET CE  HE1  sing N N 312 
MET CE  HE2  sing N N 313 
MET CE  HE3  sing N N 314 
MET OXT HXT  sing N N 315 
PHE N   CA   sing N N 316 
PHE N   H    sing N N 317 
PHE N   H2   sing N N 318 
PHE CA  C    sing N N 319 
PHE CA  CB   sing N N 320 
PHE CA  HA   sing N N 321 
PHE C   O    doub N N 322 
PHE C   OXT  sing N N 323 
PHE CB  CG   sing N N 324 
PHE CB  HB2  sing N N 325 
PHE CB  HB3  sing N N 326 
PHE CG  CD1  doub Y N 327 
PHE CG  CD2  sing Y N 328 
PHE CD1 CE1  sing Y N 329 
PHE CD1 HD1  sing N N 330 
PHE CD2 CE2  doub Y N 331 
PHE CD2 HD2  sing N N 332 
PHE CE1 CZ   doub Y N 333 
PHE CE1 HE1  sing N N 334 
PHE CE2 CZ   sing Y N 335 
PHE CE2 HE2  sing N N 336 
PHE CZ  HZ   sing N N 337 
PHE OXT HXT  sing N N 338 
PRO N   CA   sing N N 339 
PRO N   CD   sing N N 340 
PRO N   H    sing N N 341 
PRO CA  C    sing N N 342 
PRO CA  CB   sing N N 343 
PRO CA  HA   sing N N 344 
PRO C   O    doub N N 345 
PRO C   OXT  sing N N 346 
PRO CB  CG   sing N N 347 
PRO CB  HB2  sing N N 348 
PRO CB  HB3  sing N N 349 
PRO CG  CD   sing N N 350 
PRO CG  HG2  sing N N 351 
PRO CG  HG3  sing N N 352 
PRO CD  HD2  sing N N 353 
PRO CD  HD3  sing N N 354 
PRO OXT HXT  sing N N 355 
SER N   CA   sing N N 356 
SER N   H    sing N N 357 
SER N   H2   sing N N 358 
SER CA  C    sing N N 359 
SER CA  CB   sing N N 360 
SER CA  HA   sing N N 361 
SER C   O    doub N N 362 
SER C   OXT  sing N N 363 
SER CB  OG   sing N N 364 
SER CB  HB2  sing N N 365 
SER CB  HB3  sing N N 366 
SER OG  HG   sing N N 367 
SER OXT HXT  sing N N 368 
SO4 S   O1   doub N N 369 
SO4 S   O2   doub N N 370 
SO4 S   O3   sing N N 371 
SO4 S   O4   sing N N 372 
THR N   CA   sing N N 373 
THR N   H    sing N N 374 
THR N   H2   sing N N 375 
THR CA  C    sing N N 376 
THR CA  CB   sing N N 377 
THR CA  HA   sing N N 378 
THR C   O    doub N N 379 
THR C   OXT  sing N N 380 
THR CB  OG1  sing N N 381 
THR CB  CG2  sing N N 382 
THR CB  HB   sing N N 383 
THR OG1 HG1  sing N N 384 
THR CG2 HG21 sing N N 385 
THR CG2 HG22 sing N N 386 
THR CG2 HG23 sing N N 387 
THR OXT HXT  sing N N 388 
TRP N   CA   sing N N 389 
TRP N   H    sing N N 390 
TRP N   H2   sing N N 391 
TRP CA  C    sing N N 392 
TRP CA  CB   sing N N 393 
TRP CA  HA   sing N N 394 
TRP C   O    doub N N 395 
TRP C   OXT  sing N N 396 
TRP CB  CG   sing N N 397 
TRP CB  HB2  sing N N 398 
TRP CB  HB3  sing N N 399 
TRP CG  CD1  doub Y N 400 
TRP CG  CD2  sing Y N 401 
TRP CD1 NE1  sing Y N 402 
TRP CD1 HD1  sing N N 403 
TRP CD2 CE2  doub Y N 404 
TRP CD2 CE3  sing Y N 405 
TRP NE1 CE2  sing Y N 406 
TRP NE1 HE1  sing N N 407 
TRP CE2 CZ2  sing Y N 408 
TRP CE3 CZ3  doub Y N 409 
TRP CE3 HE3  sing N N 410 
TRP CZ2 CH2  doub Y N 411 
TRP CZ2 HZ2  sing N N 412 
TRP CZ3 CH2  sing Y N 413 
TRP CZ3 HZ3  sing N N 414 
TRP CH2 HH2  sing N N 415 
TRP OXT HXT  sing N N 416 
TYR N   CA   sing N N 417 
TYR N   H    sing N N 418 
TYR N   H2   sing N N 419 
TYR CA  C    sing N N 420 
TYR CA  CB   sing N N 421 
TYR CA  HA   sing N N 422 
TYR C   O    doub N N 423 
TYR C   OXT  sing N N 424 
TYR CB  CG   sing N N 425 
TYR CB  HB2  sing N N 426 
TYR CB  HB3  sing N N 427 
TYR CG  CD1  doub Y N 428 
TYR CG  CD2  sing Y N 429 
TYR CD1 CE1  sing Y N 430 
TYR CD1 HD1  sing N N 431 
TYR CD2 CE2  doub Y N 432 
TYR CD2 HD2  sing N N 433 
TYR CE1 CZ   doub Y N 434 
TYR CE1 HE1  sing N N 435 
TYR CE2 CZ   sing Y N 436 
TYR CE2 HE2  sing N N 437 
TYR CZ  OH   sing N N 438 
TYR OH  HH   sing N N 439 
TYR OXT HXT  sing N N 440 
VAL N   CA   sing N N 441 
VAL N   H    sing N N 442 
VAL N   H2   sing N N 443 
VAL CA  C    sing N N 444 
VAL CA  CB   sing N N 445 
VAL CA  HA   sing N N 446 
VAL C   O    doub N N 447 
VAL C   OXT  sing N N 448 
VAL CB  CG1  sing N N 449 
VAL CB  CG2  sing N N 450 
VAL CB  HB   sing N N 451 
VAL CG1 HG11 sing N N 452 
VAL CG1 HG12 sing N N 453 
VAL CG1 HG13 sing N N 454 
VAL CG2 HG21 sing N N 455 
VAL CG2 HG22 sing N N 456 
VAL CG2 HG23 sing N N 457 
VAL OXT HXT  sing N N 458 
# 
_atom_sites.entry_id                    4JMU 
_atom_sites.fract_transf_matrix[1][1]   -0.00637215 
_atom_sites.fract_transf_matrix[1][2]   -0.00107318 
_atom_sites.fract_transf_matrix[1][3]   0.00935557 
_atom_sites.fract_transf_matrix[2][1]   -0.00853992 
_atom_sites.fract_transf_matrix[2][2]   -0.00750436 
_atom_sites.fract_transf_matrix[2][3]   0.00023227 
_atom_sites.fract_transf_matrix[3][1]   0.00926507 
_atom_sites.fract_transf_matrix[3][2]   -0.01038515 
_atom_sites.fract_transf_matrix[3][3]   0.00511922 
_atom_sites.fract_transf_vector[1]      0.217818 
_atom_sites.fract_transf_vector[2]      0.088769 
_atom_sites.fract_transf_vector[3]      0.338635 
# 
loop_
_atom_type.symbol 
C 
N 
O 
S 
# 
loop_
_atom_site.group_PDB 
_atom_site.id 
_atom_site.type_symbol 
_atom_site.label_atom_id 
_atom_site.label_alt_id 
_atom_site.label_comp_id 
_atom_site.label_asym_id 
_atom_site.label_entity_id 
_atom_site.label_seq_id 
_atom_site.pdbx_PDB_ins_code 
_atom_site.Cartn_x 
_atom_site.Cartn_y 
_atom_site.Cartn_z 
_atom_site.occupancy 
_atom_site.B_iso_or_equiv 
_atom_site.pdbx_formal_charge 
_atom_site.auth_seq_id 
_atom_site.auth_comp_id 
_atom_site.auth_asym_id 
_atom_site.auth_atom_id 
_atom_site.pdbx_PDB_model_num 
ATOM   1   N N   . SER A 1 7   ? -13.988 -6.298  -5.580  1.00 53.65 ? 6   SER A N   1 
ATOM   2   C CA  . SER A 1 7   ? -13.718 -4.982  -4.893  1.00 51.86 ? 6   SER A CA  1 
ATOM   3   C C   . SER A 1 7   ? -12.314 -5.017  -4.266  1.00 48.99 ? 6   SER A C   1 
ATOM   4   O O   . SER A 1 7   ? -11.840 -6.077  -3.875  1.00 48.49 ? 6   SER A O   1 
ATOM   5   C CB  . SER A 1 7   ? -14.754 -4.734  -3.785  1.00 53.09 ? 6   SER A CB  1 
ATOM   6   O OG  . SER A 1 7   ? -14.703 -3.379  -3.404  1.00 55.49 ? 6   SER A OG  1 
ATOM   7   N N   . VAL A 1 8   ? -11.646 -3.871  -4.154  1.00 46.50 ? 7   VAL A N   1 
ATOM   8   C CA  . VAL A 1 8   ? -10.303 -3.907  -3.576  1.00 44.06 ? 7   VAL A CA  1 
ATOM   9   C C   . VAL A 1 8   ? -10.326 -4.167  -2.078  1.00 44.30 ? 7   VAL A C   1 
ATOM   10  O O   . VAL A 1 8   ? -9.610  -5.018  -1.590  1.00 40.05 ? 7   VAL A O   1 
ATOM   11  C CB  . VAL A 1 8   ? -9.525  -2.614  -3.876  1.00 43.75 ? 7   VAL A CB  1 
ATOM   12  C CG1 . VAL A 1 8   ? -8.211  -2.584  -3.027  1.00 41.14 ? 7   VAL A CG1 1 
ATOM   13  C CG2 . VAL A 1 8   ? -9.206  -2.558  -5.412  1.00 41.53 ? 7   VAL A CG2 1 
ATOM   14  N N   . LEU A 1 9   ? -11.176 -3.428  -1.364  1.00 44.72 ? 8   LEU A N   1 
ATOM   15  C CA  . LEU A 1 9   ? -11.289 -3.570  0.073   1.00 47.70 ? 8   LEU A CA  1 
ATOM   16  C C   . LEU A 1 9   ? -12.683 -4.079  0.504   1.00 48.80 ? 8   LEU A C   1 
ATOM   17  O O   . LEU A 1 9   ? -13.691 -3.813  -0.145  1.00 48.21 ? 8   LEU A O   1 
ATOM   18  C CB  . LEU A 1 9   ? -10.997 -2.224  0.751   1.00 48.51 ? 8   LEU A CB  1 
ATOM   19  C CG  . LEU A 1 9   ? -9.511  -1.809  0.807   1.00 50.64 ? 8   LEU A CG  1 
ATOM   20  C CD1 . LEU A 1 9   ? -9.310  -0.721  1.767   1.00 50.72 ? 8   LEU A CD1 1 
ATOM   21  C CD2 . LEU A 1 9   ? -8.681  -3.010  1.241   1.00 51.24 ? 8   LEU A CD2 1 
ATOM   22  N N   . SER A 1 10  ? -12.699 -4.829  1.595   1.00 50.20 ? 9   SER A N   1 
ATOM   23  C CA  . SER A 1 10  ? -13.924 -5.339  2.192   1.00 51.88 ? 9   SER A CA  1 
ATOM   24  C C   . SER A 1 10  ? -14.452 -4.250  3.121   1.00 52.75 ? 9   SER A C   1 
ATOM   25  O O   . SER A 1 10  ? -13.803 -3.202  3.342   1.00 52.89 ? 9   SER A O   1 
ATOM   26  C CB  . SER A 1 10  ? -13.636 -6.622  2.973   1.00 53.13 ? 9   SER A CB  1 
ATOM   27  O OG  . SER A 1 10  ? -13.383 -7.698  2.032   1.00 55.85 ? 9   SER A OG  1 
ATOM   28  N N   . GLY A 1 11  ? -15.650 -4.472  3.654   1.00 52.21 ? 10  GLY A N   1 
ATOM   29  C CA  . GLY A 1 11  ? -16.247 -3.495  4.550   1.00 50.23 ? 10  GLY A CA  1 
ATOM   30  C C   . GLY A 1 11  ? -15.387 -3.214  5.748   1.00 47.38 ? 10  GLY A C   1 
ATOM   31  O O   . GLY A 1 11  ? -15.146 -2.025  6.124   1.00 48.28 ? 10  GLY A O   1 
ATOM   32  N N   . GLY A 1 12  ? -14.909 -4.289  6.365   1.00 45.49 ? 11  GLY A N   1 
ATOM   33  C CA  . GLY A 1 12  ? -14.032 -4.121  7.537   1.00 42.38 ? 11  GLY A CA  1 
ATOM   34  C C   . GLY A 1 12  ? -12.707 -3.434  7.165   1.00 38.75 ? 11  GLY A C   1 
ATOM   35  O O   . GLY A 1 12  ? -12.137 -2.608  7.910   1.00 34.92 ? 11  GLY A O   1 
ATOM   36  N N   . GLU A 1 13  ? -12.231 -3.757  5.961   1.00 36.26 ? 12  GLU A N   1 
ATOM   37  C CA  . GLU A 1 13  ? -10.943 -3.230  5.515   1.00 34.61 ? 12  GLU A CA  1 
ATOM   38  C C   . GLU A 1 13  ? -10.933 -1.734  5.352   1.00 34.65 ? 12  GLU A C   1 
ATOM   39  O O   . GLU A 1 13  ? -10.027 -1.062  5.809   1.00 35.05 ? 12  GLU A O   1 
ATOM   40  C CB  . GLU A 1 13  ? -10.536 -3.928  4.203   1.00 33.04 ? 12  GLU A CB  1 
ATOM   41  C CG  . GLU A 1 13  ? -9.950  -5.299  4.525   1.00 33.44 ? 12  GLU A CG  1 
ATOM   42  C CD  . GLU A 1 13  ? -9.481  -6.066  3.307   1.00 35.15 ? 12  GLU A CD  1 
ATOM   43  O OE1 . GLU A 1 13  ? -10.068 -5.893  2.223   1.00 34.64 ? 12  GLU A OE1 1 
ATOM   44  O OE2 . GLU A 1 13  ? -8.545  -6.864  3.443   1.00 35.98 ? 12  GLU A OE2 1 
ATOM   45  N N   . LEU A 1 14  ? -12.002 -1.210  4.762   1.00 34.69 ? 13  LEU A N   1 
ATOM   46  C CA  . LEU A 1 14  ? -12.082 0.213   4.513   1.00 36.89 ? 13  LEU A CA  1 
ATOM   47  C C   . LEU A 1 14  ? -12.027 0.981   5.833   1.00 34.74 ? 13  LEU A C   1 
ATOM   48  O O   . LEU A 1 14  ? -11.439 2.046   5.920   1.00 34.45 ? 13  LEU A O   1 
ATOM   49  C CB  . LEU A 1 14  ? -13.365 0.541   3.724   1.00 38.53 ? 13  LEU A CB  1 
ATOM   50  C CG  . LEU A 1 14  ? -13.538 2.017   3.419   1.00 42.88 ? 13  LEU A CG  1 
ATOM   51  C CD1 . LEU A 1 14  ? -12.336 2.603   2.643   1.00 44.61 ? 13  LEU A CD1 1 
ATOM   52  C CD2 . LEU A 1 14  ? -14.785 2.160   2.571   1.00 46.97 ? 13  LEU A CD2 1 
ATOM   53  N N   . ASP A 1 15  ? -12.644 0.425   6.865   1.00 34.94 ? 14  ASP A N   1 
ATOM   54  C CA  . ASP A 1 15  ? -12.621 1.113   8.136   1.00 35.02 ? 14  ASP A CA  1 
ATOM   55  C C   . ASP A 1 15  ? -11.195 1.164   8.722   1.00 33.51 ? 14  ASP A C   1 
ATOM   56  O O   . ASP A 1 15  ? -10.790 2.162   9.297   1.00 33.32 ? 14  ASP A O   1 
ATOM   57  C CB  . ASP A 1 15  ? -13.552 0.453   9.109   1.00 39.41 ? 14  ASP A CB  1 
ATOM   58  C CG  . ASP A 1 15  ? -14.048 1.425   10.072  1.00 45.22 ? 14  ASP A CG  1 
ATOM   59  O OD1 . ASP A 1 15  ? -13.384 1.553   11.128  1.00 50.04 ? 14  ASP A OD1 1 
ATOM   60  O OD2 . ASP A 1 15  ? -15.051 2.109   9.736   1.00 45.14 ? 14  ASP A OD2 1 
ATOM   61  N N   . LYS A 1 16  ? -10.438 0.081   8.580   1.00 31.05 ? 15  LYS A N   1 
ATOM   62  C CA  . LYS A 1 16  ? -9.048  0.102   9.071   1.00 30.59 ? 15  LYS A CA  1 
ATOM   63  C C   . LYS A 1 16  ? -8.293  1.113   8.229   1.00 29.10 ? 15  LYS A C   1 
ATOM   64  O O   . LYS A 1 16  ? -7.515  1.940   8.725   1.00 28.89 ? 15  LYS A O   1 
ATOM   65  C CB  . LYS A 1 16  ? -8.430  -1.275  8.876   1.00 31.90 ? 15  LYS A CB  1 
ATOM   66  C CG  . LYS A 1 16  ? -9.014  -2.329  9.770   1.00 33.53 ? 15  LYS A CG  1 
ATOM   67  C CD  . LYS A 1 16  ? -7.961  -3.377  10.092  1.00 42.02 ? 15  LYS A CD  1 
ATOM   68  C CE  . LYS A 1 16  ? -8.551  -4.547  10.955  1.00 43.30 ? 15  LYS A CE  1 
ATOM   69  N NZ  . LYS A 1 16  ? -8.029  -5.953  10.568  1.00 47.44 ? 15  LYS A NZ  1 
ATOM   70  N N   . TRP A 1 17  ? -8.574  1.044   6.918   1.00 28.65 ? 16  TRP A N   1 
ATOM   71  C CA  . TRP A 1 17  ? -7.906  1.889   5.946   1.00 27.26 ? 16  TRP A CA  1 
ATOM   72  C C   . TRP A 1 17  ? -8.035  3.359   6.342   1.00 26.88 ? 16  TRP A C   1 
ATOM   73  O O   . TRP A 1 17  ? -7.028  4.070   6.354   1.00 25.54 ? 16  TRP A O   1 
ATOM   74  C CB  . TRP A 1 17  ? -8.530  1.638   4.560   1.00 25.68 ? 16  TRP A CB  1 
ATOM   75  C CG  . TRP A 1 17  ? -7.897  2.425   3.379   1.00 24.61 ? 16  TRP A CG  1 
ATOM   76  C CD1 . TRP A 1 17  ? -8.434  3.469   2.716   1.00 23.35 ? 16  TRP A CD1 1 
ATOM   77  C CD2 . TRP A 1 17  ? -6.636  2.137   2.727   1.00 22.78 ? 16  TRP A CD2 1 
ATOM   78  N NE1 . TRP A 1 17  ? -7.582  3.885   1.674   1.00 28.00 ? 16  TRP A NE1 1 
ATOM   79  C CE2 . TRP A 1 17  ? -6.478  3.075   1.663   1.00 25.03 ? 16  TRP A CE2 1 
ATOM   80  C CE3 . TRP A 1 17  ? -5.649  1.181   2.942   1.00 23.42 ? 16  TRP A CE3 1 
ATOM   81  C CZ2 . TRP A 1 17  ? -5.331  3.087   0.788   1.00 23.11 ? 16  TRP A CZ2 1 
ATOM   82  C CZ3 . TRP A 1 17  ? -4.496  1.166   2.084   1.00 22.73 ? 16  TRP A CZ3 1 
ATOM   83  C CH2 . TRP A 1 17  ? -4.356  2.113   1.030   1.00 22.61 ? 16  TRP A CH2 1 
ATOM   84  N N   . GLU A 1 18  ? -9.272  3.796   6.620   1.00 24.04 ? 17  GLU A N   1 
ATOM   85  C CA  . GLU A 1 18  ? -9.552  5.167   7.001   1.00 27.96 ? 17  GLU A CA  1 
ATOM   86  C C   . GLU A 1 18  ? -8.890  5.626   8.306   1.00 27.37 ? 17  GLU A C   1 
ATOM   87  O O   . GLU A 1 18  ? -8.777  6.803   8.523   1.00 29.92 ? 17  GLU A O   1 
ATOM   88  C CB  . GLU A 1 18  ? -11.084 5.472   7.061   1.00 25.95 ? 17  GLU A CB  1 
ATOM   89  C CG  . GLU A 1 18  ? -11.814 5.366   5.760   1.00 24.54 ? 17  GLU A CG  1 
ATOM   90  C CD  . GLU A 1 18  ? -13.319 5.710   5.966   1.00 27.92 ? 17  GLU A CD  1 
ATOM   91  O OE1 . GLU A 1 18  ? -13.858 5.330   7.014   1.00 29.63 ? 17  GLU A OE1 1 
ATOM   92  O OE2 . GLU A 1 18  ? -13.958 6.359   5.088   1.00 31.93 ? 17  GLU A OE2 1 
ATOM   93  N N   . LYS A 1 19  ? -8.420  4.719   9.147   1.00 30.65 ? 18  LYS A N   1 
ATOM   94  C CA  . LYS A 1 19  ? -7.721  5.188   10.397  1.00 30.27 ? 18  LYS A CA  1 
ATOM   95  C C   . LYS A 1 19  ? -6.202  5.369   10.199  1.00 30.24 ? 18  LYS A C   1 
ATOM   96  O O   . LYS A 1 19  ? -5.540  6.103   10.951  1.00 29.37 ? 18  LYS A O   1 
ATOM   97  C CB  . LYS A 1 19  ? -7.924  4.210   11.542  1.00 33.00 ? 18  LYS A CB  1 
ATOM   98  C CG  . LYS A 1 19  ? -9.249  3.468   11.489  1.00 40.83 ? 18  LYS A CG  1 
ATOM   99  C CD  . LYS A 1 19  ? -9.439  2.450   12.712  1.00 43.96 ? 18  LYS A CD  1 
ATOM   100 C CE  . LYS A 1 19  ? -10.899 2.169   13.071  1.00 48.14 ? 18  LYS A CE  1 
ATOM   101 N NZ  . LYS A 1 19  ? -10.877 1.038   14.123  1.00 49.63 ? 18  LYS A NZ  1 
ATOM   102 N N   . ILE A 1 20  ? -5.656  4.754   9.140   1.00 28.46 ? 19  ILE A N   1 
ATOM   103 C CA  . ILE A 1 20  ? -4.195  4.804   8.923   1.00 25.71 ? 19  ILE A CA  1 
ATOM   104 C C   . ILE A 1 20  ? -3.731  6.098   8.405   1.00 25.73 ? 19  ILE A C   1 
ATOM   105 O O   . ILE A 1 20  ? -4.285  6.644   7.421   1.00 24.68 ? 19  ILE A O   1 
ATOM   106 C CB  . ILE A 1 20  ? -3.783  3.659   7.973   1.00 24.38 ? 19  ILE A CB  1 
ATOM   107 C CG1 . ILE A 1 20  ? -4.160  2.329   8.647   1.00 23.83 ? 19  ILE A CG1 1 
ATOM   108 C CG2 . ILE A 1 20  ? -2.263  3.672   7.698   1.00 23.45 ? 19  ILE A CG2 1 
ATOM   109 C CD1 . ILE A 1 20  ? -4.220  1.110   7.616   1.00 25.79 ? 19  ILE A CD1 1 
ATOM   110 N N   . ARG A 1 21  ? -2.692  6.623   9.040   1.00 24.68 ? 20  ARG A N   1 
ATOM   111 C CA  . ARG A 1 21  ? -2.130  7.906   8.596   1.00 25.24 ? 20  ARG A CA  1 
ATOM   112 C C   . ARG A 1 21  ? -1.105  7.826   7.430   1.00 25.60 ? 20  ARG A C   1 
ATOM   113 O O   . ARG A 1 21  ? -0.267  6.910   7.404   1.00 26.18 ? 20  ARG A O   1 
ATOM   114 C CB  . ARG A 1 21  ? -1.473  8.616   9.811   1.00 28.89 ? 20  ARG A CB  1 
ATOM   115 C CG  . ARG A 1 21  ? -2.449  8.638   11.046  1.00 32.40 ? 20  ARG A CG  1 
ATOM   116 C CD  . ARG A 1 21  ? -2.086  9.506   12.234  1.00 40.01 ? 20  ARG A CD  1 
ATOM   117 N NE  . ARG A 1 21  ? -3.225  9.523   13.192  1.00 43.63 ? 20  ARG A NE  1 
ATOM   118 C CZ  . ARG A 1 21  ? -4.267  10.374  13.133  1.00 46.40 ? 20  ARG A CZ  1 
ATOM   119 N NH1 . ARG A 1 21  ? -4.341  11.300  12.180  1.00 48.17 ? 20  ARG A NH1 1 
ATOM   120 N NH2 . ARG A 1 21  ? -5.256  10.296  14.012  1.00 46.62 ? 20  ARG A NH2 1 
ATOM   121 N N   . LEU A 1 22  ? -1.147  8.825   6.544   1.00 25.17 ? 21  LEU A N   1 
ATOM   122 C CA  . LEU A 1 22  ? -0.205  8.909   5.449   1.00 28.53 ? 21  LEU A CA  1 
ATOM   123 C C   . LEU A 1 22  ? 1.207   8.991   6.045   1.00 31.30 ? 21  LEU A C   1 
ATOM   124 O O   . LEU A 1 22  ? 2.084   8.232   5.617   1.00 32.57 ? 21  LEU A O   1 
ATOM   125 C CB  . LEU A 1 22  ? -0.456  10.144  4.569   1.00 26.70 ? 21  LEU A CB  1 
ATOM   126 C CG  . LEU A 1 22  ? -1.324  9.928   3.317   1.00 30.56 ? 21  LEU A CG  1 
ATOM   127 C CD1 . LEU A 1 22  ? -2.586  9.114   3.718   1.00 29.42 ? 21  LEU A CD1 1 
ATOM   128 C CD2 . LEU A 1 22  ? -1.707  11.349  2.755   1.00 31.90 ? 21  LEU A CD2 1 
ATOM   129 N N   . ARG A 1 23  ? 1.396   9.874   7.036   1.00 31.80 ? 22  ARG A N   1 
ATOM   130 C CA  . ARG A 1 23  ? 2.704   10.036  7.682   1.00 36.47 ? 22  ARG A CA  1 
ATOM   131 C C   . ARG A 1 23  ? 2.659   9.803   9.210   1.00 37.40 ? 22  ARG A C   1 
ATOM   132 O O   . ARG A 1 23  ? 1.594   9.891   9.841   1.00 36.76 ? 22  ARG A O   1 
ATOM   133 C CB  . ARG A 1 23  ? 3.266   11.448  7.383   1.00 38.73 ? 22  ARG A CB  1 
ATOM   134 C CG  . ARG A 1 23  ? 3.548   11.697  5.929   1.00 42.87 ? 22  ARG A CG  1 
ATOM   135 C CD  . ARG A 1 23  ? 3.575   13.181  5.569   1.00 47.21 ? 22  ARG A CD  1 
ATOM   136 N NE  . ARG A 1 23  ? 2.215   13.646  5.333   1.00 52.65 ? 22  ARG A NE  1 
ATOM   137 C CZ  . ARG A 1 23  ? 1.603   13.650  4.144   1.00 52.55 ? 22  ARG A CZ  1 
ATOM   138 N NH1 . ARG A 1 23  ? 2.222   13.231  3.034   1.00 52.90 ? 22  ARG A NH1 1 
ATOM   139 N NH2 . ARG A 1 23  ? 0.351   14.054  4.085   1.00 53.18 ? 22  ARG A NH2 1 
ATOM   140 N N   . PRO A 1 24  ? 3.816   9.474   9.827   1.00 38.97 ? 23  PRO A N   1 
ATOM   141 C CA  . PRO A 1 24  ? 3.774   9.259   11.285  1.00 39.51 ? 23  PRO A CA  1 
ATOM   142 C C   . PRO A 1 24  ? 3.199   10.493  11.966  1.00 40.58 ? 23  PRO A C   1 
ATOM   143 O O   . PRO A 1 24  ? 3.628   11.625  11.712  1.00 39.25 ? 23  PRO A O   1 
ATOM   144 C CB  . PRO A 1 24  ? 5.229   9.025   11.649  1.00 40.12 ? 23  PRO A CB  1 
ATOM   145 C CG  . PRO A 1 24  ? 5.779   8.329   10.383  1.00 40.43 ? 23  PRO A CG  1 
ATOM   146 C CD  . PRO A 1 24  ? 5.145   9.176   9.275   1.00 39.29 ? 23  PRO A CD  1 
ATOM   147 N N   . GLY A 1 25  ? 2.171   10.234  12.772  1.00 42.59 ? 24  GLY A N   1 
ATOM   148 C CA  . GLY A 1 25  ? 1.497   11.269  13.532  1.00 43.96 ? 24  GLY A CA  1 
ATOM   149 C C   . GLY A 1 25  ? 0.873   12.383  12.707  1.00 45.01 ? 24  GLY A C   1 
ATOM   150 O O   . GLY A 1 25  ? 0.506   13.454  13.242  1.00 45.08 ? 24  GLY A O   1 
ATOM   151 N N   . GLY A 1 26  ? 0.726   12.140  11.408  1.00 44.18 ? 25  GLY A N   1 
ATOM   152 C CA  . GLY A 1 26  ? 0.185   13.164  10.536  1.00 42.63 ? 25  GLY A CA  1 
ATOM   153 C C   . GLY A 1 26  ? -1.305  13.357  10.627  1.00 42.62 ? 25  GLY A C   1 
ATOM   154 O O   . GLY A 1 26  ? -2.043  12.572  11.190  1.00 42.05 ? 25  GLY A O   1 
ATOM   155 N N   . LYS A 1 27  ? -1.779  14.434  10.042  1.00 43.49 ? 26  LYS A N   1 
ATOM   156 C CA  . LYS A 1 27  ? -3.204  14.651  10.092  1.00 44.76 ? 26  LYS A CA  1 
ATOM   157 C C   . LYS A 1 27  ? -3.921  13.826  9.000   1.00 42.51 ? 26  LYS A C   1 
ATOM   158 O O   . LYS A 1 27  ? -4.945  13.200  9.238   1.00 42.16 ? 26  LYS A O   1 
ATOM   159 C CB  . LYS A 1 27  ? -3.488  16.149  9.905   1.00 47.75 ? 26  LYS A CB  1 
ATOM   160 C CG  . LYS A 1 27  ? -2.805  17.030  10.973  1.00 52.22 ? 26  LYS A CG  1 
ATOM   161 C CD  . LYS A 1 27  ? -3.104  16.473  12.366  1.00 54.86 ? 26  LYS A CD  1 
ATOM   162 C CE  . LYS A 1 27  ? -2.639  17.435  13.483  1.00 56.90 ? 26  LYS A CE  1 
ATOM   163 N NZ  . LYS A 1 27  ? -3.033  16.903  14.835  1.00 57.85 ? 26  LYS A NZ  1 
ATOM   164 N N   . LYS A 1 28  ? -3.352  13.828  7.807   1.00 40.56 ? 27  LYS A N   1 
ATOM   165 C CA  . LYS A 1 28  ? -3.978  13.134  6.693   1.00 39.02 ? 27  LYS A CA  1 
ATOM   166 C C   . LYS A 1 28  ? -4.054  11.612  6.843   1.00 36.53 ? 27  LYS A C   1 
ATOM   167 O O   . LYS A 1 28  ? -3.107  10.946  7.335   1.00 35.72 ? 27  LYS A O   1 
ATOM   168 C CB  . LYS A 1 28  ? -3.261  13.540  5.416   1.00 40.55 ? 27  LYS A CB  1 
ATOM   169 C CG  . LYS A 1 28  ? -3.462  15.011  5.112   1.00 43.45 ? 27  LYS A CG  1 
ATOM   170 C CD  . LYS A 1 28  ? -2.980  15.337  3.719   1.00 44.11 ? 27  LYS A CD  1 
ATOM   171 C CE  . LYS A 1 28  ? -2.905  16.860  3.500   1.00 46.89 ? 27  LYS A CE  1 
ATOM   172 N NZ  . LYS A 1 28  ? -2.022  17.151  2.323   1.00 47.07 ? 27  LYS A NZ  1 
ATOM   173 N N   . GLN A 1 29  ? -5.201  11.058  6.478   1.00 32.85 ? 28  GLN A N   1 
ATOM   174 C CA  . GLN A 1 29  ? -5.377  9.603   6.544   1.00 30.92 ? 28  GLN A CA  1 
ATOM   175 C C   . GLN A 1 29  ? -5.779  8.997   5.172   1.00 29.05 ? 28  GLN A C   1 
ATOM   176 O O   . GLN A 1 29  ? -6.217  9.725   4.296   1.00 29.10 ? 28  GLN A O   1 
ATOM   177 C CB  . GLN A 1 29  ? -6.442  9.241   7.617   1.00 31.26 ? 28  GLN A CB  1 
ATOM   178 C CG  . GLN A 1 29  ? -5.884  9.275   9.079   1.00 31.66 ? 28  GLN A CG  1 
ATOM   179 C CD  . GLN A 1 29  ? -6.983  9.527   10.125  1.00 33.83 ? 28  GLN A CD  1 
ATOM   180 O OE1 . GLN A 1 29  ? -7.818  10.416  9.941   1.00 33.20 ? 28  GLN A OE1 1 
ATOM   181 N NE2 . GLN A 1 29  ? -6.985  8.749   11.199  1.00 33.85 ? 28  GLN A NE2 1 
ATOM   182 N N   . TYR A 1 30  ? -5.598  7.688   4.986   1.00 27.98 ? 29  TYR A N   1 
ATOM   183 C CA  . TYR A 1 30  ? -5.990  7.055   3.740   1.00 27.84 ? 29  TYR A CA  1 
ATOM   184 C C   . TYR A 1 30  ? -7.505  7.083   3.501   1.00 29.43 ? 29  TYR A C   1 
ATOM   185 O O   . TYR A 1 30  ? -8.329  6.937   4.471   1.00 28.34 ? 29  TYR A O   1 
ATOM   186 C CB  . TYR A 1 30  ? -5.448  5.637   3.735   1.00 27.48 ? 29  TYR A CB  1 
ATOM   187 C CG  . TYR A 1 30  ? -3.946  5.613   3.495   1.00 25.31 ? 29  TYR A CG  1 
ATOM   188 C CD1 . TYR A 1 30  ? -3.434  5.670   2.182   1.00 25.84 ? 29  TYR A CD1 1 
ATOM   189 C CD2 . TYR A 1 30  ? -3.061  5.508   4.541   1.00 22.67 ? 29  TYR A CD2 1 
ATOM   190 C CE1 . TYR A 1 30  ? -2.057  5.614   1.933   1.00 23.85 ? 29  TYR A CE1 1 
ATOM   191 C CE2 . TYR A 1 30  ? -1.639  5.463   4.307   1.00 21.84 ? 29  TYR A CE2 1 
ATOM   192 C CZ  . TYR A 1 30  ? -1.171  5.509   3.013   1.00 23.43 ? 29  TYR A CZ  1 
ATOM   193 O OH  . TYR A 1 30  ? 0.170   5.446   2.728   1.00 21.92 ? 29  TYR A OH  1 
ATOM   194 N N   . LYS A 1 31  ? -7.842  7.265   2.214   1.00 28.03 ? 30  LYS A N   1 
ATOM   195 C CA  . LYS A 1 31  ? -9.202  7.384   1.689   1.00 29.02 ? 30  LYS A CA  1 
ATOM   196 C C   . LYS A 1 31  ? -9.449  6.552   0.409   1.00 29.19 ? 30  LYS A C   1 
ATOM   197 O O   . LYS A 1 31  ? -8.508  6.056   -0.193  1.00 27.40 ? 30  LYS A O   1 
ATOM   198 C CB  . LYS A 1 31  ? -9.470  8.872   1.375   1.00 28.00 ? 30  LYS A CB  1 
ATOM   199 C CG  . LYS A 1 31  ? -9.401  9.693   2.674   1.00 29.26 ? 30  LYS A CG  1 
ATOM   200 C CD  . LYS A 1 31  ? -9.354  11.136  2.370   1.00 30.91 ? 30  LYS A CD  1 
ATOM   201 C CE  . LYS A 1 31  ? -9.226  11.929  3.698   1.00 33.86 ? 30  LYS A CE  1 
ATOM   202 N NZ  . LYS A 1 31  ? -9.397  13.371  3.248   1.00 37.13 ? 30  LYS A NZ  1 
ATOM   203 N N   . LEU A 1 32  ? -10.697 6.451   -0.028  1.00 28.38 ? 31  LEU A N   1 
ATOM   204 C CA  . LEU A 1 32  ? -10.979 5.667   -1.224  1.00 28.31 ? 31  LEU A CA  1 
ATOM   205 C C   . LEU A 1 32  ? -10.193 6.268   -2.392  1.00 29.47 ? 31  LEU A C   1 
ATOM   206 O O   . LEU A 1 32  ? -9.687  5.540   -3.220  1.00 29.02 ? 31  LEU A O   1 
ATOM   207 C CB  . LEU A 1 32  ? -12.474 5.713   -1.597  1.00 31.80 ? 31  LEU A CB  1 
ATOM   208 C CG  . LEU A 1 32  ? -13.228 4.952   -0.499  1.00 36.51 ? 31  LEU A CG  1 
ATOM   209 C CD1 . LEU A 1 32  ? -14.758 5.192   -0.573  1.00 38.95 ? 31  LEU A CD1 1 
ATOM   210 C CD2 . LEU A 1 32  ? -12.903 3.459   -0.698  1.00 39.00 ? 31  LEU A CD2 1 
ATOM   211 N N   . LYS A 1 33  ? -10.047 7.580   -2.419  1.00 27.66 ? 32  LYS A N   1 
ATOM   212 C CA  . LYS A 1 33  ? -9.370  8.187   -3.555  1.00 28.09 ? 32  LYS A CA  1 
ATOM   213 C C   . LYS A 1 33  ? -7.889  7.706   -3.734  1.00 27.72 ? 32  LYS A C   1 
ATOM   214 O O   . LYS A 1 33  ? -7.334  7.748   -4.845  1.00 25.67 ? 32  LYS A O   1 
ATOM   215 C CB  . LYS A 1 33  ? -9.462  9.712   -3.470  1.00 29.94 ? 32  LYS A CB  1 
ATOM   216 C CG  . LYS A 1 33  ? -8.642  10.348  -2.332  1.00 32.45 ? 32  LYS A CG  1 
ATOM   217 C CD  . LYS A 1 33  ? -8.575  11.877  -2.399  1.00 33.17 ? 32  LYS A CD  1 
ATOM   218 C CE  . LYS A 1 33  ? -7.716  12.368  -1.243  1.00 35.43 ? 32  LYS A CE  1 
ATOM   219 N NZ  . LYS A 1 33  ? -7.698  13.871  -1.125  1.00 37.31 ? 32  LYS A NZ  1 
ATOM   220 N N   . HIS A 1 34  ? -7.261  7.256   -2.654  1.00 26.40 ? 33  HIS A N   1 
ATOM   221 C CA  . HIS A 1 34  ? -5.869  6.744   -2.755  1.00 26.58 ? 33  HIS A CA  1 
ATOM   222 C C   . HIS A 1 34  ? -5.894  5.372   -3.437  1.00 24.89 ? 33  HIS A C   1 
ATOM   223 O O   . HIS A 1 34  ? -4.968  4.983   -4.153  1.00 24.34 ? 33  HIS A O   1 
ATOM   224 C CB  . HIS A 1 34  ? -5.265  6.614   -1.351  1.00 25.11 ? 33  HIS A CB  1 
ATOM   225 C CG  . HIS A 1 34  ? -4.987  7.951   -0.728  1.00 26.11 ? 33  HIS A CG  1 
ATOM   226 N ND1 . HIS A 1 34  ? -5.748  8.456   0.305   1.00 25.48 ? 33  HIS A ND1 1 
ATOM   227 C CD2 . HIS A 1 34  ? -4.078  8.908   -1.036  1.00 25.22 ? 33  HIS A CD2 1 
ATOM   228 C CE1 . HIS A 1 34  ? -5.324  9.676   0.607   1.00 25.99 ? 33  HIS A CE1 1 
ATOM   229 N NE2 . HIS A 1 34  ? -4.308  9.979   -0.194  1.00 26.78 ? 33  HIS A NE2 1 
ATOM   230 N N   . ILE A 1 35  ? -6.935  4.610   -3.132  1.00 24.45 ? 34  ILE A N   1 
ATOM   231 C CA  . ILE A 1 35  ? -7.083  3.328   -3.756  1.00 24.82 ? 34  ILE A CA  1 
ATOM   232 C C   . ILE A 1 35  ? -7.412  3.558   -5.237  1.00 28.86 ? 34  ILE A C   1 
ATOM   233 O O   . ILE A 1 35  ? -6.823  2.864   -6.108  1.00 27.00 ? 34  ILE A O   1 
ATOM   234 C CB  . ILE A 1 35  ? -8.196  2.524   -3.125  1.00 26.77 ? 34  ILE A CB  1 
ATOM   235 C CG1 . ILE A 1 35  ? -7.805  2.172   -1.671  1.00 27.50 ? 34  ILE A CG1 1 
ATOM   236 C CG2 . ILE A 1 35  ? -8.482  1.321   -3.960  1.00 26.03 ? 34  ILE A CG2 1 
ATOM   237 C CD1 . ILE A 1 35  ? -8.940  1.352   -0.858  1.00 30.90 ? 34  ILE A CD1 1 
ATOM   238 N N   . VAL A 1 36  ? -8.338  4.495   -5.542  1.00 27.96 ? 35  VAL A N   1 
ATOM   239 C CA  . VAL A 1 36  ? -8.671  4.750   -6.944  1.00 28.55 ? 35  VAL A CA  1 
ATOM   240 C C   . VAL A 1 36  ? -7.406  5.226   -7.696  1.00 27.36 ? 35  VAL A C   1 
ATOM   241 O O   . VAL A 1 36  ? -7.129  4.771   -8.809  1.00 25.27 ? 35  VAL A O   1 
ATOM   242 C CB  . VAL A 1 36  ? -9.852  5.855   -7.084  1.00 31.34 ? 35  VAL A CB  1 
ATOM   243 C CG1 . VAL A 1 36  ? -10.096 6.186   -8.611  1.00 30.60 ? 35  VAL A CG1 1 
ATOM   244 C CG2 . VAL A 1 36  ? -11.174 5.275   -6.468  1.00 32.36 ? 35  VAL A CG2 1 
ATOM   245 N N   . TRP A 1 37  ? -6.633  6.118   -7.071  1.00 25.89 ? 36  TRP A N   1 
ATOM   246 C CA  . TRP A 1 37  ? -5.397  6.644   -7.680  1.00 25.20 ? 36  TRP A CA  1 
ATOM   247 C C   . TRP A 1 37  ? -4.383  5.486   -7.895  1.00 24.15 ? 36  TRP A C   1 
ATOM   248 O O   . TRP A 1 37  ? -3.741  5.373   -8.957  1.00 23.88 ? 36  TRP A O   1 
ATOM   249 C CB  . TRP A 1 37  ? -4.771  7.706   -6.741  1.00 26.53 ? 36  TRP A CB  1 
ATOM   250 C CG  . TRP A 1 37  ? -3.455  8.345   -7.265  1.00 25.90 ? 36  TRP A CG  1 
ATOM   251 C CD1 . TRP A 1 37  ? -3.351  9.355   -8.144  1.00 26.64 ? 36  TRP A CD1 1 
ATOM   252 C CD2 . TRP A 1 37  ? -2.120  7.941   -6.952  1.00 26.63 ? 36  TRP A CD2 1 
ATOM   253 N NE1 . TRP A 1 37  ? -2.035  9.617   -8.423  1.00 27.62 ? 36  TRP A NE1 1 
ATOM   254 C CE2 . TRP A 1 37  ? -1.253  8.757   -7.701  1.00 27.75 ? 36  TRP A CE2 1 
ATOM   255 C CE3 . TRP A 1 37  ? -1.557  6.939   -6.101  1.00 28.69 ? 36  TRP A CE3 1 
ATOM   256 C CZ2 . TRP A 1 37  ? 0.171   8.622   -7.645  1.00 27.08 ? 36  TRP A CZ2 1 
ATOM   257 C CZ3 . TRP A 1 37  ? -0.151  6.804   -6.057  1.00 27.19 ? 36  TRP A CZ3 1 
ATOM   258 C CH2 . TRP A 1 37  ? 0.685   7.647   -6.829  1.00 27.07 ? 36  TRP A CH2 1 
ATOM   259 N N   . ALA A 1 38  ? -4.210  4.654   -6.867  1.00 23.68 ? 37  ALA A N   1 
ATOM   260 C CA  . ALA A 1 38  ? -3.213  3.564   -6.975  1.00 23.60 ? 37  ALA A CA  1 
ATOM   261 C C   . ALA A 1 38  ? -3.574  2.647   -8.174  1.00 25.94 ? 37  ALA A C   1 
ATOM   262 O O   . ALA A 1 38  ? -2.712  2.246   -8.953  1.00 25.02 ? 37  ALA A O   1 
ATOM   263 C CB  . ALA A 1 38  ? -3.121  2.780   -5.701  1.00 20.74 ? 37  ALA A CB  1 
ATOM   264 N N   . SER A 1 39  ? -4.871  2.335   -8.322  1.00 27.65 ? 38  SER A N   1 
ATOM   265 C CA  . SER A 1 39  ? -5.359  1.500   -9.421  1.00 28.98 ? 38  SER A CA  1 
ATOM   266 C C   . SER A 1 39  ? -5.064  2.106   -10.819 1.00 29.57 ? 38  SER A C   1 
ATOM   267 O O   . SER A 1 39  ? -4.614  1.377   -11.704 1.00 27.17 ? 38  SER A O   1 
ATOM   268 C CB  . SER A 1 39  ? -6.865  1.270   -9.279  1.00 31.66 ? 38  SER A CB  1 
ATOM   269 O OG  . SER A 1 39  ? -7.261  0.258   -10.208 1.00 37.11 ? 38  SER A OG  1 
ATOM   270 N N   . ARG A 1 40  ? -5.310  3.420   -11.005 1.00 29.45 ? 39  ARG A N   1 
ATOM   271 C CA  . ARG A 1 40  ? -5.013  4.088   -12.277 1.00 30.85 ? 39  ARG A CA  1 
ATOM   272 C C   . ARG A 1 40  ? -3.542  4.130   -12.444 1.00 29.75 ? 39  ARG A C   1 
ATOM   273 O O   . ARG A 1 40  ? -3.022  3.903   -13.538 1.00 30.55 ? 39  ARG A O   1 
ATOM   274 C CB  . ARG A 1 40  ? -5.562  5.511   -12.323 1.00 32.97 ? 39  ARG A CB  1 
ATOM   275 C CG  . ARG A 1 40  ? -7.055  5.416   -12.368 1.00 41.06 ? 39  ARG A CG  1 
ATOM   276 C CD  . ARG A 1 40  ? -7.776  6.735   -12.074 1.00 45.82 ? 39  ARG A CD  1 
ATOM   277 N NE  . ARG A 1 40  ? -9.217  6.499   -12.225 1.00 51.43 ? 39  ARG A NE  1 
ATOM   278 C CZ  . ARG A 1 40  ? -10.125 7.398   -11.902 1.00 54.15 ? 39  ARG A CZ  1 
ATOM   279 N NH1 . ARG A 1 40  ? -9.705  8.570   -11.425 1.00 54.72 ? 39  ARG A NH1 1 
ATOM   280 N NH2 . ARG A 1 40  ? -11.429 7.115   -12.012 1.00 56.61 ? 39  ARG A NH2 1 
ATOM   281 N N   . GLU A 1 41  ? -2.831  4.362   -11.355 1.00 28.09 ? 40  GLU A N   1 
ATOM   282 C CA  . GLU A 1 41  ? -1.360  4.414   -11.469 1.00 27.21 ? 40  GLU A CA  1 
ATOM   283 C C   . GLU A 1 41  ? -0.787  3.080   -11.943 1.00 26.99 ? 40  GLU A C   1 
ATOM   284 O O   . GLU A 1 41  ? 0.178   3.045   -12.735 1.00 27.44 ? 40  GLU A O   1 
ATOM   285 C CB  . GLU A 1 41  ? -0.712  4.733   -10.119 1.00 27.96 ? 40  GLU A CB  1 
ATOM   286 C CG  . GLU A 1 41  ? -0.648  6.116   -9.722  1.00 29.42 ? 40  GLU A CG  1 
ATOM   287 C CD  . GLU A 1 41  ? 0.253   6.932   -10.613 1.00 34.00 ? 40  GLU A CD  1 
ATOM   288 O OE1 . GLU A 1 41  ? -0.269  7.689   -11.421 1.00 32.70 ? 40  GLU A OE1 1 
ATOM   289 O OE2 . GLU A 1 41  ? 1.495   6.779   -10.505 1.00 37.14 ? 40  GLU A OE2 1 
ATOM   290 N N   . LEU A 1 42  ? -1.314  1.978   -11.408 1.00 26.92 ? 41  LEU A N   1 
ATOM   291 C CA  . LEU A 1 42  ? -0.788  0.680   -11.792 1.00 26.86 ? 41  LEU A CA  1 
ATOM   292 C C   . LEU A 1 42  ? -0.962  0.479   -13.310 1.00 28.94 ? 41  LEU A C   1 
ATOM   293 O O   . LEU A 1 42  ? -0.042  -0.008  -13.991 1.00 27.56 ? 41  LEU A O   1 
ATOM   294 C CB  . LEU A 1 42  ? -1.436  -0.443  -10.955 1.00 24.89 ? 41  LEU A CB  1 
ATOM   295 C CG  . LEU A 1 42  ? -0.955  -0.550  -9.488  1.00 21.96 ? 41  LEU A CG  1 
ATOM   296 C CD1 . LEU A 1 42  ? -1.789  -1.589  -8.763  1.00 24.50 ? 41  LEU A CD1 1 
ATOM   297 C CD2 . LEU A 1 42  ? 0.505   -0.918  -9.417  1.00 21.34 ? 41  LEU A CD2 1 
ATOM   298 N N   . GLU A 1 43  ? -2.100  0.906   -13.836 1.00 32.53 ? 42  GLU A N   1 
ATOM   299 C CA  . GLU A 1 43  ? -2.324  0.796   -15.276 1.00 36.13 ? 42  GLU A CA  1 
ATOM   300 C C   . GLU A 1 43  ? -1.252  1.596   -15.993 1.00 37.32 ? 42  GLU A C   1 
ATOM   301 O O   . GLU A 1 43  ? -0.651  1.117   -16.992 1.00 36.58 ? 42  GLU A O   1 
ATOM   302 C CB  . GLU A 1 43  ? -3.704  1.294   -15.661 1.00 40.92 ? 42  GLU A CB  1 
ATOM   303 C CG  . GLU A 1 43  ? -4.779  0.303   -15.288 1.00 45.89 ? 42  GLU A CG  1 
ATOM   304 C CD  . GLU A 1 43  ? -6.192  0.807   -15.592 1.00 51.79 ? 42  GLU A CD  1 
ATOM   305 O OE1 . GLU A 1 43  ? -6.813  1.526   -14.719 1.00 53.44 ? 42  GLU A OE1 1 
ATOM   306 O OE2 . GLU A 1 43  ? -6.685  0.477   -16.716 1.00 53.56 ? 42  GLU A OE2 1 
ATOM   307 N N   . ARG A 1 44  ? -0.949  2.791   -15.474 1.00 36.62 ? 43  ARG A N   1 
ATOM   308 C CA  . ARG A 1 44  ? 0.103   3.572   -16.106 1.00 37.71 ? 43  ARG A CA  1 
ATOM   309 C C   . ARG A 1 44  ? 1.462   2.855   -16.026 1.00 35.94 ? 43  ARG A C   1 
ATOM   310 O O   . ARG A 1 44  ? 2.337   3.101   -16.832 1.00 37.55 ? 43  ARG A O   1 
ATOM   311 C CB  . ARG A 1 44  ? 0.212   4.963   -15.463 1.00 41.91 ? 43  ARG A CB  1 
ATOM   312 C CG  . ARG A 1 44  ? 1.658   5.475   -15.516 1.00 46.94 ? 43  ARG A CG  1 
ATOM   313 C CD  . ARG A 1 44  ? 1.813   6.770   -14.723 1.00 52.75 ? 43  ARG A CD  1 
ATOM   314 N NE  . ARG A 1 44  ? 3.195   7.025   -14.267 1.00 53.63 ? 43  ARG A NE  1 
ATOM   315 C CZ  . ARG A 1 44  ? 4.187   7.472   -15.043 1.00 55.88 ? 43  ARG A CZ  1 
ATOM   316 N NH1 . ARG A 1 44  ? 3.973   7.690   -16.332 1.00 57.64 ? 43  ARG A NH1 1 
ATOM   317 N NH2 . ARG A 1 44  ? 5.369   7.810   -14.513 1.00 55.20 ? 43  ARG A NH2 1 
ATOM   318 N N   . PHE A 1 45  ? 1.677   1.987   -15.037 1.00 33.69 ? 44  PHE A N   1 
ATOM   319 C CA  . PHE A 1 45  ? 2.946   1.261   -14.934 1.00 32.48 ? 44  PHE A CA  1 
ATOM   320 C C   . PHE A 1 45  ? 2.880   -0.138  -15.538 1.00 31.06 ? 44  PHE A C   1 
ATOM   321 O O   . PHE A 1 45  ? 3.715   -0.990  -15.218 1.00 31.51 ? 44  PHE A O   1 
ATOM   322 C CB  . PHE A 1 45  ? 3.378   1.161   -13.462 1.00 32.55 ? 44  PHE A CB  1 
ATOM   323 C CG  . PHE A 1 45  ? 3.991   2.433   -12.913 1.00 33.64 ? 44  PHE A CG  1 
ATOM   324 C CD1 . PHE A 1 45  ? 5.377   2.619   -12.946 1.00 37.72 ? 44  PHE A CD1 1 
ATOM   325 C CD2 . PHE A 1 45  ? 3.217   3.409   -12.292 1.00 32.92 ? 44  PHE A CD2 1 
ATOM   326 C CE1 . PHE A 1 45  ? 5.985   3.781   -12.336 1.00 36.99 ? 44  PHE A CE1 1 
ATOM   327 C CE2 . PHE A 1 45  ? 3.830   4.585   -11.675 1.00 32.78 ? 44  PHE A CE2 1 
ATOM   328 C CZ  . PHE A 1 45  ? 5.201   4.742   -11.704 1.00 33.55 ? 44  PHE A CZ  1 
ATOM   329 N N   . ALA A 1 46  ? 1.840   -0.385  -16.325 1.00 29.92 ? 45  ALA A N   1 
ATOM   330 C CA  . ALA A 1 46  ? 1.628   -1.705  -16.951 1.00 29.97 ? 45  ALA A CA  1 
ATOM   331 C C   . ALA A 1 46  ? 1.522   -2.846  -15.940 1.00 29.95 ? 45  ALA A C   1 
ATOM   332 O O   . ALA A 1 46  ? 1.995   -3.973  -16.181 1.00 29.41 ? 45  ALA A O   1 
ATOM   333 C CB  . ALA A 1 46  ? 2.741   -1.994  -17.961 1.00 31.38 ? 45  ALA A CB  1 
ATOM   334 N N   . VAL A 1 47  ? 0.854   -2.567  -14.811 1.00 27.03 ? 46  VAL A N   1 
ATOM   335 C CA  . VAL A 1 47  ? 0.705   -3.578  -13.799 1.00 27.36 ? 46  VAL A CA  1 
ATOM   336 C C   . VAL A 1 47  ? -0.823  -3.790  -13.646 1.00 27.23 ? 46  VAL A C   1 
ATOM   337 O O   . VAL A 1 47  ? -1.616  -2.831  -13.679 1.00 27.45 ? 46  VAL A O   1 
ATOM   338 C CB  . VAL A 1 47  ? 1.410   -3.152  -12.417 1.00 25.11 ? 46  VAL A CB  1 
ATOM   339 C CG1 . VAL A 1 47  ? 1.099   -4.193  -11.323 1.00 26.33 ? 46  VAL A CG1 1 
ATOM   340 C CG2 . VAL A 1 47  ? 2.939   -3.059  -12.614 1.00 25.15 ? 46  VAL A CG2 1 
ATOM   341 N N   . ASN A 1 48  ? -1.214  -5.044  -13.505 1.00 26.96 ? 47  ASN A N   1 
ATOM   342 C CA  . ASN A 1 48  ? -2.630  -5.422  -13.397 1.00 26.38 ? 47  ASN A CA  1 
ATOM   343 C C   . ASN A 1 48  ? -3.251  -4.882  -12.082 1.00 26.72 ? 47  ASN A C   1 
ATOM   344 O O   . ASN A 1 48  ? -2.892  -5.375  -10.998 1.00 25.13 ? 47  ASN A O   1 
ATOM   345 C CB  . ASN A 1 48  ? -2.693  -6.970  -13.500 1.00 27.93 ? 47  ASN A CB  1 
ATOM   346 C CG  . ASN A 1 48  ? -4.022  -7.544  -13.117 1.00 29.94 ? 47  ASN A CG  1 
ATOM   347 O OD1 . ASN A 1 48  ? -5.067  -6.863  -13.130 1.00 27.13 ? 47  ASN A OD1 1 
ATOM   348 N ND2 . ASN A 1 48  ? -3.996  -8.795  -12.730 1.00 33.49 ? 47  ASN A ND2 1 
ATOM   349 N N   . PRO A 1 49  ? -4.182  -3.895  -12.149 1.00 26.79 ? 48  PRO A N   1 
ATOM   350 C CA  . PRO A 1 49  ? -4.739  -3.408  -10.868 1.00 27.80 ? 48  PRO A CA  1 
ATOM   351 C C   . PRO A 1 49  ? -5.570  -4.375  -10.049 1.00 27.71 ? 48  PRO A C   1 
ATOM   352 O O   . PRO A 1 49  ? -5.799  -4.138  -8.875  1.00 26.43 ? 48  PRO A O   1 
ATOM   353 C CB  . PRO A 1 49  ? -5.485  -2.141  -11.259 1.00 28.69 ? 48  PRO A CB  1 
ATOM   354 C CG  . PRO A 1 49  ? -5.817  -2.379  -12.707 1.00 31.54 ? 48  PRO A CG  1 
ATOM   355 C CD  . PRO A 1 49  ? -4.618  -3.040  -13.252 1.00 28.51 ? 48  PRO A CD  1 
ATOM   356 N N   . GLY A 1 50  ? -5.951  -5.516  -10.631 1.00 27.21 ? 49  GLY A N   1 
ATOM   357 C CA  . GLY A 1 50  ? -6.694  -6.514  -9.879  1.00 27.26 ? 49  GLY A CA  1 
ATOM   358 C C   . GLY A 1 50  ? -5.833  -7.121  -8.758  1.00 28.35 ? 49  GLY A C   1 
ATOM   359 O O   . GLY A 1 50  ? -6.351  -7.652  -7.752  1.00 27.02 ? 49  GLY A O   1 
ATOM   360 N N   . LEU A 1 51  ? -4.506  -7.000  -8.910  1.00 25.73 ? 50  LEU A N   1 
ATOM   361 C CA  . LEU A 1 51  ? -3.583  -7.547  -7.913  1.00 26.03 ? 50  LEU A CA  1 
ATOM   362 C C   . LEU A 1 51  ? -3.743  -6.839  -6.546  1.00 25.12 ? 50  LEU A C   1 
ATOM   363 O O   . LEU A 1 51  ? -3.318  -7.323  -5.499  1.00 26.88 ? 50  LEU A O   1 
ATOM   364 C CB  . LEU A 1 51  ? -2.124  -7.381  -8.420  1.00 24.70 ? 50  LEU A CB  1 
ATOM   365 C CG  . LEU A 1 51  ? -1.851  -8.378  -9.561  1.00 26.71 ? 50  LEU A CG  1 
ATOM   366 C CD1 . LEU A 1 51  ? -0.499  -8.097  -10.155 1.00 29.63 ? 50  LEU A CD1 1 
ATOM   367 C CD2 . LEU A 1 51  ? -1.958  -9.835  -9.051  1.00 24.64 ? 50  LEU A CD2 1 
ATOM   368 N N   . LEU A 1 52  ? -4.317  -5.663  -6.603  1.00 24.15 ? 51  LEU A N   1 
ATOM   369 C CA  . LEU A 1 52  ? -4.562  -4.881  -5.371  1.00 25.60 ? 51  LEU A CA  1 
ATOM   370 C C   . LEU A 1 52  ? -5.541  -5.600  -4.437  1.00 25.87 ? 51  LEU A C   1 
ATOM   371 O O   . LEU A 1 52  ? -5.627  -5.283  -3.271  1.00 23.43 ? 51  LEU A O   1 
ATOM   372 C CB  . LEU A 1 52  ? -5.177  -3.547  -5.749  1.00 25.91 ? 51  LEU A CB  1 
ATOM   373 C CG  . LEU A 1 52  ? -4.317  -2.488  -6.433  1.00 27.11 ? 51  LEU A CG  1 
ATOM   374 C CD1 . LEU A 1 52  ? -5.179  -1.292  -6.737  1.00 28.27 ? 51  LEU A CD1 1 
ATOM   375 C CD2 . LEU A 1 52  ? -3.131  -2.096  -5.495  1.00 27.35 ? 51  LEU A CD2 1 
ATOM   376 N N   . GLU A 1 53  ? -6.303  -6.541  -4.994  1.00 27.74 ? 52  GLU A N   1 
ATOM   377 C CA  . GLU A 1 53  ? -7.377  -7.185  -4.242  1.00 30.21 ? 52  GLU A CA  1 
ATOM   378 C C   . GLU A 1 53  ? -6.968  -8.182  -3.168  1.00 31.18 ? 52  GLU A C   1 
ATOM   379 O O   . GLU A 1 53  ? -7.774  -8.449  -2.270  1.00 29.02 ? 52  GLU A O   1 
ATOM   380 C CB  . GLU A 1 53  ? -8.357  -7.846  -5.240  1.00 31.91 ? 52  GLU A CB  1 
ATOM   381 C CG  . GLU A 1 53  ? -9.139  -6.856  -6.069  1.00 33.94 ? 52  GLU A CG  1 
ATOM   382 C CD  . GLU A 1 53  ? -9.715  -7.503  -7.307  1.00 37.59 ? 52  GLU A CD  1 
ATOM   383 O OE1 . GLU A 1 53  ? -9.855  -8.765  -7.326  1.00 35.84 ? 52  GLU A OE1 1 
ATOM   384 O OE2 . GLU A 1 53  ? -10.029 -6.729  -8.246  1.00 38.25 ? 52  GLU A OE2 1 
ATOM   385 N N   . THR A 1 54  ? -5.733  -8.717  -3.229  1.00 29.13 ? 53  THR A N   1 
ATOM   386 C CA  . THR A 1 54  ? -5.280  -9.712  -2.239  1.00 27.27 ? 53  THR A CA  1 
ATOM   387 C C   . THR A 1 54  ? -3.878  -9.383  -1.620  1.00 28.62 ? 53  THR A C   1 
ATOM   388 O O   . THR A 1 54  ? -3.154  -8.551  -2.187  1.00 25.88 ? 53  THR A O   1 
ATOM   389 C CB  . THR A 1 54  ? -5.180  -11.149 -2.904  1.00 30.94 ? 53  THR A CB  1 
ATOM   390 O OG1 . THR A 1 54  ? -4.126  -11.173 -3.893  1.00 30.41 ? 53  THR A OG1 1 
ATOM   391 C CG2 . THR A 1 54  ? -6.531  -11.520 -3.625  1.00 31.91 ? 53  THR A CG2 1 
ATOM   392 N N   . SER A 1 55  ? -3.573  -9.958  -0.445  1.00 26.59 ? 54  SER A N   1 
ATOM   393 C CA  . SER A 1 55  ? -2.263  -9.823  0.219   1.00 29.66 ? 54  SER A CA  1 
ATOM   394 C C   . SER A 1 55  ? -1.209  -10.320 -0.768  1.00 29.10 ? 54  SER A C   1 
ATOM   395 O O   . SER A 1 55  ? -0.217  -9.666  -0.978  1.00 30.71 ? 54  SER A O   1 
ATOM   396 C CB  . SER A 1 55  ? -2.148  -10.724 1.461   1.00 29.16 ? 54  SER A CB  1 
ATOM   397 O OG  . SER A 1 55  ? -3.236  -10.510 2.292   1.00 32.86 ? 54  SER A OG  1 
ATOM   398 N N   . GLU A 1 56  ? -1.464  -11.466 -1.408  1.00 30.72 ? 55  GLU A N   1 
ATOM   399 C CA  . GLU A 1 56  ? -0.506  -12.051 -2.362  1.00 30.57 ? 55  GLU A CA  1 
ATOM   400 C C   . GLU A 1 56  ? -0.279  -11.181 -3.618  1.00 29.85 ? 55  GLU A C   1 
ATOM   401 O O   . GLU A 1 56  ? 0.885   -11.049 -4.134  1.00 26.61 ? 55  GLU A O   1 
ATOM   402 C CB  . GLU A 1 56  ? -0.942  -13.492 -2.754  1.00 35.34 ? 55  GLU A CB  1 
ATOM   403 C CG  . GLU A 1 56  ? -0.281  -13.978 -4.124  1.00 44.40 ? 55  GLU A CG  1 
ATOM   404 C CD  . GLU A 1 56  ? -0.377  -15.543 -4.559  1.00 49.92 ? 55  GLU A CD  1 
ATOM   405 O OE1 . GLU A 1 56  ? 0.260   -15.869 -5.620  1.00 51.73 ? 55  GLU A OE1 1 
ATOM   406 O OE2 . GLU A 1 56  ? -1.042  -16.430 -3.912  1.00 50.11 ? 55  GLU A OE2 1 
ATOM   407 N N   . GLY A 1 57  ? -1.371  -10.593 -4.129  1.00 28.91 ? 56  GLY A N   1 
ATOM   408 C CA  . GLY A 1 57  ? -1.280  -9.721  -5.305  1.00 24.41 ? 56  GLY A CA  1 
ATOM   409 C C   . GLY A 1 57  ? -0.515  -8.424  -4.918  1.00 26.36 ? 56  GLY A C   1 
ATOM   410 O O   . GLY A 1 57  ? 0.340   -7.902  -5.701  1.00 22.72 ? 56  GLY A O   1 
ATOM   411 N N   . CYS A 1 58  ? -0.808  -7.863  -3.737  1.00 22.51 ? 57  CYS A N   1 
ATOM   412 C CA  . CYS A 1 58  ? -0.092  -6.643  -3.323  1.00 23.43 ? 57  CYS A CA  1 
ATOM   413 C C   . CYS A 1 58  ? 1.433   -6.923  -3.092  1.00 24.68 ? 57  CYS A C   1 
ATOM   414 O O   . CYS A 1 58  ? 2.305   -6.079  -3.394  1.00 23.67 ? 57  CYS A O   1 
ATOM   415 C CB  . CYS A 1 58  ? -0.702  -6.043  -2.038  1.00 22.19 ? 57  CYS A CB  1 
ATOM   416 S SG  . CYS A 1 58  ? -2.254  -5.188  -2.245  1.00 25.48 ? 57  CYS A SG  1 
ATOM   417 N N   . ARG A 1 59  ? 1.735   -8.100  -2.549  1.00 23.19 ? 58  ARG A N   1 
ATOM   418 C CA  . ARG A 1 59  ? 3.134   -8.470  -2.305  1.00 26.11 ? 58  ARG A CA  1 
ATOM   419 C C   . ARG A 1 59  ? 3.810   -8.592  -3.703  1.00 24.19 ? 58  ARG A C   1 
ATOM   420 O O   . ARG A 1 59  ? 4.934   -8.181  -3.870  1.00 21.55 ? 58  ARG A O   1 
ATOM   421 C CB  . ARG A 1 59  ? 3.219   -9.835  -1.555  1.00 26.60 ? 58  ARG A CB  1 
ATOM   422 C CG  . ARG A 1 59  ? 4.631   -10.221 -1.160  1.00 35.52 ? 58  ARG A CG  1 
ATOM   423 C CD  . ARG A 1 59  ? 4.749   -11.747 -0.874  1.00 42.92 ? 58  ARG A CD  1 
ATOM   424 N NE  . ARG A 1 59  ? 3.518   -12.348 -0.297  1.00 48.59 ? 58  ARG A NE  1 
ATOM   425 C CZ  . ARG A 1 59  ? 3.116   -12.213 0.974   1.00 50.38 ? 58  ARG A CZ  1 
ATOM   426 N NH1 . ARG A 1 59  ? 3.839   -11.485 1.834   1.00 51.32 ? 58  ARG A NH1 1 
ATOM   427 N NH2 . ARG A 1 59  ? 2.013   -12.836 1.396   1.00 48.83 ? 58  ARG A NH2 1 
ATOM   428 N N   . GLN A 1 60  ? 3.125   -9.194  -4.676  1.00 22.92 ? 59  GLN A N   1 
ATOM   429 C CA  . GLN A 1 60  ? 3.701   -9.293  -6.018  1.00 23.95 ? 59  GLN A CA  1 
ATOM   430 C C   . GLN A 1 60  ? 3.965   -7.909  -6.629  1.00 22.74 ? 59  GLN A C   1 
ATOM   431 O O   . GLN A 1 60  ? 4.966   -7.678  -7.320  1.00 21.28 ? 59  GLN A O   1 
ATOM   432 C CB  . GLN A 1 60  ? 2.759   -10.073 -6.948  1.00 25.77 ? 59  GLN A CB  1 
ATOM   433 C CG  . GLN A 1 60  ? 2.812   -11.594 -6.666  1.00 30.08 ? 59  GLN A CG  1 
ATOM   434 C CD  . GLN A 1 60  ? 1.823   -12.348 -7.545  1.00 36.18 ? 59  GLN A CD  1 
ATOM   435 O OE1 . GLN A 1 60  ? 0.790   -11.822 -7.898  1.00 36.37 ? 59  GLN A OE1 1 
ATOM   436 N NE2 . GLN A 1 60  ? 2.157   -13.581 -7.906  1.00 38.72 ? 59  GLN A NE2 1 
ATOM   437 N N   . ILE A 1 61  ? 3.016   -6.999  -6.454  1.00 20.80 ? 60  ILE A N   1 
ATOM   438 C CA  . ILE A 1 61  ? 3.237   -5.652  -6.985  1.00 21.23 ? 60  ILE A CA  1 
ATOM   439 C C   . ILE A 1 61  ? 4.495   -4.982  -6.308  1.00 20.30 ? 60  ILE A C   1 
ATOM   440 O O   . ILE A 1 61  ? 5.293   -4.340  -6.994  1.00 22.33 ? 60  ILE A O   1 
ATOM   441 C CB  . ILE A 1 61  ? 1.980   -4.726  -6.708  1.00 22.09 ? 60  ILE A CB  1 
ATOM   442 C CG1 . ILE A 1 61  ? 0.769   -5.126  -7.601  1.00 24.47 ? 60  ILE A CG1 1 
ATOM   443 C CG2 . ILE A 1 61  ? 2.379   -3.240  -6.950  1.00 23.24 ? 60  ILE A CG2 1 
ATOM   444 C CD1 . ILE A 1 61  ? -0.556  -4.488  -7.004  1.00 27.68 ? 60  ILE A CD1 1 
ATOM   445 N N   . LEU A 1 62  ? 4.610   -5.052  -4.970  1.00 20.17 ? 61  LEU A N   1 
ATOM   446 C CA  . LEU A 1 62  ? 5.745   -4.412  -4.276  1.00 18.22 ? 61  LEU A CA  1 
ATOM   447 C C   . LEU A 1 62  ? 7.043   -5.076  -4.802  1.00 18.60 ? 61  LEU A C   1 
ATOM   448 O O   . LEU A 1 62  ? 8.002   -4.426  -4.945  1.00 18.60 ? 61  LEU A O   1 
ATOM   449 C CB  . LEU A 1 62  ? 5.607   -4.642  -2.754  1.00 20.36 ? 61  LEU A CB  1 
ATOM   450 C CG  . LEU A 1 62  ? 4.326   -3.996  -2.084  1.00 21.86 ? 61  LEU A CG  1 
ATOM   451 C CD1 . LEU A 1 62  ? 4.268   -4.311  -0.563  1.00 26.51 ? 61  LEU A CD1 1 
ATOM   452 C CD2 . LEU A 1 62  ? 4.380   -2.520  -2.266  1.00 22.02 ? 61  LEU A CD2 1 
ATOM   453 N N   . GLY A 1 63  ? 7.050   -6.403  -4.996  1.00 19.02 ? 62  GLY A N   1 
ATOM   454 C CA  . GLY A 1 63  ? 8.249   -7.115  -5.533  1.00 21.00 ? 62  GLY A CA  1 
ATOM   455 C C   . GLY A 1 63  ? 8.671   -6.542  -6.904  1.00 21.04 ? 62  GLY A C   1 
ATOM   456 O O   . GLY A 1 63  ? 9.866   -6.394  -7.238  1.00 23.44 ? 62  GLY A O   1 
ATOM   457 N N   . GLN A 1 64  ? 7.666   -6.251  -7.711  1.00 22.74 ? 63  GLN A N   1 
ATOM   458 C CA  . GLN A 1 64  ? 7.814   -5.631  -9.076  1.00 24.56 ? 63  GLN A CA  1 
ATOM   459 C C   . GLN A 1 64  ? 8.365   -4.159  -9.010  1.00 25.39 ? 63  GLN A C   1 
ATOM   460 O O   . GLN A 1 64  ? 9.234   -3.747  -9.801  1.00 21.99 ? 63  GLN A O   1 
ATOM   461 C CB  . GLN A 1 64  ? 6.420   -5.605  -9.740  1.00 27.77 ? 63  GLN A CB  1 
ATOM   462 C CG  . GLN A 1 64  ? 6.457   -5.661  -11.164 1.00 33.79 ? 63  GLN A CG  1 
ATOM   463 C CD  . GLN A 1 64  ? 7.262   -6.894  -11.605 1.00 34.97 ? 63  GLN A CD  1 
ATOM   464 O OE1 . GLN A 1 64  ? 7.801   -6.857  -12.624 1.00 31.06 ? 63  GLN A OE1 1 
ATOM   465 N NE2 . GLN A 1 64  ? 7.336   -7.992  -10.756 1.00 38.66 ? 63  GLN A NE2 1 
ATOM   466 N N   . LEU A 1 65  ? 7.859   -3.379  -8.045  1.00 21.05 ? 64  LEU A N   1 
ATOM   467 C CA  . LEU A 1 65  ? 8.268   -2.008  -7.906  1.00 21.54 ? 64  LEU A CA  1 
ATOM   468 C C   . LEU A 1 65  ? 9.524   -1.705  -7.072  1.00 21.54 ? 64  LEU A C   1 
ATOM   469 O O   . LEU A 1 65  ? 10.169  -0.714  -7.293  1.00 20.61 ? 64  LEU A O   1 
ATOM   470 C CB  . LEU A 1 65  ? 7.074   -1.195  -7.293  1.00 21.30 ? 64  LEU A CB  1 
ATOM   471 C CG  . LEU A 1 65  ? 5.685   -1.200  -7.983  1.00 21.36 ? 64  LEU A CG  1 
ATOM   472 C CD1 . LEU A 1 65  ? 4.666   -0.402  -7.019  1.00 23.40 ? 64  LEU A CD1 1 
ATOM   473 C CD2 . LEU A 1 65  ? 5.791   -0.567  -9.407  1.00 26.13 ? 64  LEU A CD2 1 
ATOM   474 N N   . GLN A 1 66  ? 9.822   -2.528  -6.069  1.00 19.64 ? 65  GLN A N   1 
ATOM   475 C CA  . GLN A 1 66  ? 10.907  -2.220  -5.166  1.00 21.32 ? 65  GLN A CA  1 
ATOM   476 C C   . GLN A 1 66  ? 12.284  -1.914  -5.822  1.00 20.34 ? 65  GLN A C   1 
ATOM   477 O O   . GLN A 1 66  ? 12.978  -1.028  -5.339  1.00 22.66 ? 65  GLN A O   1 
ATOM   478 C CB  . GLN A 1 66  ? 11.124  -3.386  -4.141  1.00 20.82 ? 65  GLN A CB  1 
ATOM   479 C CG  . GLN A 1 66  ? 12.008  -2.940  -2.951  1.00 24.34 ? 65  GLN A CG  1 
ATOM   480 C CD  . GLN A 1 66  ? 12.097  -4.008  -1.860  1.00 24.96 ? 65  GLN A CD  1 
ATOM   481 O OE1 . GLN A 1 66  ? 12.411  -5.159  -2.136  1.00 22.79 ? 65  GLN A OE1 1 
ATOM   482 N NE2 . GLN A 1 66  ? 11.825  -3.606  -0.611  1.00 25.22 ? 65  GLN A NE2 1 
ATOM   483 N N   . PRO A 1 67  ? 12.697  -2.663  -6.842  1.00 19.19 ? 66  PRO A N   1 
ATOM   484 C CA  . PRO A 1 67  ? 14.031  -2.322  -7.435  1.00 21.74 ? 66  PRO A CA  1 
ATOM   485 C C   . PRO A 1 67  ? 14.168  -0.870  -7.947  1.00 22.45 ? 66  PRO A C   1 
ATOM   486 O O   . PRO A 1 67  ? 15.302  -0.326  -8.099  1.00 25.56 ? 66  PRO A O   1 
ATOM   487 C CB  . PRO A 1 67  ? 14.185  -3.332  -8.581  1.00 22.87 ? 66  PRO A CB  1 
ATOM   488 C CG  . PRO A 1 67  ? 13.477  -4.588  -8.051  1.00 23.24 ? 66  PRO A CG  1 
ATOM   489 C CD  . PRO A 1 67  ? 12.149  -3.894  -7.462  1.00 19.80 ? 66  PRO A CD  1 
ATOM   490 N N   . SER A 1 68  ? 13.032  -0.234  -8.228  1.00 24.18 ? 67  SER A N   1 
ATOM   491 C CA  . SER A 1 68  ? 12.993  1.120   -8.753  1.00 24.54 ? 67  SER A CA  1 
ATOM   492 C C   . SER A 1 68  ? 12.737  2.139   -7.677  1.00 24.86 ? 67  SER A C   1 
ATOM   493 O O   . SER A 1 68  ? 12.740  3.363   -7.946  1.00 23.66 ? 67  SER A O   1 
ATOM   494 C CB  . SER A 1 68  ? 11.867  1.256   -9.800  1.00 25.40 ? 67  SER A CB  1 
ATOM   495 O OG  . SER A 1 68  ? 12.003  0.278   -10.803 1.00 28.12 ? 67  SER A OG  1 
ATOM   496 N N   . LEU A 1 69  ? 12.570  1.653   -6.449  1.00 25.96 ? 68  LEU A N   1 
ATOM   497 C CA  . LEU A 1 69  ? 12.197  2.525   -5.331  1.00 25.89 ? 68  LEU A CA  1 
ATOM   498 C C   . LEU A 1 69  ? 13.330  3.427   -4.862  1.00 28.47 ? 68  LEU A C   1 
ATOM   499 O O   . LEU A 1 69  ? 13.112  4.616   -4.608  1.00 27.06 ? 68  LEU A O   1 
ATOM   500 C CB  . LEU A 1 69  ? 11.648  1.648   -4.169  1.00 28.06 ? 68  LEU A CB  1 
ATOM   501 C CG  . LEU A 1 69  ? 11.038  2.450   -3.008  1.00 28.78 ? 68  LEU A CG  1 
ATOM   502 C CD1 . LEU A 1 69  ? 9.773   3.244   -3.580  1.00 27.58 ? 68  LEU A CD1 1 
ATOM   503 C CD2 . LEU A 1 69  ? 10.589  1.492   -1.860  1.00 28.25 ? 68  LEU A CD2 1 
ATOM   504 N N   . GLN A 1 70  ? 14.557  2.886   -4.845  1.00 28.60 ? 69  GLN A N   1 
ATOM   505 C CA  . GLN A 1 70  ? 15.692  3.701   -4.414  1.00 30.62 ? 69  GLN A CA  1 
ATOM   506 C C   . GLN A 1 70  ? 15.841  4.991   -5.229  1.00 28.82 ? 69  GLN A C   1 
ATOM   507 O O   . GLN A 1 70  ? 16.059  6.065   -4.668  1.00 29.03 ? 69  GLN A O   1 
ATOM   508 C CB  . GLN A 1 70  ? 16.995  2.852   -4.451  1.00 34.53 ? 69  GLN A CB  1 
ATOM   509 C CG  . GLN A 1 70  ? 18.290  3.631   -4.141  1.00 38.73 ? 69  GLN A CG  1 
ATOM   510 C CD  . GLN A 1 70  ? 18.360  4.001   -2.674  1.00 44.21 ? 69  GLN A CD  1 
ATOM   511 O OE1 . GLN A 1 70  ? 17.775  3.296   -1.847  1.00 48.99 ? 69  GLN A OE1 1 
ATOM   512 N NE2 . GLN A 1 70  ? 19.079  5.103   -2.322  1.00 45.24 ? 69  GLN A NE2 1 
ATOM   513 N N   . THR A 1 71  ? 15.740  4.904   -6.551  1.00 27.14 ? 70  THR A N   1 
ATOM   514 C CA  . THR A 1 71  ? 15.870  6.114   -7.414  1.00 26.79 ? 70  THR A CA  1 
ATOM   515 C C   . THR A 1 71  ? 14.467  6.684   -7.793  1.00 26.12 ? 70  THR A C   1 
ATOM   516 O O   . THR A 1 71  ? 14.341  7.517   -8.707  1.00 26.26 ? 70  THR A O   1 
ATOM   517 C CB  . THR A 1 71  ? 16.575  5.762   -8.773  1.00 26.93 ? 70  THR A CB  1 
ATOM   518 O OG1 . THR A 1 71  ? 15.858  4.706   -9.399  1.00 28.62 ? 70  THR A OG1 1 
ATOM   519 C CG2 . THR A 1 71  ? 17.991  5.299   -8.560  1.00 27.88 ? 70  THR A CG2 1 
ATOM   520 N N   . GLY A 1 72  ? 13.424  6.219   -7.087  1.00 25.48 ? 71  GLY A N   1 
ATOM   521 C CA  . GLY A 1 72  ? 12.057  6.576   -7.499  1.00 25.43 ? 71  GLY A CA  1 
ATOM   522 C C   . GLY A 1 72  ? 11.598  8.023   -7.330  1.00 25.41 ? 71  GLY A C   1 
ATOM   523 O O   . GLY A 1 72  ? 12.037  8.683   -6.384  1.00 26.58 ? 71  GLY A O   1 
ATOM   524 N N   . SER A 1 73  ? 10.741  8.497   -8.242  1.00 23.38 ? 72  SER A N   1 
ATOM   525 C CA  . SER A 1 73  ? 10.168  9.837   -8.141  1.00 25.97 ? 72  SER A CA  1 
ATOM   526 C C   . SER A 1 73  ? 9.142   9.797   -6.975  1.00 27.20 ? 72  SER A C   1 
ATOM   527 O O   . SER A 1 73  ? 8.797   8.715   -6.469  1.00 23.86 ? 72  SER A O   1 
ATOM   528 C CB  . SER A 1 73  ? 9.403   10.212  -9.422  1.00 25.95 ? 72  SER A CB  1 
ATOM   529 O OG  . SER A 1 73  ? 8.413   9.189   -9.683  1.00 25.66 ? 72  SER A OG  1 
ATOM   530 N N   . GLU A 1 74  ? 8.650   10.967  -6.558  1.00 27.52 ? 73  GLU A N   1 
ATOM   531 C CA  . GLU A 1 74  ? 7.625   11.011  -5.502  1.00 29.34 ? 73  GLU A CA  1 
ATOM   532 C C   . GLU A 1 74  ? 6.407   10.177  -5.887  1.00 26.88 ? 73  GLU A C   1 
ATOM   533 O O   . GLU A 1 74  ? 5.780   9.511   -5.053  1.00 28.78 ? 73  GLU A O   1 
ATOM   534 C CB  . GLU A 1 74  ? 7.137   12.456  -5.315  1.00 34.65 ? 73  GLU A CB  1 
ATOM   535 C CG  . GLU A 1 74  ? 8.101   13.207  -4.472  1.00 42.23 ? 73  GLU A CG  1 
ATOM   536 C CD  . GLU A 1 74  ? 8.349   12.372  -3.240  1.00 46.89 ? 73  GLU A CD  1 
ATOM   537 O OE1 . GLU A 1 74  ? 7.298   11.925  -2.622  1.00 48.00 ? 73  GLU A OE1 1 
ATOM   538 O OE2 . GLU A 1 74  ? 9.555   12.129  -2.933  1.00 46.56 ? 73  GLU A OE2 1 
ATOM   539 N N   . GLU A 1 75  ? 6.024   10.251  -7.153  1.00 27.29 ? 74  GLU A N   1 
ATOM   540 C CA  . GLU A 1 75  ? 4.872   9.461   -7.644  1.00 25.97 ? 74  GLU A CA  1 
ATOM   541 C C   . GLU A 1 75  ? 5.072   7.943   -7.371  1.00 25.85 ? 74  GLU A C   1 
ATOM   542 O O   . GLU A 1 75  ? 4.166   7.258   -6.883  1.00 24.61 ? 74  GLU A O   1 
ATOM   543 C CB  . GLU A 1 75  ? 4.682   9.649   -9.150  1.00 28.02 ? 74  GLU A CB  1 
ATOM   544 C CG  . GLU A 1 75  ? 3.601   8.704   -9.762  1.00 30.64 ? 74  GLU A CG  1 
ATOM   545 C CD  . GLU A 1 75  ? 3.512   8.765   -11.298 1.00 38.42 ? 74  GLU A CD  1 
ATOM   546 O OE1 . GLU A 1 75  ? 4.311   9.479   -11.943 1.00 40.48 ? 74  GLU A OE1 1 
ATOM   547 O OE2 . GLU A 1 75  ? 2.648   8.075   -11.881 1.00 39.72 ? 74  GLU A OE2 1 
ATOM   548 N N   . LEU A 1 76  ? 6.255   7.424   -7.731  1.00 23.83 ? 75  LEU A N   1 
ATOM   549 C CA  . LEU A 1 76  ? 6.537   5.998   -7.525  1.00 24.91 ? 75  LEU A CA  1 
ATOM   550 C C   . LEU A 1 76  ? 6.606   5.690   -6.025  1.00 24.89 ? 75  LEU A C   1 
ATOM   551 O O   . LEU A 1 76  ? 6.108   4.660   -5.570  1.00 24.41 ? 75  LEU A O   1 
ATOM   552 C CB  . LEU A 1 76  ? 7.906   5.621   -8.142  1.00 26.47 ? 75  LEU A CB  1 
ATOM   553 C CG  . LEU A 1 76  ? 8.342   4.152   -7.820  1.00 27.88 ? 75  LEU A CG  1 
ATOM   554 C CD1 . LEU A 1 76  ? 7.225   3.257   -8.264  1.00 31.79 ? 75  LEU A CD1 1 
ATOM   555 C CD2 . LEU A 1 76  ? 9.602   3.741   -8.619  1.00 30.84 ? 75  LEU A CD2 1 
ATOM   556 N N   . ARG A 1 77  ? 7.285   6.552   -5.270  1.00 24.07 ? 76  ARG A N   1 
ATOM   557 C CA  . ARG A 1 77  ? 7.361   6.350   -3.806  1.00 26.64 ? 76  ARG A CA  1 
ATOM   558 C C   . ARG A 1 77  ? 5.960   6.394   -3.213  1.00 23.91 ? 76  ARG A C   1 
ATOM   559 O O   . ARG A 1 77  ? 5.627   5.587   -2.363  1.00 25.71 ? 76  ARG A O   1 
ATOM   560 C CB  . ARG A 1 77  ? 8.189   7.437   -3.155  1.00 30.07 ? 76  ARG A CB  1 
ATOM   561 C CG  . ARG A 1 77  ? 9.664   7.153   -3.392  1.00 39.44 ? 76  ARG A CG  1 
ATOM   562 C CD  . ARG A 1 77  ? 10.565  8.156   -2.633  1.00 45.73 ? 76  ARG A CD  1 
ATOM   563 N NE  . ARG A 1 77  ? 11.737  8.539   -3.431  1.00 51.69 ? 76  ARG A NE  1 
ATOM   564 C CZ  . ARG A 1 77  ? 12.880  7.858   -3.456  1.00 54.62 ? 76  ARG A CZ  1 
ATOM   565 N NH1 . ARG A 1 77  ? 12.993  6.748   -2.696  1.00 55.17 ? 76  ARG A NH1 1 
ATOM   566 N NH2 . ARG A 1 77  ? 13.894  8.276   -4.262  1.00 56.12 ? 76  ARG A NH2 1 
ATOM   567 N N   . SER A 1 78  ? 5.139   7.336   -3.652  1.00 25.11 ? 77  SER A N   1 
ATOM   568 C CA  . SER A 1 78  ? 3.764   7.377   -3.084  1.00 25.54 ? 77  SER A CA  1 
ATOM   569 C C   . SER A 1 78  ? 2.934   6.110   -3.405  1.00 25.88 ? 77  SER A C   1 
ATOM   570 O O   . SER A 1 78  ? 2.133   5.644   -2.576  1.00 25.40 ? 77  SER A O   1 
ATOM   571 C CB  . SER A 1 78  ? 3.017   8.635   -3.575  1.00 24.79 ? 77  SER A CB  1 
ATOM   572 O OG  . SER A 1 78  ? 3.808   9.823   -3.288  1.00 27.60 ? 77  SER A OG  1 
ATOM   573 N N   . LEU A 1 79  ? 3.063   5.618   -4.640  1.00 23.91 ? 78  LEU A N   1 
ATOM   574 C CA  . LEU A 1 79  ? 2.358   4.407   -5.051  1.00 21.46 ? 78  LEU A CA  1 
ATOM   575 C C   . LEU A 1 79  ? 2.798   3.224   -4.164  1.00 21.63 ? 78  LEU A C   1 
ATOM   576 O O   . LEU A 1 79  ? 2.002   2.376   -3.762  1.00 20.48 ? 78  LEU A O   1 
ATOM   577 C CB  . LEU A 1 79  ? 2.735   4.085   -6.514  1.00 22.45 ? 78  LEU A CB  1 
ATOM   578 C CG  . LEU A 1 79  ? 2.126   2.781   -7.133  1.00 22.11 ? 78  LEU A CG  1 
ATOM   579 C CD1 . LEU A 1 79  ? 0.534   2.912   -7.041  1.00 24.71 ? 78  LEU A CD1 1 
ATOM   580 C CD2 . LEU A 1 79  ? 2.561   2.670   -8.623  1.00 24.81 ? 78  LEU A CD2 1 
ATOM   581 N N   . TYR A 1 80  ? 4.117   3.113   -4.009  1.00 21.98 ? 79  TYR A N   1 
ATOM   582 C CA  . TYR A 1 80  ? 4.667   2.025   -3.245  1.00 23.14 ? 79  TYR A CA  1 
ATOM   583 C C   . TYR A 1 80  ? 4.139   2.064   -1.775  1.00 21.59 ? 79  TYR A C   1 
ATOM   584 O O   . TYR A 1 80  ? 3.705   1.070   -1.281  1.00 20.96 ? 79  TYR A O   1 
ATOM   585 C CB  . TYR A 1 80  ? 6.192   2.124   -3.219  1.00 22.83 ? 79  TYR A CB  1 
ATOM   586 C CG  . TYR A 1 80  ? 6.805   0.874   -2.660  1.00 24.99 ? 79  TYR A CG  1 
ATOM   587 C CD1 . TYR A 1 80  ? 6.981   0.704   -1.278  1.00 24.89 ? 79  TYR A CD1 1 
ATOM   588 C CD2 . TYR A 1 80  ? 7.239   -0.139  -3.528  1.00 24.90 ? 79  TYR A CD2 1 
ATOM   589 C CE1 . TYR A 1 80  ? 7.612   -0.450  -0.758  1.00 24.33 ? 79  TYR A CE1 1 
ATOM   590 C CE2 . TYR A 1 80  ? 7.864   -1.299  -3.056  1.00 24.82 ? 79  TYR A CE2 1 
ATOM   591 C CZ  . TYR A 1 80  ? 8.069   -1.452  -1.687  1.00 25.38 ? 79  TYR A CZ  1 
ATOM   592 O OH  . TYR A 1 80  ? 8.769   -2.569  -1.280  1.00 23.57 ? 79  TYR A OH  1 
ATOM   593 N N   . ASN A 1 81  ? 4.191   3.229   -1.154  1.00 21.79 ? 80  ASN A N   1 
ATOM   594 C CA  . ASN A 1 81  ? 3.739   3.450   0.240   1.00 22.24 ? 80  ASN A CA  1 
ATOM   595 C C   . ASN A 1 81  ? 2.235   3.010   0.381   1.00 22.38 ? 80  ASN A C   1 
ATOM   596 O O   . ASN A 1 81  ? 1.866   2.251   1.293   1.00 21.75 ? 80  ASN A O   1 
ATOM   597 C CB  . ASN A 1 81  ? 3.874   4.946   0.540   1.00 23.62 ? 80  ASN A CB  1 
ATOM   598 C CG  . ASN A 1 81  ? 5.326   5.398   0.845   1.00 26.02 ? 80  ASN A CG  1 
ATOM   599 O OD1 . ASN A 1 81  ? 6.201   4.610   0.899   1.00 27.01 ? 80  ASN A OD1 1 
ATOM   600 N ND2 . ASN A 1 81  ? 5.525   6.701   0.994   1.00 29.38 ? 80  ASN A ND2 1 
ATOM   601 N N   . THR A 1 82  ? 1.411   3.429   -0.584  1.00 21.16 ? 81  THR A N   1 
ATOM   602 C CA  . THR A 1 82  ? -0.044  3.123   -0.530  1.00 21.59 ? 81  THR A CA  1 
ATOM   603 C C   . THR A 1 82  ? -0.266  1.624   -0.626  1.00 22.30 ? 81  THR A C   1 
ATOM   604 O O   . THR A 1 82  ? -1.008  1.052   0.146   1.00 22.88 ? 81  THR A O   1 
ATOM   605 C CB  . THR A 1 82  ? -0.806  3.848   -1.683  1.00 19.71 ? 81  THR A CB  1 
ATOM   606 O OG1 . THR A 1 82  ? -0.660  5.278   -1.539  1.00 21.33 ? 81  THR A OG1 1 
ATOM   607 C CG2 . THR A 1 82  ? -2.331  3.536   -1.699  1.00 18.67 ? 81  THR A CG2 1 
ATOM   608 N N   . ILE A 1 83  ? 0.470   0.947   -1.510  1.00 21.25 ? 82  ILE A N   1 
ATOM   609 C CA  . ILE A 1 83  ? 0.294   -0.510  -1.662  1.00 19.16 ? 82  ILE A CA  1 
ATOM   610 C C   . ILE A 1 83  ? 0.823   -1.261  -0.475  1.00 19.82 ? 82  ILE A C   1 
ATOM   611 O O   . ILE A 1 83  ? 0.270   -2.284  -0.057  1.00 18.21 ? 82  ILE A O   1 
ATOM   612 C CB  . ILE A 1 83  ? 0.896   -0.975  -3.042  1.00 21.71 ? 82  ILE A CB  1 
ATOM   613 C CG1 . ILE A 1 83  ? 0.031   -0.295  -4.149  1.00 23.60 ? 82  ILE A CG1 1 
ATOM   614 C CG2 . ILE A 1 83  ? 0.825   -2.491  -3.245  1.00 21.54 ? 82  ILE A CG2 1 
ATOM   615 C CD1 . ILE A 1 83  ? 0.544   -0.520  -5.549  1.00 27.06 ? 82  ILE A CD1 1 
ATOM   616 N N   . ALA A 1 84  ? 1.888   -0.776  0.121   1.00 20.23 ? 83  ALA A N   1 
ATOM   617 C CA  . ALA A 1 84  ? 2.427   -1.500  1.307   1.00 22.67 ? 83  ALA A CA  1 
ATOM   618 C C   . ALA A 1 84  ? 1.301   -1.505  2.421   1.00 22.30 ? 83  ALA A C   1 
ATOM   619 O O   . ALA A 1 84  ? 1.126   -2.463  3.206   1.00 22.74 ? 83  ALA A O   1 
ATOM   620 C CB  . ALA A 1 84  ? 3.651   -0.683  1.843   1.00 22.20 ? 83  ALA A CB  1 
ATOM   621 N N   . VAL A 1 85  ? 0.662   -0.346  2.541   1.00 22.15 ? 84  VAL A N   1 
ATOM   622 C CA  . VAL A 1 85  ? -0.384  -0.185  3.576   1.00 21.72 ? 84  VAL A CA  1 
ATOM   623 C C   . VAL A 1 85  ? -1.488  -1.149  3.274   1.00 22.18 ? 84  VAL A C   1 
ATOM   624 O O   . VAL A 1 85  ? -2.001  -1.840  4.180   1.00 26.74 ? 84  VAL A O   1 
ATOM   625 C CB  . VAL A 1 85  ? -0.868  1.313   3.669   1.00 20.86 ? 84  VAL A CB  1 
ATOM   626 C CG1 . VAL A 1 85  ? -2.056  1.416   4.751   1.00 20.28 ? 84  VAL A CG1 1 
ATOM   627 C CG2 . VAL A 1 85  ? 0.288   2.131   4.297   1.00 20.67 ? 84  VAL A CG2 1 
ATOM   628 N N   . LEU A 1 86  ? -1.847  -1.234  2.000   1.00 22.70 ? 85  LEU A N   1 
ATOM   629 C CA  . LEU A 1 86  ? -2.917  -2.142  1.589   1.00 23.20 ? 85  LEU A CA  1 
ATOM   630 C C   . LEU A 1 86  ? -2.556  -3.566  1.828   1.00 24.84 ? 85  LEU A C   1 
ATOM   631 O O   . LEU A 1 86  ? -3.417  -4.386  2.190   1.00 23.99 ? 85  LEU A O   1 
ATOM   632 C CB  . LEU A 1 86  ? -3.196  -1.909  0.127   1.00 25.03 ? 85  LEU A CB  1 
ATOM   633 C CG  . LEU A 1 86  ? -4.443  -2.538  -0.361  1.00 27.47 ? 85  LEU A CG  1 
ATOM   634 C CD1 . LEU A 1 86  ? -5.732  -1.972  0.495   1.00 29.12 ? 85  LEU A CD1 1 
ATOM   635 C CD2 . LEU A 1 86  ? -4.576  -2.090  -1.815  1.00 32.63 ? 85  LEU A CD2 1 
ATOM   636 N N   . TYR A 1 87  ? -1.276  -3.917  1.572   1.00 22.86 ? 86  TYR A N   1 
ATOM   637 C CA  . TYR A 1 87  ? -0.855  -5.289  1.848   1.00 24.57 ? 86  TYR A CA  1 
ATOM   638 C C   . TYR A 1 87  ? -1.069  -5.561  3.357   1.00 23.48 ? 86  TYR A C   1 
ATOM   639 O O   . TYR A 1 87  ? -1.606  -6.590  3.775   1.00 25.01 ? 86  TYR A O   1 
ATOM   640 C CB  . TYR A 1 87  ? 0.679   -5.430  1.513   1.00 23.92 ? 86  TYR A CB  1 
ATOM   641 C CG  . TYR A 1 87  ? 1.275   -6.698  2.108   1.00 27.79 ? 86  TYR A CG  1 
ATOM   642 C CD1 . TYR A 1 87  ? 1.119   -7.938  1.490   1.00 28.34 ? 86  TYR A CD1 1 
ATOM   643 C CD2 . TYR A 1 87  ? 1.989   -6.637  3.320   1.00 28.87 ? 86  TYR A CD2 1 
ATOM   644 C CE1 . TYR A 1 87  ? 1.667   -9.078  2.031   1.00 29.05 ? 86  TYR A CE1 1 
ATOM   645 C CE2 . TYR A 1 87  ? 2.519   -7.754  3.893   1.00 30.44 ? 86  TYR A CE2 1 
ATOM   646 C CZ  . TYR A 1 87  ? 2.361   -8.973  3.250   1.00 32.39 ? 86  TYR A CZ  1 
ATOM   647 O OH  . TYR A 1 87  ? 2.854   -10.091 3.867   1.00 34.61 ? 86  TYR A OH  1 
ATOM   648 N N   . CYS A 1 88  ? -0.624  -4.633  4.195   1.00 25.17 ? 87  CYS A N   1 
ATOM   649 C CA  . CYS A 1 88  ? -0.802  -4.821  5.668   1.00 25.75 ? 87  CYS A CA  1 
ATOM   650 C C   . CYS A 1 88  ? -2.277  -5.007  6.013   1.00 26.33 ? 87  CYS A C   1 
ATOM   651 O O   . CYS A 1 88  ? -2.629  -5.924  6.757   1.00 25.12 ? 87  CYS A O   1 
ATOM   652 C CB  . CYS A 1 88  ? -0.223  -3.610  6.429   1.00 25.49 ? 87  CYS A CB  1 
ATOM   653 S SG  . CYS A 1 88  ? 1.631   -3.745  6.422   1.00 27.64 ? 87  CYS A SG  1 
ATOM   654 N N   . VAL A 1 89  ? -3.131  -4.139  5.456   1.00 28.19 ? 88  VAL A N   1 
ATOM   655 C CA  . VAL A 1 89  ? -4.581  -4.232  5.736   1.00 29.58 ? 88  VAL A CA  1 
ATOM   656 C C   . VAL A 1 89  ? -5.060  -5.599  5.278   1.00 29.82 ? 88  VAL A C   1 
ATOM   657 O O   . VAL A 1 89  ? -5.709  -6.285  6.052   1.00 28.87 ? 88  VAL A O   1 
ATOM   658 C CB  . VAL A 1 89  ? -5.406  -3.100  5.047   1.00 29.41 ? 88  VAL A CB  1 
ATOM   659 C CG1 . VAL A 1 89  ? -6.952  -3.417  5.142   1.00 31.71 ? 88  VAL A CG1 1 
ATOM   660 C CG2 . VAL A 1 89  ? -5.071  -1.774  5.699   1.00 30.19 ? 88  VAL A CG2 1 
ATOM   661 N N   . HIS A 1 90  ? -4.716  -6.046  4.046   1.00 29.34 ? 89  HIS A N   1 
ATOM   662 C CA  . HIS A 1 90  ? -5.166  -7.378  3.606   1.00 31.41 ? 89  HIS A CA  1 
ATOM   663 C C   . HIS A 1 90  ? -4.615  -8.509  4.498   1.00 33.01 ? 89  HIS A C   1 
ATOM   664 O O   . HIS A 1 90  ? -5.268  -9.535  4.738   1.00 33.73 ? 89  HIS A O   1 
ATOM   665 C CB  . HIS A 1 90  ? -4.757  -7.689  2.142   1.00 30.33 ? 89  HIS A CB  1 
ATOM   666 C CG  . HIS A 1 90  ? -5.548  -6.942  1.108   1.00 30.76 ? 89  HIS A CG  1 
ATOM   667 N ND1 . HIS A 1 90  ? -6.902  -6.709  1.236   1.00 29.95 ? 89  HIS A ND1 1 
ATOM   668 C CD2 . HIS A 1 90  ? -5.183  -6.398  -0.082  1.00 29.71 ? 89  HIS A CD2 1 
ATOM   669 C CE1 . HIS A 1 90  ? -7.336  -6.051  0.174   1.00 30.71 ? 89  HIS A CE1 1 
ATOM   670 N NE2 . HIS A 1 90  ? -6.315  -5.851  -0.646  1.00 30.46 ? 89  HIS A NE2 1 
ATOM   671 N N   . GLN A 1 91  ? -3.423  -8.308  5.014   1.00 36.15 ? 90  GLN A N   1 
ATOM   672 C CA  . GLN A 1 91  ? -2.744  -9.295  5.844   1.00 38.92 ? 90  GLN A CA  1 
ATOM   673 C C   . GLN A 1 91  ? -3.170  -9.264  7.308   1.00 39.29 ? 90  GLN A C   1 
ATOM   674 O O   . GLN A 1 91  ? -2.721  -10.096 8.110   1.00 37.68 ? 90  GLN A O   1 
ATOM   675 C CB  . GLN A 1 91  ? -1.230  -9.058  5.779   1.00 42.28 ? 90  GLN A CB  1 
ATOM   676 C CG  . GLN A 1 91  ? -0.601  -9.821  4.668   1.00 47.31 ? 90  GLN A CG  1 
ATOM   677 C CD  . GLN A 1 91  ? -0.829  -11.304 4.856   1.00 48.17 ? 90  GLN A CD  1 
ATOM   678 O OE1 . GLN A 1 91  ? -0.374  -11.863 5.831   1.00 52.18 ? 90  GLN A OE1 1 
ATOM   679 N NE2 . GLN A 1 91  ? -1.527  -11.930 3.948   1.00 49.30 ? 90  GLN A NE2 1 
ATOM   680 N N   . ARG A 1 92  ? -4.011  -8.295  7.634   1.00 39.59 ? 91  ARG A N   1 
ATOM   681 C CA  . ARG A 1 92  ? -4.483  -8.117  8.973   1.00 40.59 ? 91  ARG A CA  1 
ATOM   682 C C   . ARG A 1 92  ? -3.335  -7.796  9.904   1.00 40.47 ? 91  ARG A C   1 
ATOM   683 O O   . ARG A 1 92  ? -3.308  -8.279  11.032  1.00 40.57 ? 91  ARG A O   1 
ATOM   684 C CB  . ARG A 1 92  ? -5.191  -9.376  9.456   1.00 43.19 ? 91  ARG A CB  1 
ATOM   685 C CG  . ARG A 1 92  ? -6.490  -9.661  8.697   1.00 47.87 ? 91  ARG A CG  1 
ATOM   686 C CD  . ARG A 1 92  ? -7.230  -10.861 9.299   1.00 53.28 ? 91  ARG A CD  1 
ATOM   687 N NE  . ARG A 1 92  ? -8.657  -10.562 9.324   1.00 59.24 ? 91  ARG A NE  1 
ATOM   688 C CZ  . ARG A 1 92  ? -9.623  -11.372 9.765   1.00 61.67 ? 91  ARG A CZ  1 
ATOM   689 N NH1 . ARG A 1 92  ? -9.337  -12.583 10.247  1.00 61.45 ? 91  ARG A NH1 1 
ATOM   690 N NH2 . ARG A 1 92  ? -10.893 -10.953 9.716   1.00 62.38 ? 91  ARG A NH2 1 
ATOM   691 N N   . ILE A 1 93  ? -2.385  -6.986  9.432   1.00 37.38 ? 92  ILE A N   1 
ATOM   692 C CA  . ILE A 1 93  ? -1.258  -6.559  10.223  1.00 35.08 ? 92  ILE A CA  1 
ATOM   693 C C   . ILE A 1 93  ? -1.632  -5.158  10.661  1.00 35.06 ? 92  ILE A C   1 
ATOM   694 O O   . ILE A 1 93  ? -1.752  -4.265  9.820   1.00 30.63 ? 92  ILE A O   1 
ATOM   695 C CB  . ILE A 1 93  ? 0.042   -6.462  9.370   1.00 34.72 ? 92  ILE A CB  1 
ATOM   696 C CG1 . ILE A 1 93  ? 0.416   -7.843  8.870   1.00 35.16 ? 92  ILE A CG1 1 
ATOM   697 C CG2 . ILE A 1 93  ? 1.199   -5.835  10.163  1.00 34.52 ? 92  ILE A CG2 1 
ATOM   698 C CD1 . ILE A 1 93  ? 1.502   -7.821  7.829   1.00 37.06 ? 92  ILE A CD1 1 
ATOM   699 N N   . ASP A 1 94  ? -1.803  -4.944  11.971  1.00 35.81 ? 93  ASP A N   1 
ATOM   700 C CA  . ASP A 1 94  ? -2.164  -3.607  12.403  1.00 37.57 ? 93  ASP A CA  1 
ATOM   701 C C   . ASP A 1 94  ? -1.067  -2.592  12.218  1.00 34.82 ? 93  ASP A C   1 
ATOM   702 O O   . ASP A 1 94  ? 0.081   -2.828  12.583  1.00 36.42 ? 93  ASP A O   1 
ATOM   703 C CB  . ASP A 1 94  ? -2.547  -3.569  13.874  1.00 42.98 ? 93  ASP A CB  1 
ATOM   704 C CG  . ASP A 1 94  ? -3.579  -4.585  14.226  1.00 48.16 ? 93  ASP A CG  1 
ATOM   705 O OD1 . ASP A 1 94  ? -4.667  -4.610  13.578  1.00 51.41 ? 93  ASP A OD1 1 
ATOM   706 O OD2 . ASP A 1 94  ? -3.301  -5.366  15.174  1.00 53.00 ? 93  ASP A OD2 1 
ATOM   707 N N   . VAL A 1 95  ? -1.427  -1.439  11.685  1.00 32.87 ? 94  VAL A N   1 
ATOM   708 C CA  . VAL A 1 95  ? -0.459  -0.336  11.518  1.00 31.06 ? 94  VAL A CA  1 
ATOM   709 C C   . VAL A 1 95  ? -1.135  1.018   11.785  1.00 30.42 ? 94  VAL A C   1 
ATOM   710 O O   . VAL A 1 95  ? -2.293  1.221   11.436  1.00 30.03 ? 94  VAL A O   1 
ATOM   711 C CB  . VAL A 1 95  ? 0.161   -0.248  10.067  1.00 31.01 ? 94  VAL A CB  1 
ATOM   712 C CG1 . VAL A 1 95  ? 1.040   -1.492  9.793   1.00 29.48 ? 94  VAL A CG1 1 
ATOM   713 C CG2 . VAL A 1 95  ? -0.943  -0.076  9.041   1.00 30.89 ? 94  VAL A CG2 1 
ATOM   714 N N   . LYS A 1 96  ? -0.388  1.937   12.367  1.00 29.60 ? 95  LYS A N   1 
ATOM   715 C CA  . LYS A 1 96  ? -0.890  3.264   12.621  1.00 32.30 ? 95  LYS A CA  1 
ATOM   716 C C   . LYS A 1 96  ? -0.615  4.243   11.485  1.00 30.54 ? 95  LYS A C   1 
ATOM   717 O O   . LYS A 1 96  ? -1.316  5.237   11.341  1.00 29.37 ? 95  LYS A O   1 
ATOM   718 C CB  . LYS A 1 96  ? -0.305  3.823   13.945  1.00 37.15 ? 95  LYS A CB  1 
ATOM   719 C CG  . LYS A 1 96  ? -0.387  2.845   15.182  1.00 42.39 ? 95  LYS A CG  1 
ATOM   720 C CD  . LYS A 1 96  ? -1.586  1.846   15.028  1.00 47.25 ? 95  LYS A CD  1 
ATOM   721 C CE  . LYS A 1 96  ? -1.431  0.426   15.725  1.00 49.75 ? 95  LYS A CE  1 
ATOM   722 N NZ  . LYS A 1 96  ? -0.116  -0.340  15.371  1.00 51.59 ? 95  LYS A NZ  1 
ATOM   723 N N   . ASP A 1 97  ? 0.414   3.973   10.659  1.00 28.92 ? 96  ASP A N   1 
ATOM   724 C CA  . ASP A 1 97  ? 0.757   4.876   9.589   1.00 27.93 ? 96  ASP A CA  1 
ATOM   725 C C   . ASP A 1 97  ? 1.628   4.143   8.519   1.00 26.08 ? 96  ASP A C   1 
ATOM   726 O O   . ASP A 1 97  ? 1.914   2.979   8.664   1.00 26.66 ? 96  ASP A O   1 
ATOM   727 C CB  . ASP A 1 97  ? 1.491   6.056   10.139  1.00 28.36 ? 96  ASP A CB  1 
ATOM   728 C CG  . ASP A 1 97  ? 2.729   5.632   10.942  1.00 33.60 ? 96  ASP A CG  1 
ATOM   729 O OD1 . ASP A 1 97  ? 3.593   4.884   10.378  1.00 31.38 ? 96  ASP A OD1 1 
ATOM   730 O OD2 . ASP A 1 97  ? 2.825   6.044   12.133  1.00 29.87 ? 96  ASP A OD2 1 
ATOM   731 N N   . THR A 1 98  ? 1.998   4.856   7.466   1.00 25.17 ? 97  THR A N   1 
ATOM   732 C CA  . THR A 1 98  ? 2.776   4.270   6.352   1.00 25.33 ? 97  THR A CA  1 
ATOM   733 C C   . THR A 1 98  ? 4.154   3.780   6.860   1.00 27.34 ? 97  THR A C   1 
ATOM   734 O O   . THR A 1 98  ? 4.631   2.700   6.452   1.00 26.13 ? 97  THR A O   1 
ATOM   735 C CB  . THR A 1 98  ? 3.001   5.325   5.248   1.00 23.30 ? 97  THR A CB  1 
ATOM   736 O OG1 . THR A 1 98  ? 1.723   5.835   4.854   1.00 24.37 ? 97  THR A OG1 1 
ATOM   737 C CG2 . THR A 1 98  ? 3.753   4.736   3.996   1.00 22.83 ? 97  THR A CG2 1 
ATOM   738 N N   . LYS A 1 99  ? 4.774   4.567   7.731   1.00 26.94 ? 98  LYS A N   1 
ATOM   739 C CA  . LYS A 1 99  ? 6.085   4.167   8.277   1.00 30.72 ? 98  LYS A CA  1 
ATOM   740 C C   . LYS A 1 99  ? 6.034   2.809   8.958   1.00 30.83 ? 98  LYS A C   1 
ATOM   741 O O   . LYS A 1 99  ? 6.913   1.930   8.733   1.00 29.62 ? 98  LYS A O   1 
ATOM   742 C CB  . LYS A 1 99  ? 6.616   5.254   9.252   1.00 32.99 ? 98  LYS A CB  1 
ATOM   743 C CG  . LYS A 1 99  ? 8.136   5.085   9.604   1.00 36.29 ? 98  LYS A CG  1 
ATOM   744 C CD  . LYS A 1 99  ? 8.520   6.049   10.721  1.00 39.02 ? 98  LYS A CD  1 
ATOM   745 C CE  . LYS A 1 99  ? 10.010  5.891   11.057  1.00 42.17 ? 98  LYS A CE  1 
ATOM   746 N NZ  . LYS A 1 99  ? 10.399  6.856   12.109  1.00 43.77 ? 98  LYS A NZ  1 
ATOM   747 N N   . GLU A 1 100 ? 5.006   2.598   9.778   1.00 30.90 ? 99  GLU A N   1 
ATOM   748 C CA  . GLU A 1 100 ? 4.847   1.323   10.461  1.00 31.53 ? 99  GLU A CA  1 
ATOM   749 C C   . GLU A 1 100 ? 4.613   0.147   9.487   1.00 31.89 ? 99  GLU A C   1 
ATOM   750 O O   . GLU A 1 100 ? 5.114   -0.953  9.676   1.00 29.53 ? 99  GLU A O   1 
ATOM   751 C CB  . GLU A 1 100 ? 3.667   1.374   11.440  1.00 34.63 ? 99  GLU A CB  1 
ATOM   752 C CG  . GLU A 1 100 ? 4.096   1.592   12.849  1.00 35.98 ? 99  GLU A CG  1 
ATOM   753 C CD  . GLU A 1 100 ? 2.979   1.506   13.899  1.00 40.13 ? 99  GLU A CD  1 
ATOM   754 O OE1 . GLU A 1 100 ? 1.952   0.848   13.657  1.00 38.08 ? 99  GLU A OE1 1 
ATOM   755 O OE2 . GLU A 1 100 ? 3.179   2.113   15.008  1.00 43.06 ? 99  GLU A OE2 1 
ATOM   756 N N   . ALA A 1 101 ? 3.769   0.397   8.476   1.00 30.66 ? 100 ALA A N   1 
ATOM   757 C CA  . ALA A 1 101 ? 3.471   -0.566  7.480   1.00 25.85 ? 100 ALA A CA  1 
ATOM   758 C C   . ALA A 1 101 ? 4.786   -1.051  6.795   1.00 25.58 ? 100 ALA A C   1 
ATOM   759 O O   . ALA A 1 101 ? 5.054   -2.241  6.737   1.00 23.37 ? 100 ALA A O   1 
ATOM   760 C CB  . ALA A 1 101 ? 2.546   0.115   6.428   1.00 26.72 ? 100 ALA A CB  1 
ATOM   761 N N   . LEU A 1 102 ? 5.576   -0.090  6.294   1.00 26.89 ? 101 LEU A N   1 
ATOM   762 C CA  . LEU A 1 102 ? 6.843   -0.398  5.604   1.00 28.86 ? 101 LEU A CA  1 
ATOM   763 C C   . LEU A 1 102 ? 7.793   -1.218  6.562   1.00 29.54 ? 101 LEU A C   1 
ATOM   764 O O   . LEU A 1 102 ? 8.386   -2.239  6.157   1.00 28.99 ? 101 LEU A O   1 
ATOM   765 C CB  . LEU A 1 102 ? 7.468   0.929   5.102   1.00 28.48 ? 101 LEU A CB  1 
ATOM   766 C CG  . LEU A 1 102 ? 6.740   1.499   3.872   1.00 28.39 ? 101 LEU A CG  1 
ATOM   767 C CD1 . LEU A 1 102 ? 7.074   3.033   3.639   1.00 29.63 ? 101 LEU A CD1 1 
ATOM   768 C CD2 . LEU A 1 102 ? 7.147   0.710   2.622   1.00 29.35 ? 101 LEU A CD2 1 
ATOM   769 N N   . ASP A 1 103 ? 7.890   -0.795  7.835   1.00 30.30 ? 102 ASP A N   1 
ATOM   770 C CA  . ASP A 1 103 ? 8.712   -1.550  8.810   1.00 30.14 ? 102 ASP A CA  1 
ATOM   771 C C   . ASP A 1 103 ? 8.161   -2.921  9.034   1.00 30.87 ? 102 ASP A C   1 
ATOM   772 O O   . ASP A 1 103 ? 8.926   -3.927  9.020   1.00 28.94 ? 102 ASP A O   1 
ATOM   773 C CB  . ASP A 1 103 ? 8.830   -0.863  10.156  1.00 30.49 ? 102 ASP A CB  1 
ATOM   774 C CG  . ASP A 1 103 ? 9.529   0.479   10.045  1.00 32.04 ? 102 ASP A CG  1 
ATOM   775 O OD1 . ASP A 1 103 ? 10.242  0.685   9.051   1.00 31.69 ? 102 ASP A OD1 1 
ATOM   776 O OD2 . ASP A 1 103 ? 9.339   1.329   10.935  1.00 33.91 ? 102 ASP A OD2 1 
ATOM   777 N N   . LYS A 1 104 ? 6.844   -3.042  9.218   1.00 30.83 ? 103 LYS A N   1 
ATOM   778 C CA  . LYS A 1 104 ? 6.387   -4.414  9.441   1.00 32.46 ? 103 LYS A CA  1 
ATOM   779 C C   . LYS A 1 104 ? 6.624   -5.327  8.247   1.00 33.51 ? 103 LYS A C   1 
ATOM   780 O O   . LYS A 1 104 ? 6.876   -6.532  8.435   1.00 34.48 ? 103 LYS A O   1 
ATOM   781 C CB  . LYS A 1 104 ? 4.911   -4.472  9.889   1.00 34.98 ? 103 LYS A CB  1 
ATOM   782 C CG  . LYS A 1 104 ? 4.691   -3.804  11.261  1.00 39.18 ? 103 LYS A CG  1 
ATOM   783 C CD  . LYS A 1 104 ? 3.625   -4.470  12.061  1.00 41.37 ? 103 LYS A CD  1 
ATOM   784 C CE  . LYS A 1 104 ? 3.347   -3.788  13.406  1.00 43.93 ? 103 LYS A CE  1 
ATOM   785 N NZ  . LYS A 1 104 ? 2.025   -4.387  13.993  1.00 45.93 ? 103 LYS A NZ  1 
ATOM   786 N N   . ILE A 1 105 ? 6.534   -4.796  7.018   1.00 33.51 ? 104 ILE A N   1 
ATOM   787 C CA  . ILE A 1 105 ? 6.754   -5.663  5.872   1.00 35.27 ? 104 ILE A CA  1 
ATOM   788 C C   . ILE A 1 105 ? 8.250   -6.047  5.908   1.00 36.95 ? 104 ILE A C   1 
ATOM   789 O O   . ILE A 1 105 ? 8.601   -7.191  5.757   1.00 35.02 ? 104 ILE A O   1 
ATOM   790 C CB  . ILE A 1 105 ? 6.428   -4.930  4.534   1.00 33.69 ? 104 ILE A CB  1 
ATOM   791 C CG1 . ILE A 1 105 ? 4.904   -4.730  4.422   1.00 33.88 ? 104 ILE A CG1 1 
ATOM   792 C CG2 . ILE A 1 105 ? 7.029   -5.709  3.335   1.00 32.64 ? 104 ILE A CG2 1 
ATOM   793 C CD1 . ILE A 1 105 ? 4.567   -3.554  3.535   1.00 33.31 ? 104 ILE A CD1 1 
ATOM   794 N N   . GLU A 1 106 ? 9.104   -5.047  6.110   1.00 40.31 ? 105 GLU A N   1 
ATOM   795 C CA  . GLU A 1 106 ? 10.549  -5.263  6.182   1.00 43.48 ? 105 GLU A CA  1 
ATOM   796 C C   . GLU A 1 106 ? 10.895  -6.331  7.242   1.00 43.12 ? 105 GLU A C   1 
ATOM   797 O O   . GLU A 1 106 ? 11.706  -7.213  6.980   1.00 40.63 ? 105 GLU A O   1 
ATOM   798 C CB  . GLU A 1 106 ? 11.220  -3.925  6.491   1.00 48.67 ? 105 GLU A CB  1 
ATOM   799 C CG  . GLU A 1 106 ? 12.664  -3.991  6.742   1.00 56.93 ? 105 GLU A CG  1 
ATOM   800 C CD  . GLU A 1 106 ? 13.007  -3.072  7.876   1.00 62.42 ? 105 GLU A CD  1 
ATOM   801 O OE1 . GLU A 1 106 ? 12.778  -1.834  7.715   1.00 65.28 ? 105 GLU A OE1 1 
ATOM   802 O OE2 . GLU A 1 106 ? 13.482  -3.572  8.934   1.00 66.11 ? 105 GLU A OE2 1 
ATOM   803 N N   . GLU A 1 107 ? 10.239  -6.255  8.407   1.00 42.29 ? 106 GLU A N   1 
ATOM   804 C CA  . GLU A 1 107 ? 10.410  -7.196  9.516   1.00 44.26 ? 106 GLU A CA  1 
ATOM   805 C C   . GLU A 1 107 ? 9.874   -8.629  9.355   1.00 46.79 ? 106 GLU A C   1 
ATOM   806 O O   . GLU A 1 107 ? 10.268  -9.533  10.113  1.00 44.50 ? 106 GLU A O   1 
ATOM   807 C CB  . GLU A 1 107 ? 9.828   -6.565  10.816  1.00 43.04 ? 106 GLU A CB  1 
ATOM   808 C CG  . GLU A 1 107 ? 10.576  -5.237  11.219  1.00 38.87 ? 106 GLU A CG  1 
ATOM   809 C CD  . GLU A 1 107 ? 9.716   -4.327  12.103  1.00 41.21 ? 106 GLU A CD  1 
ATOM   810 O OE1 . GLU A 1 107 ? 8.562   -4.701  12.410  1.00 41.22 ? 106 GLU A OE1 1 
ATOM   811 O OE2 . GLU A 1 107 ? 10.186  -3.241  12.476  1.00 38.54 ? 106 GLU A OE2 1 
ATOM   812 N N   . GLU A 1 108 ? 8.995   -8.852  8.380   1.00 49.19 ? 107 GLU A N   1 
ATOM   813 C CA  . GLU A 1 108 ? 8.437   -10.187 8.155   1.00 53.75 ? 107 GLU A CA  1 
ATOM   814 C C   . GLU A 1 108 ? 9.451   -10.937 7.345   1.00 56.78 ? 107 GLU A C   1 
ATOM   815 O O   . GLU A 1 108 ? 9.828   -12.033 7.675   1.00 56.17 ? 107 GLU A O   1 
ATOM   816 C CB  . GLU A 1 108 ? 7.173   -10.177 7.277   1.00 53.66 ? 107 GLU A CB  1 
ATOM   817 C CG  . GLU A 1 108 ? 5.972   -9.467  7.762   1.00 53.41 ? 107 GLU A CG  1 
ATOM   818 C CD  . GLU A 1 108 ? 4.698   -10.004 7.082   1.00 55.36 ? 107 GLU A CD  1 
ATOM   819 O OE1 . GLU A 1 108 ? 4.604   -9.947  5.826   1.00 50.58 ? 107 GLU A OE1 1 
ATOM   820 O OE2 . GLU A 1 108 ? 3.814   -10.508 7.839   1.00 56.73 ? 107 GLU A OE2 1 
ATOM   821 N N   . GLN A 1 109 ? 9.803   -10.314 6.225   1.00 61.57 ? 108 GLN A N   1 
ATOM   822 C CA  . GLN A 1 109 ? 10.761  -10.818 5.248   1.00 64.94 ? 108 GLN A CA  1 
ATOM   823 C C   . GLN A 1 109 ? 12.069  -11.127 5.947   1.00 66.58 ? 108 GLN A C   1 
ATOM   824 O O   . GLN A 1 109 ? 12.490  -12.304 6.032   1.00 66.52 ? 108 GLN A O   1 
ATOM   825 C CB  . GLN A 1 109 ? 10.975  -9.752  4.155   1.00 65.51 ? 108 GLN A CB  1 
ATOM   826 C CG  . GLN A 1 109 ? 12.297  -9.811  3.370   1.00 66.43 ? 108 GLN A CG  1 
ATOM   827 C CD  . GLN A 1 109 ? 12.476  -8.588  2.434   1.00 66.74 ? 108 GLN A CD  1 
ATOM   828 O OE1 . GLN A 1 109 ? 12.582  -7.454  2.893   1.00 67.21 ? 108 GLN A OE1 1 
ATOM   829 N NE2 . GLN A 1 109 ? 12.497  -8.828  1.121   1.00 66.56 ? 108 GLN A NE2 1 
ATOM   830 N N   . ASN A 1 110 ? 12.673  -10.051 6.468   1.00 67.89 ? 109 ASN A N   1 
ATOM   831 C CA  . ASN A 1 110 ? 13.961  -10.098 7.162   1.00 68.63 ? 109 ASN A CA  1 
ATOM   832 C C   . ASN A 1 110 ? 13.979  -11.000 8.394   1.00 69.10 ? 109 ASN A C   1 
ATOM   833 O O   . ASN A 1 110 ? 14.852  -10.887 9.294   1.00 69.09 ? 109 ASN A O   1 
ATOM   834 C CB  . ASN A 1 110 ? 14.442  -8.663  7.460   1.00 68.34 ? 109 ASN A CB  1 
ATOM   835 C CG  . ASN A 1 110 ? 15.172  -8.024  6.236   1.00 67.50 ? 109 ASN A CG  1 
ATOM   836 O OD1 . ASN A 1 110 ? 16.336  -8.365  5.943   1.00 67.32 ? 109 ASN A OD1 1 
ATOM   837 N ND2 . ASN A 1 110 ? 14.487  -7.135  5.527   1.00 63.66 ? 109 ASN A ND2 1 
ATOM   838 N N   . LYS A 1 111 ? 13.019  -11.924 8.363   1.00 68.84 ? 110 LYS A N   1 
ATOM   839 C CA  . LYS A 1 111 ? 12.847  -12.934 9.368   1.00 69.96 ? 110 LYS A CA  1 
ATOM   840 C C   . LYS A 1 111 ? 12.749  -12.275 10.730  1.00 70.10 ? 110 LYS A C   1 
ATOM   841 O O   . LYS A 1 111 ? 13.181  -11.104 10.837  1.00 70.74 ? 110 LYS A O   1 
ATOM   842 C CB  . LYS A 1 111 ? 14.041  -13.911 9.303   1.00 70.10 ? 110 LYS A CB  1 
HETATM 843 S S   . SO4 B 2 .   ? 0.141   15.535  7.116   1.00 65.45 ? 201 SO4 A S   1 
HETATM 844 O O1  . SO4 B 2 .   ? -0.986  16.023  7.937   1.00 64.72 ? 201 SO4 A O1  1 
HETATM 845 O O2  . SO4 B 2 .   ? 0.329   16.407  5.939   1.00 65.07 ? 201 SO4 A O2  1 
HETATM 846 O O3  . SO4 B 2 .   ? 1.370   15.524  7.941   1.00 65.18 ? 201 SO4 A O3  1 
HETATM 847 O O4  . SO4 B 2 .   ? -0.102  14.164  6.630   1.00 64.78 ? 201 SO4 A O4  1 
HETATM 848 C C01 . 1ML C 3 .   ? -1.549  11.251  -2.052  1.00 31.57 ? 202 1ML A C01 1 
HETATM 849 C C02 . 1ML C 3 .   ? -0.844  10.305  -1.309  1.00 28.28 ? 202 1ML A C02 1 
HETATM 850 C C03 . 1ML C 3 .   ? -0.427  9.069   -1.916  1.00 29.26 ? 202 1ML A C03 1 
HETATM 851 C C04 . 1ML C 3 .   ? -0.722  8.788   -3.254  1.00 26.76 ? 202 1ML A C04 1 
HETATM 852 C C05 . 1ML C 3 .   ? -1.438  9.723   -4.017  1.00 30.25 ? 202 1ML A C05 1 
HETATM 853 C C06 . 1ML C 3 .   ? -1.861  10.976  -3.426  1.00 31.11 ? 202 1ML A C06 1 
HETATM 854 O O07 . 1ML C 3 .   ? 0.240   8.125   -1.175  1.00 30.69 ? 202 1ML A O07 1 
HETATM 855 C C08 . 1ML C 3 .   ? 1.192   8.503   -0.240  1.00 30.94 ? 202 1ML A C08 1 
HETATM 856 C C09 . 1ML C 3 .   ? 1.300   7.602   0.845   1.00 30.85 ? 202 1ML A C09 1 
HETATM 857 C C10 . 1ML C 3 .   ? 2.232   7.852   1.881   1.00 31.99 ? 202 1ML A C10 1 
HETATM 858 C C11 . 1ML C 3 .   ? 3.033   8.974   1.853   1.00 31.65 ? 202 1ML A C11 1 
HETATM 859 C C12 . 1ML C 3 .   ? 2.937   9.910   0.758   1.00 30.40 ? 202 1ML A C12 1 
HETATM 860 C C13 . 1ML C 3 .   ? 2.015   9.698   -0.281  1.00 31.51 ? 202 1ML A C13 1 
HETATM 861 C C14 . 1ML C 3 .   ? -1.932  12.530  -1.363  1.00 31.82 ? 202 1ML A C14 1 
HETATM 862 O O15 . 1ML C 3 .   ? -2.645  12.401  -0.293  1.00 34.26 ? 202 1ML A O15 1 
HETATM 863 O O16 . 1ML C 3 .   ? -1.573  13.626  -1.920  1.00 29.37 1 202 1ML A O16 1 
HETATM 864 N N17 . 1ML C 3 .   ? -2.571  11.896  -4.246  1.00 33.30 ? 202 1ML A N17 1 
HETATM 865 C C18 . 1ML C 3 .   ? -4.079  11.912  -4.293  1.00 34.59 ? 202 1ML A C18 1 
HETATM 866 C C19 . 1ML C 3 .   ? -4.712  10.518  -4.401  1.00 35.91 ? 202 1ML A C19 1 
HETATM 867 C C20 . 1ML C 3 .   ? -4.724  12.651  -3.086  1.00 38.19 ? 202 1ML A C20 1 
HETATM 868 C C21 . 1ML C 3 .   ? -1.890  12.804  -5.041  1.00 34.31 ? 202 1ML A C21 1 
HETATM 869 C C23 . 1ML C 3 .   ? -0.292  12.802  -5.038  1.00 35.17 ? 202 1ML A C23 1 
HETATM 870 O O22 . 1ML C 3 .   ? -2.501  13.578  -5.751  1.00 32.12 ? 202 1ML A O22 1 
HETATM 871 C C24 . 1ML C 3 .   ? 0.155   11.944  -6.255  1.00 37.02 ? 202 1ML A C24 1 
HETATM 872 C C25 . 1ML C 3 .   ? 1.687   11.831  -6.336  1.00 35.53 ? 202 1ML A C25 1 
HETATM 873 C C26 . 1ML C 3 .   ? 2.303   13.220  -6.535  1.00 37.58 ? 202 1ML A C26 1 
HETATM 874 C C27 . 1ML C 3 .   ? 1.854   14.198  -5.398  1.00 37.86 ? 202 1ML A C27 1 
HETATM 875 C C28 . 1ML C 3 .   ? 0.296   14.231  -5.193  1.00 35.55 ? 202 1ML A C28 1 
HETATM 876 C C29 . 1ML C 3 .   ? 3.853   13.102  -6.567  1.00 37.97 ? 202 1ML A C29 1 
HETATM 877 N N30 . 1ML C 3 .   ? 3.973   9.106   2.885   1.00 36.17 ? 202 1ML A N30 1 
HETATM 878 C C31 . 1ML C 3 .   ? 4.973   9.999   3.123   1.00 40.13 ? 202 1ML A C31 1 
HETATM 879 O O32 . 1ML C 3 .   ? 5.206   11.020  2.444   1.00 44.01 ? 202 1ML A O32 1 
HETATM 880 C C33 . 1ML C 3 .   ? 5.863   9.706   4.310   1.00 40.77 ? 202 1ML A C33 1 
HETATM 881 C C34 . 1ML C 3 .   ? 6.880   10.634  4.679   1.00 41.03 ? 202 1ML A C34 1 
HETATM 882 C C35 . 1ML C 3 .   ? 7.679   10.375  5.776   1.00 39.55 ? 202 1ML A C35 1 
HETATM 883 C C36 . 1ML C 3 .   ? 7.494   9.210   6.543   1.00 40.06 ? 202 1ML A C36 1 
HETATM 884 C C37 . 1ML C 3 .   ? 6.496   8.271   6.181   1.00 40.44 ? 202 1ML A C37 1 
HETATM 885 C C38 . 1ML C 3 .   ? 5.659   8.525   5.074   1.00 39.08 ? 202 1ML A C38 1 
HETATM 886 O O39 . 1ML C 3 .   ? 8.229   8.896   7.646   1.00 42.30 ? 202 1ML A O39 1 
HETATM 887 C C40 . 1ML C 3 .   ? 8.648   10.025  8.448   1.00 40.85 ? 202 1ML A C40 1 
HETATM 888 O O   . HOH D 4 .   ? 16.145  2.226   -7.710  1.00 23.26 ? 301 HOH A O   1 
HETATM 889 O O   . HOH D 4 .   ? -0.486  11.898  7.716   1.00 28.61 ? 302 HOH A O   1 
HETATM 890 O O   . HOH D 4 .   ? -5.872  -11.238 0.749   1.00 33.35 ? 303 HOH A O   1 
HETATM 891 O O   . HOH D 4 .   ? 1.022   7.880   13.319  1.00 38.46 ? 304 HOH A O   1 
HETATM 892 O O   . HOH D 4 .   ? 7.102   10.296  -11.807 1.00 29.68 ? 305 HOH A O   1 
HETATM 893 O O   . HOH D 4 .   ? 10.986  -5.231  2.189   1.00 50.36 ? 306 HOH A O   1 
HETATM 894 O O   . HOH D 4 .   ? 13.363  4.557   -10.242 1.00 26.13 ? 307 HOH A O   1 
HETATM 895 O O   . HOH D 4 .   ? 11.943  -7.471  -6.026  1.00 23.25 ? 308 HOH A O   1 
HETATM 896 O O   . HOH D 4 .   ? 13.671  -5.851  -4.496  1.00 22.56 ? 309 HOH A O   1 
HETATM 897 O O   . HOH D 4 .   ? -4.585  2.474   12.428  1.00 39.77 ? 310 HOH A O   1 
HETATM 898 O O   . HOH D 4 .   ? -4.462  -3.278  9.128   1.00 32.62 ? 311 HOH A O   1 
HETATM 899 O O   . HOH D 4 .   ? -6.239  1.014   11.020  1.00 27.06 ? 312 HOH A O   1 
HETATM 900 O O   . HOH D 4 .   ? 6.773   12.537  -9.163  1.00 30.92 ? 313 HOH A O   1 
HETATM 901 O O   . HOH D 4 .   ? -3.744  5.113   13.262  1.00 36.81 ? 314 HOH A O   1 
HETATM 902 O O   . HOH D 4 .   ? -5.859  12.328  2.977   1.00 37.70 ? 315 HOH A O   1 
HETATM 903 O O   . HOH D 4 .   ? 11.251  -9.221  -3.986  1.00 34.11 ? 316 HOH A O   1 
HETATM 904 O O   . HOH D 4 .   ? 15.293  0.176   -4.754  1.00 23.41 ? 317 HOH A O   1 
HETATM 905 O O   . HOH D 4 .   ? -14.250 4.523   9.470   1.00 23.71 ? 318 HOH A O   1 
HETATM 906 O O   . HOH D 4 .   ? -4.420  -1.478  10.971  1.00 31.30 ? 319 HOH A O   1 
HETATM 907 O O   . HOH D 4 .   ? -10.613 -7.780  0.452   1.00 42.28 ? 320 HOH A O   1 
HETATM 908 O O   . HOH D 4 .   ? -9.474  8.503   6.428   1.00 27.42 ? 321 HOH A O   1 
HETATM 909 O O   . HOH D 4 .   ? 7.234   -2.713  13.942  1.00 49.59 ? 322 HOH A O   1 
HETATM 910 O O   . HOH D 4 .   ? 10.121  12.967  -7.785  1.00 34.97 ? 323 HOH A O   1 
HETATM 911 O O   . HOH D 4 .   ? -8.250  9.370   -6.858  1.00 27.70 ? 324 HOH A O   1 
HETATM 912 O O   . HOH D 4 .   ? 17.719  -1.927  -8.593  1.00 46.54 ? 325 HOH A O   1 
HETATM 913 O O   . HOH D 4 .   ? 14.305  -7.622  10.881  1.00 38.06 ? 326 HOH A O   1 
HETATM 914 O O   . HOH D 4 .   ? -3.335  -13.364 -0.871  1.00 33.47 ? 327 HOH A O   1 
HETATM 915 O O   . HOH D 4 .   ? 7.392   -7.342  12.995  1.00 41.38 ? 328 HOH A O   1 
HETATM 916 O O   . HOH D 4 .   ? 4.720   -14.809 -7.194  1.00 38.77 ? 329 HOH A O   1 
HETATM 917 O O   . HOH D 4 .   ? -7.489  12.657  6.759   1.00 32.53 ? 330 HOH A O   1 
HETATM 918 O O   . HOH D 4 .   ? -8.104  -0.243  12.941  1.00 46.22 ? 331 HOH A O   1 
HETATM 919 O O   . HOH D 4 .   ? 6.922   15.421  -7.729  1.00 51.30 ? 332 HOH A O   1 
HETATM 920 O O   . HOH D 4 .   ? 3.712   12.290  -2.367  1.00 36.60 ? 333 HOH A O   1 
HETATM 921 O O   . HOH D 4 .   ? 12.063  -8.854  12.135  1.00 32.50 ? 334 HOH A O   1 
HETATM 922 O O   . HOH D 4 .   ? -8.990  3.758   -10.783 1.00 50.75 ? 335 HOH A O   1 
HETATM 923 O O   . HOH D 4 .   ? -10.516 -7.626  -2.067  1.00 43.98 ? 336 HOH A O   1 
HETATM 924 O O   . HOH D 4 .   ? 8.720   -11.881 3.507   1.00 53.37 ? 337 HOH A O   1 
HETATM 925 O O   . HOH D 4 .   ? -0.926  -6.918  13.805  1.00 44.77 ? 338 HOH A O   1 
HETATM 926 O O   . HOH D 4 .   ? -5.953  -7.057  -15.859 1.00 56.81 ? 339 HOH A O   1 
HETATM 927 O O   . HOH D 4 .   ? 12.161  8.403   10.012  1.00 48.73 ? 340 HOH A O   1 
HETATM 928 O O   . HOH D 4 .   ? -2.864  8.310   -12.238 1.00 52.68 ? 341 HOH A O   1 
HETATM 929 O O   . HOH D 4 .   ? -17.267 1.690   12.820  1.00 51.07 ? 342 HOH A O   1 
HETATM 930 O O   . HOH D 4 .   ? 4.935   -13.807 4.027   1.00 50.61 ? 343 HOH A O   1 
HETATM 931 O O   . HOH D 4 .   ? -2.142  19.918  16.085  1.00 58.51 ? 344 HOH A O   1 
HETATM 932 O O   . HOH D 4 .   ? 0.778   14.771  15.511  1.00 50.85 ? 345 HOH A O   1 
HETATM 933 O O   . HOH D 4 .   ? -12.615 -3.069  10.716  1.00 47.83 ? 346 HOH A O   1 
HETATM 934 O O   . HOH D 4 .   ? 5.344   -11.921 -9.031  1.00 33.08 ? 347 HOH A O   1 
HETATM 935 O O   . HOH D 4 .   ? -10.252 -8.015  -10.674 1.00 55.54 ? 348 HOH A O   1 
HETATM 936 O O   . HOH D 4 .   ? -8.236  -8.162  5.646   1.00 40.35 ? 349 HOH A O   1 
HETATM 937 O O   . HOH D 4 .   ? 2.758   -13.313 -3.163  1.00 50.91 ? 350 HOH A O   1 
HETATM 938 O O   . HOH D 4 .   ? 5.332   -3.165  -15.025 1.00 49.63 ? 351 HOH A O   1 
HETATM 939 O O   . HOH D 4 .   ? 18.782  7.272   -4.128  1.00 62.25 ? 352 HOH A O   1 
HETATM 940 O O   . HOH D 4 .   ? 7.246   -10.336 -4.108  1.00 50.26 ? 353 HOH A O   1 
HETATM 941 O O   . HOH D 4 .   ? -11.472 -1.376  12.406  1.00 54.01 ? 354 HOH A O   1 
HETATM 942 O O   . HOH D 4 .   ? -7.767  -7.652  -13.075 1.00 57.74 ? 355 HOH A O   1 
HETATM 943 O O   . HOH D 4 .   ? 11.305  -2.291  -10.550 1.00 37.85 ? 356 HOH A O   1 
HETATM 944 O O   . HOH D 4 .   ? 5.278   13.928  -3.518  1.00 53.56 ? 357 HOH A O   1 
HETATM 945 O O   . HOH D 4 .   ? 9.516   -2.399  3.418   1.00 44.88 ? 358 HOH A O   1 
HETATM 946 O O   . HOH D 4 .   ? -8.365  1.445   -12.718 1.00 52.33 ? 359 HOH A O   1 
HETATM 947 O O   . HOH D 4 .   ? -11.846 4.509   10.941  1.00 46.24 ? 360 HOH A O   1 
HETATM 948 O O   . HOH D 4 .   ? -10.746 13.693  0.759   1.00 44.53 ? 361 HOH A O   1 
HETATM 949 O O   . HOH D 4 .   ? -14.818 1.683   13.583  1.00 42.67 ? 362 HOH A O   1 
HETATM 950 O O   . HOH D 4 .   ? -4.481  -14.844 -3.055  1.00 45.64 ? 363 HOH A O   1 
HETATM 951 O O   . HOH D 4 .   ? 18.615  1.343   -7.148  1.00 40.06 ? 364 HOH A O   1 
HETATM 952 O O   . HOH D 4 .   ? 6.420   -8.168  10.566  1.00 48.81 ? 365 HOH A O   1 
HETATM 953 O O   . HOH D 4 .   ? 8.524   -3.256  1.136   1.00 48.28 ? 366 HOH A O   1 
HETATM 954 O O   . HOH D 4 .   ? -0.016  -15.441 -8.188  1.00 56.88 ? 367 HOH A O   1 
HETATM 955 O O   . HOH D 4 .   ? -12.556 -10.906 12.044  1.00 53.99 ? 368 HOH A O   1 
HETATM 956 O O   . HOH D 4 .   ? -0.929  -10.816 10.670  1.00 50.22 ? 369 HOH A O   1 
HETATM 957 O O   . HOH D 4 .   ? 11.495  10.857  -4.485  1.00 50.85 ? 370 HOH A O   1 
HETATM 958 O O   . HOH D 4 .   ? 11.566  -0.856  0.447   1.00 56.04 ? 371 HOH A O   1 
HETATM 959 O O   . HOH D 4 .   ? -16.826 -4.915  9.039   1.00 54.50 ? 372 HOH A O   1 
HETATM 960 O O   . HOH D 4 .   ? -2.322  -3.915  17.383  1.00 54.87 ? 373 HOH A O   1 
HETATM 961 O O   . HOH D 4 .   ? -0.651  11.588  -10.188 1.00 49.22 ? 374 HOH A O   1 
HETATM 962 O O   . HOH D 4 .   ? -1.107  7.503   14.994  1.00 52.86 ? 375 HOH A O   1 
HETATM 963 O O   . HOH D 4 .   ? -1.664  -12.988 -6.844  1.00 44.64 ? 376 HOH A O   1 
HETATM 964 O O   . HOH D 4 .   ? -2.622  16.358  -5.804  1.00 54.27 ? 377 HOH A O   1 
HETATM 965 O O   . HOH D 4 .   ? -7.333  9.002   -9.650  1.00 51.00 ? 378 HOH A O   1 
HETATM 966 O O   . HOH D 4 .   ? 11.103  -7.007  -10.190 1.00 50.30 ? 379 HOH A O   1 
HETATM 967 O O   . HOH D 4 .   ? -0.763  -14.017 1.545   1.00 51.51 ? 380 HOH A O   1 
HETATM 968 O O   . HOH D 4 .   ? 1.005   12.939  0.166   1.00 56.85 ? 381 HOH A O   1 
HETATM 969 O O   . HOH D 4 .   ? -5.010  1.677   14.940  1.00 55.89 ? 382 HOH A O   1 
HETATM 970 O O   . HOH D 4 .   ? -12.372 -9.149  8.313   1.00 59.30 ? 383 HOH A O   1 
HETATM 971 O O   . HOH D 4 .   ? -6.053  -10.629 -7.809  1.00 56.86 ? 384 HOH A O   1 
HETATM 972 O O   . HOH D 4 .   ? 17.741  -4.503  -9.524  1.00 48.87 ? 385 HOH A O   1 
HETATM 973 O O   . HOH D 4 .   ? -0.675  -9.361  12.656  1.00 59.92 ? 386 HOH A O   1 
HETATM 974 O O   . HOH D 4 .   ? 3.569   14.549  11.335  1.00 52.46 ? 387 HOH A O   1 
HETATM 975 O O   . HOH D 4 .   ? -18.119 -1.222  14.103  1.00 51.82 ? 388 HOH A O   1 
HETATM 976 O O   . HOH D 4 .   ? 1.262   7.421   16.279  1.00 52.19 ? 389 HOH A O   1 
HETATM 977 O O   . HOH D 4 .   ? -9.675  5.260   -14.441 1.00 59.23 ? 390 HOH A O   1 
HETATM 978 O O   . HOH D 4 .   ? -15.335 -10.111 2.039   1.00 54.75 ? 391 HOH A O   1 
HETATM 979 O O   . HOH D 4 .   ? -7.150  12.429  12.609  1.00 59.08 ? 392 HOH A O   1 
HETATM 980 O O   . HOH D 4 .   ? -6.800  14.780  -4.191  1.00 54.44 ? 393 HOH A O   1 
HETATM 981 O O   . HOH D 4 .   ? -3.947  20.022  1.820   1.00 59.29 ? 394 HOH A O   1 
HETATM 982 O O   . HOH D 4 .   ? -4.330  4.728   -15.825 1.00 55.22 ? 395 HOH A O   1 
HETATM 983 O O   . HOH D 4 .   ? 20.937  -1.455  -7.576  1.00 51.85 ? 396 HOH A O   1 
HETATM 984 O O   . HOH D 4 .   ? 0.325   -4.340  16.534  1.00 60.85 ? 397 HOH A O   1 
# 
